data_6O5H
#
_entry.id   6O5H
#
_cell.length_a   139.663
_cell.length_b   139.663
_cell.length_c   84.149
_cell.angle_alpha   90.00
_cell.angle_beta   90.00
_cell.angle_gamma   120.00
#
_symmetry.space_group_name_H-M   'P 32'
#
loop_
_entity.id
_entity.type
_entity.pdbx_description
1 polymer 'Leukotriene A-4 hydrolase'
2 non-polymer 4-{4-[(4-methoxyphenyl)methyl]phenyl}-1,3-thiazol-2-amine
3 non-polymer 'ZINC ION'
4 water water
#
_entity_poly.entity_id   1
_entity_poly.type   'polypeptide(L)'
_entity_poly.pdbx_seq_one_letter_code
;IVDTCSLASPASVCRTKHLHLRCSVDFTRRTLTGTAALTVQSQEDNLRSLVLDTKDLTIEKVVINGQEVKYALGERQSYK
GSPMEISLPIALSKNQEIVIEISFETSPKSSALQWLTPEQTSGKEHPYLFSQCQAIHCRAILPCQDTPSVKLTYTAEVSV
PKELVALMSAIRDGETPDPEDPSRKIYKFIQKVPIPCYLIALVVGALESRQIGPRTLVWSEKEQVEKSAYEFSETESMLK
IAEDLGGPYVWGQYDLLVLPPSFPYGGMENPCLTFVTPTLLAGDKSLSNVIAHEISHSWTGNLVTNKTWDHFWLNEGHTV
YLERHICGRLFGEKFRHFNALGGWGELQNSVKTFGETHPFTKLVVDLTDIDPDVAYSSVPYEKGFALLFYLEQLLGGPEI
FLGFLKAYVEKFSYKSITTDDWKDFLYSYFKDKVDVLNQVDWNAWLYSPGLPPIKPNYDMTLTNACIALSQRWITAKEDD
LNSFNATDLKDLSSHQLNEFLAQTLQRAPLPLGHIKRMQEVYNFNAINNSEIRFRWLRLCIQSKWEDAIPLALKMATEQG
RMKFTRPLFKDLAAFDKSHDQAVRTYQEHKASMHPVTAMLVGKDLKVD
;
_entity_poly.pdbx_strand_id   A,B,C
#
# COMPACT_ATOMS: atom_id res chain seq x y z
N VAL A 2 8.17 -0.32 -46.74
CA VAL A 2 8.31 0.28 -45.41
C VAL A 2 7.09 -0.08 -44.57
N ASP A 3 7.34 -0.56 -43.36
CA ASP A 3 6.27 -0.81 -42.40
C ASP A 3 6.24 0.37 -41.42
N THR A 4 5.23 1.22 -41.58
CA THR A 4 5.11 2.44 -40.80
C THR A 4 4.57 2.24 -39.39
N CYS A 5 4.28 0.99 -39.01
CA CYS A 5 3.76 0.70 -37.69
C CYS A 5 4.83 0.24 -36.70
N SER A 6 6.10 0.17 -37.14
CA SER A 6 7.17 -0.47 -36.37
C SER A 6 8.40 0.43 -36.33
N LEU A 7 8.80 0.79 -35.12
CA LEU A 7 10.00 1.61 -34.93
C LEU A 7 11.29 0.80 -35.04
N ALA A 8 11.15 -0.52 -35.14
CA ALA A 8 12.31 -1.41 -35.12
C ALA A 8 12.91 -1.51 -36.51
N SER A 9 14.14 -2.01 -36.56
CA SER A 9 14.85 -2.17 -37.81
C SER A 9 13.99 -2.97 -38.77
N PRO A 10 13.94 -2.59 -40.05
CA PRO A 10 13.12 -3.34 -41.01
C PRO A 10 13.86 -4.55 -41.56
N ALA A 11 13.12 -5.38 -42.29
CA ALA A 11 13.66 -6.65 -42.80
C ALA A 11 14.94 -6.44 -43.62
N SER A 12 15.04 -5.32 -44.36
CA SER A 12 16.21 -5.07 -45.18
C SER A 12 17.49 -4.84 -44.38
N VAL A 13 17.38 -4.62 -43.07
CA VAL A 13 18.55 -4.45 -42.22
C VAL A 13 18.91 -5.73 -41.47
N CYS A 14 17.91 -6.39 -40.89
CA CYS A 14 18.13 -7.67 -40.19
C CYS A 14 16.80 -8.38 -40.03
N ARG A 15 16.86 -9.63 -39.60
CA ARG A 15 15.67 -10.46 -39.40
C ARG A 15 15.80 -11.30 -38.14
N THR A 16 14.66 -11.52 -37.50
CA THR A 16 14.56 -12.43 -36.37
C THR A 16 14.17 -13.79 -36.89
N LYS A 17 15.07 -14.74 -36.76
CA LYS A 17 14.84 -16.09 -37.27
C LYS A 17 14.21 -16.98 -36.13
N HIS A 18 14.61 -16.82 -34.86
CA HIS A 18 14.06 -17.59 -33.76
C HIS A 18 13.83 -16.70 -32.56
N LEU A 19 12.83 -17.11 -31.77
CA LEU A 19 12.59 -16.53 -30.45
C LEU A 19 12.65 -17.71 -29.50
N HIS A 20 13.42 -17.55 -28.40
CA HIS A 20 13.37 -18.47 -27.26
C HIS A 20 12.88 -17.68 -26.06
N LEU A 21 11.73 -18.09 -25.51
CA LEU A 21 11.03 -17.31 -24.49
C LEU A 21 10.97 -18.09 -23.19
N ARG A 22 11.59 -17.55 -22.15
CA ARG A 22 11.53 -18.11 -20.80
C ARG A 22 10.91 -17.01 -19.94
N CYS A 23 9.75 -17.31 -19.35
CA CYS A 23 9.06 -16.33 -18.54
C CYS A 23 8.20 -17.01 -17.49
N SER A 24 7.80 -16.21 -16.50
CA SER A 24 6.91 -16.64 -15.42
C SER A 24 5.76 -15.66 -15.27
N VAL A 25 4.56 -16.19 -15.05
CA VAL A 25 3.35 -15.37 -14.97
C VAL A 25 3.07 -15.07 -13.50
N ASP A 26 3.14 -13.81 -13.13
CA ASP A 26 2.86 -13.38 -11.77
C ASP A 26 1.47 -12.76 -11.75
N PHE A 27 0.51 -13.45 -11.15
CA PHE A 27 -0.86 -12.96 -11.10
C PHE A 27 -1.09 -11.90 -10.03
N THR A 28 -0.18 -11.79 -9.07
CA THR A 28 -0.26 -10.70 -8.10
C THR A 28 0.21 -9.39 -8.70
N ARG A 29 1.42 -9.39 -9.28
CA ARG A 29 1.97 -8.19 -9.93
C ARG A 29 1.36 -7.94 -11.30
N ARG A 30 0.63 -8.91 -11.85
CA ARG A 30 0.06 -8.81 -13.20
C ARG A 30 1.12 -8.53 -14.24
N THR A 31 2.23 -9.26 -14.12
CA THR A 31 3.38 -9.06 -14.98
C THR A 31 3.88 -10.40 -15.55
N LEU A 32 4.53 -10.30 -16.70
CA LEU A 32 5.25 -11.41 -17.29
C LEU A 32 6.74 -11.09 -17.21
N THR A 33 7.49 -11.95 -16.52
CA THR A 33 8.91 -11.70 -16.30
C THR A 33 9.75 -12.83 -16.85
N GLY A 34 10.85 -12.48 -17.50
CA GLY A 34 11.76 -13.49 -18.02
C GLY A 34 12.74 -12.94 -19.03
N THR A 35 13.17 -13.83 -19.93
CA THR A 35 14.10 -13.49 -20.98
C THR A 35 13.52 -13.83 -22.34
N ALA A 36 13.89 -13.04 -23.34
CA ALA A 36 13.56 -13.31 -24.74
C ALA A 36 14.88 -13.40 -25.54
N ALA A 37 15.15 -14.59 -26.08
CA ALA A 37 16.37 -14.84 -26.84
C ALA A 37 16.04 -14.76 -28.34
N LEU A 38 16.47 -13.69 -28.97
CA LEU A 38 16.22 -13.47 -30.38
C LEU A 38 17.48 -13.78 -31.17
N THR A 39 17.39 -14.77 -32.05
CA THR A 39 18.44 -15.04 -33.03
C THR A 39 18.20 -14.12 -34.21
N VAL A 40 19.03 -13.08 -34.32
CA VAL A 40 18.88 -12.08 -35.36
C VAL A 40 19.97 -12.28 -36.41
N GLN A 41 19.57 -12.14 -37.67
CA GLN A 41 20.44 -12.36 -38.82
C GLN A 41 20.59 -11.05 -39.60
N SER A 42 21.80 -10.50 -39.59
CA SER A 42 22.07 -9.27 -40.32
C SER A 42 21.75 -9.42 -41.80
N GLN A 43 21.31 -8.33 -42.41
CA GLN A 43 21.01 -8.28 -43.84
C GLN A 43 21.87 -7.28 -44.60
N GLU A 44 22.98 -6.86 -44.00
CA GLU A 44 23.90 -5.95 -44.65
C GLU A 44 25.27 -6.15 -44.06
N ASP A 45 26.28 -5.63 -44.76
CA ASP A 45 27.66 -5.73 -44.33
C ASP A 45 27.88 -4.67 -43.25
N ASN A 46 28.64 -5.02 -42.23
CA ASN A 46 29.00 -4.08 -41.16
C ASN A 46 27.80 -3.50 -40.39
N LEU A 47 26.98 -4.38 -39.82
CA LEU A 47 25.86 -4.05 -38.96
C LEU A 47 26.35 -3.97 -37.53
N ARG A 48 26.31 -2.77 -36.95
CA ARG A 48 26.84 -2.54 -35.62
C ARG A 48 25.78 -2.33 -34.54
N SER A 49 24.54 -2.13 -34.95
CA SER A 49 23.47 -1.88 -33.98
C SER A 49 22.13 -2.14 -34.64
N LEU A 50 21.14 -2.48 -33.84
CA LEU A 50 19.79 -2.73 -34.33
C LEU A 50 18.77 -2.13 -33.38
N VAL A 51 17.52 -2.08 -33.82
CA VAL A 51 16.46 -1.45 -33.06
C VAL A 51 15.25 -2.35 -33.03
N LEU A 52 14.73 -2.62 -31.83
CA LEU A 52 13.59 -3.49 -31.62
C LEU A 52 12.41 -2.70 -31.12
N ASP A 53 11.21 -3.21 -31.39
CA ASP A 53 9.98 -2.64 -30.84
C ASP A 53 9.78 -3.00 -29.37
N THR A 54 9.20 -2.07 -28.61
CA THR A 54 8.79 -2.33 -27.25
C THR A 54 7.63 -1.41 -26.93
N LYS A 55 6.84 -1.79 -25.93
CA LYS A 55 5.75 -0.96 -25.46
C LYS A 55 5.49 -1.27 -23.99
N ASP A 56 5.67 -0.27 -23.14
CA ASP A 56 5.45 -0.41 -21.70
C ASP A 56 6.26 -1.56 -21.13
N LEU A 57 7.47 -1.75 -21.65
CA LEU A 57 8.33 -2.84 -21.22
C LEU A 57 9.42 -2.32 -20.29
N THR A 58 9.80 -3.17 -19.36
CA THR A 58 10.93 -2.92 -18.48
C THR A 58 12.07 -3.86 -18.85
N ILE A 59 13.24 -3.28 -19.11
CA ILE A 59 14.42 -4.02 -19.53
C ILE A 59 15.45 -4.01 -18.42
N GLU A 60 15.74 -5.18 -17.86
CA GLU A 60 16.74 -5.25 -16.80
C GLU A 60 18.15 -5.26 -17.36
N LYS A 61 18.34 -5.89 -18.51
CA LYS A 61 19.66 -6.03 -19.10
C LYS A 61 19.51 -6.70 -20.45
N VAL A 62 20.50 -6.48 -21.32
CA VAL A 62 20.61 -7.16 -22.61
C VAL A 62 21.96 -7.87 -22.66
N VAL A 63 21.92 -9.17 -22.93
CA VAL A 63 23.09 -10.03 -22.92
C VAL A 63 23.34 -10.60 -24.30
N ILE A 64 24.61 -10.63 -24.71
CA ILE A 64 25.03 -11.25 -25.95
C ILE A 64 26.36 -11.91 -25.68
N ASN A 65 26.50 -13.17 -26.07
CA ASN A 65 27.75 -13.91 -25.87
C ASN A 65 28.20 -13.84 -24.42
N GLY A 66 27.24 -13.91 -23.51
CA GLY A 66 27.52 -13.99 -22.09
C GLY A 66 28.00 -12.71 -21.42
N GLN A 67 27.94 -11.57 -22.11
CA GLN A 67 28.32 -10.30 -21.54
C GLN A 67 27.20 -9.30 -21.75
N GLU A 68 27.01 -8.41 -20.79
CA GLU A 68 26.01 -7.35 -20.92
C GLU A 68 26.49 -6.34 -21.94
N VAL A 69 25.66 -6.05 -22.93
CA VAL A 69 25.95 -5.03 -23.92
C VAL A 69 25.07 -3.81 -23.66
N LYS A 70 25.39 -2.72 -24.35
CA LYS A 70 24.73 -1.43 -24.14
C LYS A 70 23.50 -1.28 -25.03
N TYR A 71 22.38 -0.90 -24.41
CA TYR A 71 21.12 -0.73 -25.11
C TYR A 71 20.51 0.62 -24.72
N ALA A 72 19.40 0.95 -25.36
CA ALA A 72 18.81 2.27 -25.23
C ALA A 72 17.34 2.24 -25.60
N LEU A 73 16.50 2.72 -24.69
CA LEU A 73 15.06 2.77 -24.95
C LEU A 73 14.64 4.18 -25.37
N GLY A 74 14.22 4.32 -26.61
CA GLY A 74 13.82 5.62 -27.15
C GLY A 74 12.60 6.20 -26.45
N GLU A 75 12.24 7.42 -26.84
CA GLU A 75 11.08 8.09 -26.25
C GLU A 75 9.78 7.62 -26.90
N ARG A 76 8.74 7.48 -26.09
CA ARG A 76 7.48 6.90 -26.54
C ARG A 76 6.90 7.67 -27.73
N GLN A 77 6.38 6.90 -28.69
CA GLN A 77 5.62 7.46 -29.79
C GLN A 77 4.20 6.95 -29.68
N SER A 78 3.55 7.31 -28.57
CA SER A 78 2.17 6.91 -28.29
C SER A 78 1.93 5.43 -28.55
N TYR A 79 0.99 5.10 -29.43
CA TYR A 79 0.56 3.73 -29.64
C TYR A 79 1.65 2.84 -30.26
N LYS A 80 2.71 3.42 -30.83
CA LYS A 80 3.78 2.62 -31.44
C LYS A 80 4.79 2.12 -30.42
N GLY A 81 4.77 2.66 -29.20
CA GLY A 81 5.68 2.21 -28.15
C GLY A 81 6.95 3.03 -28.04
N SER A 82 8.04 2.36 -27.67
CA SER A 82 9.34 3.02 -27.48
C SER A 82 10.42 2.19 -28.19
N PRO A 83 11.01 2.74 -29.24
CA PRO A 83 12.08 2.03 -29.93
C PRO A 83 13.19 1.56 -28.97
N MET A 84 13.93 0.47 -29.22
CA MET A 84 15.00 -0.06 -28.39
C MET A 84 16.24 -0.37 -29.20
N GLU A 85 17.26 0.48 -29.10
CA GLU A 85 18.50 0.28 -29.84
C GLU A 85 19.50 -0.52 -29.03
N ILE A 86 20.03 -1.58 -29.64
CA ILE A 86 20.94 -2.50 -28.98
C ILE A 86 22.28 -2.43 -29.68
N SER A 87 23.33 -2.18 -28.93
CA SER A 87 24.68 -2.07 -29.49
C SER A 87 25.37 -3.43 -29.49
N LEU A 88 25.59 -3.98 -30.68
CA LEU A 88 26.19 -5.29 -30.80
C LEU A 88 27.68 -5.25 -30.45
N PRO A 89 28.19 -6.33 -29.84
CA PRO A 89 29.60 -6.37 -29.46
C PRO A 89 30.54 -6.68 -30.62
N ILE A 90 30.01 -7.11 -31.76
CA ILE A 90 30.85 -7.48 -32.89
C ILE A 90 30.00 -6.97 -34.04
N ALA A 91 30.60 -6.19 -34.93
CA ALA A 91 30.01 -5.85 -36.24
C ALA A 91 29.81 -7.10 -37.08
N LEU A 92 28.65 -7.18 -37.74
CA LEU A 92 28.23 -8.41 -38.42
C LEU A 92 28.31 -8.26 -39.92
N SER A 93 28.90 -9.25 -40.58
CA SER A 93 28.78 -9.36 -42.02
C SER A 93 27.33 -9.67 -42.39
N LYS A 94 27.02 -9.57 -43.67
CA LYS A 94 25.69 -9.93 -44.14
C LYS A 94 25.46 -11.43 -43.98
N ASN A 95 24.29 -11.78 -43.46
CA ASN A 95 23.81 -13.16 -43.26
C ASN A 95 24.35 -13.79 -41.99
N GLN A 96 25.32 -13.18 -41.32
CA GLN A 96 25.78 -13.70 -40.06
C GLN A 96 24.64 -13.59 -39.01
N GLU A 97 24.82 -14.26 -37.87
CA GLU A 97 23.81 -14.28 -36.84
C GLU A 97 24.43 -14.11 -35.45
N ILE A 98 23.66 -13.50 -34.56
CA ILE A 98 23.95 -13.54 -33.13
C ILE A 98 22.62 -13.67 -32.38
N VAL A 99 22.71 -14.22 -31.18
CA VAL A 99 21.56 -14.36 -30.29
C VAL A 99 21.61 -13.23 -29.29
N ILE A 100 20.46 -12.59 -29.07
CA ILE A 100 20.34 -11.49 -28.12
C ILE A 100 19.36 -11.90 -27.04
N GLU A 101 19.86 -12.03 -25.81
CA GLU A 101 19.03 -12.40 -24.67
CA GLU A 101 19.03 -12.40 -24.68
C GLU A 101 18.59 -11.14 -23.97
N ILE A 102 17.31 -10.81 -24.10
CA ILE A 102 16.74 -9.63 -23.47
C ILE A 102 16.01 -10.06 -22.20
N SER A 103 16.44 -9.54 -21.06
CA SER A 103 15.76 -9.77 -19.78
C SER A 103 14.77 -8.64 -19.56
N PHE A 104 13.48 -8.98 -19.56
CA PHE A 104 12.42 -7.97 -19.59
C PHE A 104 11.32 -8.27 -18.57
N GLU A 105 10.37 -7.36 -18.47
CA GLU A 105 9.20 -7.55 -17.65
C GLU A 105 8.07 -6.73 -18.23
N THR A 106 6.89 -7.32 -18.29
CA THR A 106 5.73 -6.64 -18.86
C THR A 106 5.14 -5.71 -17.85
N SER A 107 4.49 -4.66 -18.35
CA SER A 107 3.72 -3.78 -17.50
C SER A 107 2.33 -4.38 -17.26
N PRO A 108 1.74 -4.11 -16.09
CA PRO A 108 0.36 -4.56 -15.85
C PRO A 108 -0.67 -3.94 -16.79
N LYS A 109 -0.31 -2.86 -17.47
CA LYS A 109 -1.21 -2.19 -18.41
C LYS A 109 -0.91 -2.56 -19.85
N SER A 110 -0.22 -3.67 -20.09
CA SER A 110 0.10 -4.09 -21.45
C SER A 110 -1.14 -4.08 -22.35
N SER A 111 -1.02 -3.41 -23.48
CA SER A 111 -2.13 -3.35 -24.44
CA SER A 111 -2.12 -3.35 -24.44
C SER A 111 -2.42 -4.73 -25.02
N ALA A 112 -1.45 -5.66 -24.76
CA ALA A 112 -1.61 -6.99 -25.33
C ALA A 112 -2.18 -8.00 -24.34
N LEU A 113 -2.27 -7.67 -23.07
CA LEU A 113 -2.71 -8.66 -22.09
C LEU A 113 -3.84 -8.19 -21.19
N GLN A 114 -4.88 -9.01 -21.09
CA GLN A 114 -5.95 -8.73 -20.13
C GLN A 114 -5.83 -9.72 -18.97
N TRP A 115 -5.86 -9.19 -17.75
CA TRP A 115 -5.81 -10.02 -16.54
C TRP A 115 -7.21 -10.14 -15.98
N LEU A 116 -7.56 -11.35 -15.54
CA LEU A 116 -8.89 -11.58 -14.99
C LEU A 116 -8.84 -12.12 -13.62
N THR A 117 -9.54 -11.42 -12.78
CA THR A 117 -9.69 -11.88 -11.41
C THR A 117 -10.60 -13.10 -11.39
N PRO A 118 -10.48 -13.94 -10.37
CA PRO A 118 -11.35 -15.12 -10.27
C PRO A 118 -12.84 -14.81 -10.46
N GLU A 119 -13.25 -13.72 -9.88
CA GLU A 119 -14.57 -13.15 -10.03
C GLU A 119 -14.97 -13.04 -11.50
N GLN A 120 -14.01 -12.73 -12.36
CA GLN A 120 -14.27 -12.44 -13.76
C GLN A 120 -14.38 -13.66 -14.66
N THR A 121 -14.12 -14.85 -14.10
CA THR A 121 -14.08 -16.08 -14.87
C THR A 121 -15.33 -16.92 -14.57
N SER A 122 -15.34 -18.14 -15.06
CA SER A 122 -16.49 -19.03 -14.88
C SER A 122 -16.44 -19.77 -13.53
N GLY A 123 -15.33 -20.44 -13.27
CA GLY A 123 -15.19 -21.24 -12.06
C GLY A 123 -15.29 -20.40 -10.80
N LYS A 124 -14.81 -19.17 -10.89
CA LYS A 124 -14.82 -18.23 -9.78
C LYS A 124 -13.73 -18.53 -8.76
N GLU A 125 -12.79 -19.40 -9.06
CA GLU A 125 -11.79 -19.83 -8.09
C GLU A 125 -10.34 -19.62 -8.53
N HIS A 126 -10.13 -19.11 -9.74
CA HIS A 126 -8.78 -18.88 -10.23
C HIS A 126 -8.77 -17.73 -11.22
N PRO A 127 -7.69 -16.94 -11.26
CA PRO A 127 -7.59 -15.87 -12.26
C PRO A 127 -7.34 -16.44 -13.65
N TYR A 128 -7.12 -15.58 -14.62
CA TYR A 128 -7.09 -15.95 -16.02
C TYR A 128 -6.34 -14.88 -16.79
N LEU A 129 -5.60 -15.28 -17.82
CA LEU A 129 -4.83 -14.35 -18.64
C LEU A 129 -4.89 -14.79 -20.08
N PHE A 130 -4.93 -13.84 -20.99
CA PHE A 130 -4.88 -14.15 -22.43
C PHE A 130 -4.38 -12.95 -23.20
N SER A 131 -3.75 -13.22 -24.35
CA SER A 131 -3.09 -12.20 -25.14
C SER A 131 -3.85 -11.96 -26.43
N GLN A 132 -3.53 -10.84 -27.06
CA GLN A 132 -4.08 -10.51 -28.37
C GLN A 132 -3.09 -9.59 -29.08
N CYS A 133 -2.13 -10.18 -29.79
CA CYS A 133 -1.01 -9.42 -30.37
C CYS A 133 -1.37 -8.65 -31.65
N GLN A 134 -2.26 -9.16 -32.43
CA GLN A 134 -2.74 -8.46 -33.62
C GLN A 134 -3.37 -7.14 -33.21
N ALA A 135 -2.98 -6.04 -33.86
CA ALA A 135 -2.04 -6.06 -34.97
C ALA A 135 -0.60 -5.83 -34.52
N ILE A 136 -0.40 -4.93 -33.56
CA ILE A 136 0.95 -4.60 -33.10
C ILE A 136 1.02 -4.49 -31.59
N HIS A 137 0.50 -5.48 -30.88
CA HIS A 137 0.59 -5.52 -29.43
C HIS A 137 1.64 -6.50 -28.91
N CYS A 138 2.21 -7.34 -29.77
CA CYS A 138 3.26 -8.26 -29.34
C CYS A 138 4.45 -7.50 -28.71
N ARG A 139 4.69 -6.28 -29.18
CA ARG A 139 5.74 -5.45 -28.59
C ARG A 139 5.44 -5.13 -27.13
N ALA A 140 4.17 -5.24 -26.75
CA ALA A 140 3.75 -5.03 -25.36
C ALA A 140 3.96 -6.26 -24.50
N ILE A 141 4.41 -7.35 -25.09
CA ILE A 141 4.72 -8.58 -24.36
C ILE A 141 6.22 -8.78 -24.25
N LEU A 142 6.96 -8.53 -25.32
CA LEU A 142 8.39 -8.81 -25.36
C LEU A 142 9.01 -8.00 -26.49
N PRO A 143 10.29 -7.64 -26.37
CA PRO A 143 10.93 -6.91 -27.45
C PRO A 143 11.02 -7.74 -28.74
N CYS A 144 10.89 -7.07 -29.87
CA CYS A 144 10.83 -7.77 -31.14
C CYS A 144 10.73 -6.77 -32.28
N GLN A 145 10.87 -7.27 -33.51
CA GLN A 145 10.54 -6.54 -34.73
C GLN A 145 9.07 -6.76 -34.99
N ASP A 146 8.23 -5.98 -34.31
CA ASP A 146 6.78 -6.17 -34.36
C ASP A 146 6.25 -5.75 -35.72
N THR A 147 6.46 -6.61 -36.70
CA THR A 147 6.04 -6.38 -38.07
C THR A 147 5.79 -7.73 -38.75
N PRO A 148 4.76 -7.81 -39.61
CA PRO A 148 4.52 -9.07 -40.31
C PRO A 148 5.52 -9.36 -41.42
N SER A 149 6.45 -8.44 -41.67
CA SER A 149 7.47 -8.66 -42.68
C SER A 149 8.63 -9.56 -42.20
N VAL A 150 8.61 -9.98 -40.93
CA VAL A 150 9.59 -10.90 -40.40
C VAL A 150 8.85 -12.08 -39.83
N LYS A 151 9.33 -13.29 -40.16
CA LYS A 151 8.71 -14.52 -39.74
C LYS A 151 9.74 -15.37 -39.01
N LEU A 152 9.47 -15.67 -37.74
CA LEU A 152 10.38 -16.44 -36.91
C LEU A 152 9.72 -17.70 -36.42
N THR A 153 10.55 -18.67 -36.03
CA THR A 153 10.11 -19.77 -35.20
C THR A 153 10.38 -19.40 -33.76
N TYR A 154 9.74 -20.12 -32.82
CA TYR A 154 9.96 -19.83 -31.42
C TYR A 154 9.77 -21.05 -30.53
N THR A 155 10.48 -21.03 -29.41
CA THR A 155 10.33 -22.00 -28.34
C THR A 155 10.07 -21.24 -27.05
N ALA A 156 9.33 -21.86 -26.13
CA ALA A 156 8.89 -21.17 -24.92
C ALA A 156 8.84 -22.12 -23.75
N GLU A 157 9.22 -21.60 -22.58
CA GLU A 157 9.04 -22.27 -21.31
C GLU A 157 8.36 -21.28 -20.35
N VAL A 158 7.12 -21.57 -19.98
CA VAL A 158 6.28 -20.64 -19.24
C VAL A 158 6.00 -21.22 -17.85
N SER A 159 6.48 -20.54 -16.82
CA SER A 159 6.19 -20.92 -15.43
C SER A 159 4.87 -20.31 -15.00
N VAL A 160 3.98 -21.14 -14.48
CA VAL A 160 2.66 -20.71 -14.05
C VAL A 160 2.27 -21.52 -12.83
N PRO A 161 1.52 -20.94 -11.88
CA PRO A 161 1.09 -21.70 -10.70
C PRO A 161 0.59 -23.09 -11.06
N LYS A 162 1.14 -24.11 -10.41
CA LYS A 162 0.88 -25.51 -10.77
C LYS A 162 -0.59 -25.89 -11.05
N GLU A 163 -1.51 -25.20 -10.40
CA GLU A 163 -2.95 -25.50 -10.47
C GLU A 163 -3.57 -24.80 -11.69
N LEU A 164 -2.76 -24.12 -12.54
CA LEU A 164 -3.26 -23.55 -13.79
C LEU A 164 -2.60 -24.22 -15.00
N VAL A 165 -3.13 -23.89 -16.18
CA VAL A 165 -2.64 -24.42 -17.44
C VAL A 165 -2.30 -23.29 -18.40
N ALA A 166 -1.15 -23.41 -19.06
CA ALA A 166 -0.70 -22.45 -20.04
C ALA A 166 -0.71 -23.12 -21.41
N LEU A 167 -1.41 -22.52 -22.35
CA LEU A 167 -1.37 -22.92 -23.74
C LEU A 167 -0.81 -21.77 -24.57
N MET A 168 -0.18 -22.10 -25.70
CA MET A 168 0.40 -21.11 -26.59
C MET A 168 0.10 -21.49 -28.03
N SER A 169 0.35 -20.55 -28.95
CA SER A 169 0.17 -20.79 -30.37
C SER A 169 1.34 -21.62 -30.88
N ALA A 170 1.44 -22.82 -30.36
CA ALA A 170 2.54 -23.71 -30.66
C ALA A 170 2.15 -25.14 -30.30
N ILE A 171 3.06 -26.06 -30.52
CA ILE A 171 2.86 -27.45 -30.19
C ILE A 171 3.28 -27.68 -28.74
N ARG A 172 2.43 -28.34 -27.97
CA ARG A 172 2.76 -28.69 -26.60
CA ARG A 172 2.76 -28.69 -26.60
C ARG A 172 4.00 -29.57 -26.60
N ASP A 173 4.95 -29.24 -25.72
CA ASP A 173 6.23 -29.95 -25.67
C ASP A 173 6.56 -30.40 -24.26
N GLY A 174 5.53 -30.76 -23.50
CA GLY A 174 5.72 -31.33 -22.16
C GLY A 174 5.56 -30.30 -21.05
N GLU A 175 5.26 -30.80 -19.86
CA GLU A 175 5.11 -29.96 -18.67
C GLU A 175 5.74 -30.65 -17.46
N THR A 176 6.51 -29.89 -16.69
CA THR A 176 7.20 -30.42 -15.52
C THR A 176 7.16 -29.37 -14.39
N PRO A 177 7.19 -29.84 -13.13
CA PRO A 177 7.21 -28.88 -12.02
C PRO A 177 8.36 -27.90 -12.18
N ASP A 178 8.16 -26.70 -11.66
CA ASP A 178 9.19 -25.66 -11.71
C ASP A 178 10.28 -25.97 -10.67
N PRO A 179 11.52 -26.21 -11.11
CA PRO A 179 12.55 -26.61 -10.14
C PRO A 179 12.94 -25.51 -9.18
N GLU A 180 12.71 -24.25 -9.52
CA GLU A 180 13.03 -23.14 -8.62
C GLU A 180 11.91 -22.85 -7.64
N ASP A 181 10.78 -23.55 -7.76
CA ASP A 181 9.59 -23.19 -7.00
C ASP A 181 8.61 -24.34 -7.16
N PRO A 182 8.27 -25.05 -6.08
CA PRO A 182 7.34 -26.19 -6.18
C PRO A 182 5.87 -25.79 -6.27
N SER A 183 5.57 -24.48 -6.17
CA SER A 183 4.20 -24.00 -6.34
C SER A 183 3.84 -23.76 -7.81
N ARG A 184 4.78 -24.02 -8.74
CA ARG A 184 4.60 -23.62 -10.11
C ARG A 184 4.97 -24.76 -11.04
N LYS A 185 4.29 -24.80 -12.19
CA LYS A 185 4.63 -25.68 -13.31
C LYS A 185 5.24 -24.89 -14.46
N ILE A 186 6.10 -25.53 -15.23
CA ILE A 186 6.67 -24.94 -16.43
C ILE A 186 6.14 -25.75 -17.60
N TYR A 187 5.28 -25.13 -18.41
CA TYR A 187 4.80 -25.74 -19.65
C TYR A 187 5.71 -25.32 -20.82
N LYS A 188 6.10 -26.30 -21.63
CA LYS A 188 6.96 -26.06 -22.80
C LYS A 188 6.16 -26.04 -24.08
N PHE A 189 6.66 -25.30 -25.06
CA PHE A 189 6.02 -25.17 -26.35
C PHE A 189 7.07 -25.08 -27.45
N ILE A 190 6.66 -25.37 -28.67
CA ILE A 190 7.54 -25.25 -29.84
C ILE A 190 6.70 -24.99 -31.06
N GLN A 191 7.14 -24.02 -31.87
CA GLN A 191 6.48 -23.64 -33.10
C GLN A 191 7.52 -23.72 -34.22
N LYS A 192 7.62 -24.89 -34.85
CA LYS A 192 8.63 -25.15 -35.87
C LYS A 192 8.34 -24.48 -37.21
N VAL A 193 7.18 -23.85 -37.36
CA VAL A 193 6.87 -23.12 -38.59
C VAL A 193 7.12 -21.63 -38.34
N PRO A 194 7.64 -20.90 -39.33
CA PRO A 194 7.86 -19.48 -39.14
C PRO A 194 6.55 -18.71 -39.15
N ILE A 195 6.43 -17.76 -38.23
CA ILE A 195 5.22 -16.94 -38.11
C ILE A 195 5.67 -15.50 -37.90
N PRO A 196 4.81 -14.55 -38.25
CA PRO A 196 5.03 -13.18 -37.83
C PRO A 196 4.70 -13.10 -36.35
N CYS A 197 5.43 -12.23 -35.64
CA CYS A 197 5.29 -12.13 -34.19
C CYS A 197 3.86 -11.81 -33.73
N TYR A 198 3.03 -11.29 -34.62
CA TYR A 198 1.66 -11.01 -34.23
C TYR A 198 0.80 -12.26 -33.97
N LEU A 199 1.28 -13.42 -34.39
CA LEU A 199 0.62 -14.68 -34.10
C LEU A 199 1.08 -15.32 -32.78
N ILE A 200 2.03 -14.71 -32.09
CA ILE A 200 2.44 -15.18 -30.77
C ILE A 200 1.26 -15.00 -29.84
N ALA A 201 0.95 -16.02 -29.05
CA ALA A 201 -0.22 -15.98 -28.18
C ALA A 201 0.03 -16.80 -26.93
N LEU A 202 -0.58 -16.38 -25.82
CA LEU A 202 -0.44 -17.05 -24.54
C LEU A 202 -1.76 -17.01 -23.79
N VAL A 203 -2.05 -18.02 -23.01
CA VAL A 203 -3.22 -18.11 -22.16
C VAL A 203 -2.86 -18.89 -20.91
N VAL A 204 -3.37 -18.52 -19.78
CA VAL A 204 -3.13 -19.18 -18.49
C VAL A 204 -4.42 -19.12 -17.70
N GLY A 205 -4.82 -20.26 -17.16
CA GLY A 205 -6.04 -20.32 -16.36
C GLY A 205 -6.41 -21.75 -16.03
N ALA A 206 -7.61 -21.90 -15.48
CA ALA A 206 -8.16 -23.20 -15.12
C ALA A 206 -8.80 -23.82 -16.37
N LEU A 207 -7.95 -24.21 -17.30
CA LEU A 207 -8.39 -24.74 -18.57
C LEU A 207 -8.38 -26.26 -18.53
N GLU A 208 -9.42 -26.84 -19.11
CA GLU A 208 -9.48 -28.26 -19.38
C GLU A 208 -9.56 -28.41 -20.90
N SER A 209 -9.67 -29.65 -21.37
CA SER A 209 -9.76 -29.92 -22.80
C SER A 209 -10.71 -31.08 -23.08
N ARG A 210 -11.22 -31.02 -24.29
CA ARG A 210 -12.00 -32.09 -24.80
C ARG A 210 -11.52 -32.41 -26.29
N GLN A 211 -11.27 -33.68 -26.67
CA GLN A 211 -10.83 -33.97 -28.03
C GLN A 211 -12.05 -34.13 -28.93
N ILE A 212 -12.04 -33.44 -30.05
CA ILE A 212 -13.14 -33.50 -31.01
C ILE A 212 -12.67 -33.90 -32.40
N GLY A 213 -11.40 -34.21 -32.56
CA GLY A 213 -10.86 -34.61 -33.84
C GLY A 213 -9.47 -35.22 -33.73
N PRO A 214 -9.01 -35.86 -34.80
CA PRO A 214 -7.66 -36.43 -34.76
C PRO A 214 -6.58 -35.44 -34.36
N ARG A 215 -6.75 -34.16 -34.69
CA ARG A 215 -5.73 -33.15 -34.41
C ARG A 215 -6.35 -31.93 -33.74
N THR A 216 -7.39 -32.13 -32.94
CA THR A 216 -8.21 -31.01 -32.49
C THR A 216 -8.78 -31.22 -31.09
N LEU A 217 -8.19 -30.51 -30.12
CA LEU A 217 -8.73 -30.44 -28.76
C LEU A 217 -9.41 -29.10 -28.59
N VAL A 218 -10.43 -29.06 -27.72
CA VAL A 218 -11.15 -27.84 -27.40
C VAL A 218 -10.89 -27.48 -25.94
N TRP A 219 -10.30 -26.32 -25.72
CA TRP A 219 -9.97 -25.86 -24.37
C TRP A 219 -10.84 -24.68 -23.95
N SER A 220 -11.24 -24.71 -22.68
CA SER A 220 -11.91 -23.59 -22.02
C SER A 220 -12.06 -23.94 -20.53
N GLU A 221 -12.83 -23.17 -19.79
CA GLU A 221 -13.08 -23.51 -18.40
C GLU A 221 -14.09 -24.65 -18.32
N LYS A 222 -13.96 -25.46 -17.29
CA LYS A 222 -14.82 -26.64 -17.11
C LYS A 222 -16.30 -26.38 -17.36
N GLU A 223 -16.73 -25.13 -17.23
CA GLU A 223 -18.14 -24.81 -17.39
C GLU A 223 -18.58 -24.74 -18.84
N GLN A 224 -17.65 -24.60 -19.78
CA GLN A 224 -18.02 -24.50 -21.19
C GLN A 224 -17.34 -25.51 -22.11
N VAL A 225 -16.48 -26.37 -21.59
CA VAL A 225 -15.74 -27.29 -22.44
C VAL A 225 -16.65 -28.20 -23.25
N GLU A 226 -17.73 -28.67 -22.65
CA GLU A 226 -18.65 -29.57 -23.34
C GLU A 226 -19.55 -28.82 -24.32
N LYS A 227 -20.16 -27.73 -23.86
CA LYS A 227 -20.90 -26.82 -24.76
C LYS A 227 -20.07 -26.51 -26.00
N SER A 228 -18.78 -26.24 -25.81
CA SER A 228 -17.93 -25.83 -26.90
C SER A 228 -17.57 -26.99 -27.82
N ALA A 229 -17.23 -28.15 -27.26
CA ALA A 229 -16.86 -29.30 -28.09
C ALA A 229 -17.99 -29.70 -29.02
N TYR A 230 -19.25 -29.50 -28.60
CA TYR A 230 -20.38 -29.77 -29.48
C TYR A 230 -20.55 -28.67 -30.52
N GLU A 231 -20.51 -27.42 -30.10
CA GLU A 231 -20.71 -26.31 -31.02
C GLU A 231 -19.77 -26.39 -32.19
N PHE A 232 -18.54 -26.82 -31.94
CA PHE A 232 -17.48 -26.84 -32.95
C PHE A 232 -17.13 -28.23 -33.46
N SER A 233 -18.09 -29.17 -33.40
CA SER A 233 -17.83 -30.55 -33.80
C SER A 233 -17.45 -30.69 -35.25
N GLU A 234 -17.78 -29.69 -36.07
CA GLU A 234 -17.48 -29.73 -37.50
C GLU A 234 -16.04 -29.40 -37.83
N THR A 235 -15.21 -29.10 -36.82
CA THR A 235 -13.84 -28.65 -37.07
C THR A 235 -13.10 -29.55 -38.05
N GLU A 236 -13.02 -30.85 -37.75
CA GLU A 236 -12.27 -31.77 -38.61
C GLU A 236 -12.81 -31.78 -40.03
N SER A 237 -14.13 -31.85 -40.18
CA SER A 237 -14.74 -31.81 -41.51
CA SER A 237 -14.75 -31.80 -41.50
C SER A 237 -14.27 -30.55 -42.24
N MET A 238 -14.22 -29.42 -41.54
CA MET A 238 -13.83 -28.16 -42.18
C MET A 238 -12.35 -28.15 -42.51
N LEU A 239 -11.53 -28.75 -41.65
CA LEU A 239 -10.10 -28.77 -41.90
C LEU A 239 -9.76 -29.55 -43.16
N LYS A 240 -10.46 -30.68 -43.38
CA LYS A 240 -10.25 -31.45 -44.61
C LYS A 240 -10.59 -30.63 -45.84
N ILE A 241 -11.79 -30.06 -45.87
CA ILE A 241 -12.21 -29.22 -46.98
C ILE A 241 -11.18 -28.12 -47.19
N ALA A 242 -10.65 -27.54 -46.11
CA ALA A 242 -9.61 -26.53 -46.23
C ALA A 242 -8.36 -27.11 -46.91
N GLU A 243 -7.99 -28.34 -46.54
CA GLU A 243 -6.81 -28.95 -47.14
C GLU A 243 -7.01 -29.23 -48.62
N ASP A 244 -8.25 -29.47 -49.04
CA ASP A 244 -8.54 -29.73 -50.43
C ASP A 244 -8.39 -28.45 -51.25
N LEU A 245 -8.87 -27.33 -50.72
CA LEU A 245 -8.85 -26.08 -51.46
C LEU A 245 -7.49 -25.42 -51.38
N GLY A 246 -6.85 -25.49 -50.23
CA GLY A 246 -5.64 -24.73 -50.01
C GLY A 246 -4.35 -25.51 -50.00
N GLY A 247 -4.44 -26.82 -49.78
CA GLY A 247 -3.26 -27.65 -49.71
C GLY A 247 -3.00 -28.13 -48.30
N PRO A 248 -1.83 -28.74 -48.07
CA PRO A 248 -1.57 -29.36 -46.78
C PRO A 248 -1.59 -28.36 -45.64
N TYR A 249 -2.28 -28.72 -44.55
CA TYR A 249 -2.26 -27.96 -43.30
C TYR A 249 -0.95 -28.24 -42.60
N VAL A 250 -0.11 -27.22 -42.49
CA VAL A 250 1.29 -27.41 -42.09
C VAL A 250 1.62 -27.25 -40.62
N TRP A 251 0.62 -27.05 -39.79
CA TRP A 251 0.85 -26.61 -38.44
C TRP A 251 0.67 -27.70 -37.46
N GLY A 252 0.36 -28.87 -37.99
CA GLY A 252 0.18 -30.03 -37.12
C GLY A 252 -1.14 -30.03 -36.39
N GLN A 253 -1.11 -29.70 -35.10
CA GLN A 253 -2.33 -29.61 -34.30
C GLN A 253 -3.15 -28.38 -34.69
N TYR A 254 -4.46 -28.50 -34.57
CA TYR A 254 -5.37 -27.37 -34.66
C TYR A 254 -6.34 -27.48 -33.49
N ASP A 255 -6.01 -26.82 -32.38
CA ASP A 255 -6.86 -26.76 -31.21
C ASP A 255 -7.69 -25.47 -31.21
N LEU A 256 -8.75 -25.49 -30.42
CA LEU A 256 -9.62 -24.34 -30.23
C LEU A 256 -9.63 -23.98 -28.76
N LEU A 257 -9.52 -22.69 -28.47
CA LEU A 257 -9.68 -22.18 -27.11
C LEU A 257 -10.85 -21.20 -27.10
N VAL A 258 -11.84 -21.47 -26.24
CA VAL A 258 -12.98 -20.58 -26.02
C VAL A 258 -12.67 -19.73 -24.79
N LEU A 259 -12.50 -18.43 -25.00
CA LEU A 259 -12.03 -17.53 -23.96
C LEU A 259 -13.18 -16.95 -23.17
N PRO A 260 -12.88 -16.22 -22.08
CA PRO A 260 -13.93 -15.57 -21.30
C PRO A 260 -14.64 -14.51 -22.12
N PRO A 261 -15.80 -14.05 -21.66
CA PRO A 261 -16.66 -13.22 -22.52
C PRO A 261 -15.99 -11.96 -23.08
N SER A 262 -14.97 -11.44 -22.40
CA SER A 262 -14.40 -10.15 -22.79
C SER A 262 -13.35 -10.26 -23.89
N PHE A 263 -13.13 -11.46 -24.44
CA PHE A 263 -12.25 -11.56 -25.60
C PHE A 263 -12.82 -10.68 -26.74
N PRO A 264 -11.96 -9.86 -27.37
CA PRO A 264 -12.47 -8.75 -28.16
C PRO A 264 -13.00 -9.11 -29.54
N TYR A 265 -12.68 -10.28 -30.08
CA TYR A 265 -13.00 -10.61 -31.46
C TYR A 265 -13.73 -11.94 -31.56
N GLY A 266 -14.28 -12.21 -32.73
CA GLY A 266 -14.89 -13.52 -32.98
C GLY A 266 -13.88 -14.65 -32.85
N GLY A 267 -12.72 -14.48 -33.48
CA GLY A 267 -11.63 -15.42 -33.36
C GLY A 267 -10.30 -14.81 -33.74
N MET A 268 -9.24 -15.49 -33.33
CA MET A 268 -7.90 -15.10 -33.70
C MET A 268 -7.33 -16.35 -34.34
N GLU A 269 -6.71 -16.18 -35.51
CA GLU A 269 -6.11 -17.31 -36.23
C GLU A 269 -4.74 -17.48 -35.63
N ASN A 270 -4.65 -17.79 -34.35
CA ASN A 270 -3.36 -18.11 -33.75
C ASN A 270 -2.99 -19.56 -34.11
N PRO A 271 -1.79 -19.76 -34.68
CA PRO A 271 -1.43 -21.10 -35.13
C PRO A 271 -1.54 -22.14 -34.04
N CYS A 272 -2.04 -23.32 -34.41
CA CYS A 272 -2.14 -24.46 -33.48
C CYS A 272 -3.11 -24.24 -32.31
N LEU A 273 -3.66 -23.04 -32.20
CA LEU A 273 -4.58 -22.73 -31.10
C LEU A 273 -5.39 -21.47 -31.38
N THR A 274 -6.51 -21.63 -32.07
CA THR A 274 -7.36 -20.52 -32.43
C THR A 274 -8.17 -20.07 -31.21
N PHE A 275 -8.19 -18.77 -30.92
CA PHE A 275 -9.02 -18.22 -29.86
C PHE A 275 -10.37 -17.89 -30.48
N VAL A 276 -11.48 -17.99 -29.75
CA VAL A 276 -12.82 -17.65 -30.23
C VAL A 276 -13.63 -17.08 -29.08
N THR A 277 -14.58 -16.22 -29.42
CA THR A 277 -15.48 -15.65 -28.44
C THR A 277 -16.52 -16.67 -28.02
N PRO A 278 -16.86 -16.72 -26.72
CA PRO A 278 -17.91 -17.63 -26.27
C PRO A 278 -19.28 -17.30 -26.89
N THR A 279 -19.44 -16.11 -27.47
CA THR A 279 -20.70 -15.76 -28.12
C THR A 279 -21.02 -16.68 -29.30
N LEU A 280 -20.06 -17.49 -29.74
CA LEU A 280 -20.29 -18.47 -30.80
C LEU A 280 -21.08 -19.64 -30.29
N LEU A 281 -21.22 -19.80 -28.98
CA LEU A 281 -21.84 -21.00 -28.38
C LEU A 281 -23.37 -20.94 -28.46
N ALA A 282 -23.87 -20.84 -29.69
CA ALA A 282 -25.30 -20.72 -29.92
C ALA A 282 -26.06 -22.00 -29.62
N GLY A 283 -25.36 -23.12 -29.46
CA GLY A 283 -25.99 -24.39 -29.17
C GLY A 283 -26.57 -25.13 -30.35
N ASP A 284 -26.43 -24.59 -31.56
CA ASP A 284 -26.91 -25.25 -32.77
C ASP A 284 -25.85 -25.31 -33.88
N LYS A 285 -24.61 -24.97 -33.58
CA LYS A 285 -23.51 -24.93 -34.54
C LYS A 285 -23.70 -23.88 -35.64
N SER A 286 -24.65 -22.95 -35.46
CA SER A 286 -25.03 -22.05 -36.53
C SER A 286 -24.01 -20.96 -36.80
N LEU A 287 -23.20 -20.60 -35.83
CA LEU A 287 -22.16 -19.58 -36.01
C LEU A 287 -20.80 -20.17 -36.34
N SER A 288 -20.78 -21.42 -36.79
CA SER A 288 -19.53 -22.16 -37.00
C SER A 288 -18.72 -21.65 -38.21
N ASN A 289 -19.27 -20.75 -39.01
CA ASN A 289 -18.49 -20.15 -40.07
C ASN A 289 -17.20 -19.50 -39.51
N VAL A 290 -17.29 -18.95 -38.31
CA VAL A 290 -16.13 -18.33 -37.70
C VAL A 290 -14.99 -19.34 -37.60
N ILE A 291 -15.32 -20.56 -37.19
CA ILE A 291 -14.30 -21.63 -37.16
C ILE A 291 -13.71 -21.82 -38.56
N ALA A 292 -14.58 -21.93 -39.58
CA ALA A 292 -14.11 -22.06 -40.95
C ALA A 292 -13.24 -20.88 -41.34
N HIS A 293 -13.56 -19.69 -40.85
CA HIS A 293 -12.73 -18.52 -41.10
C HIS A 293 -11.36 -18.67 -40.47
N GLU A 294 -11.34 -19.00 -39.17
CA GLU A 294 -10.06 -19.20 -38.47
C GLU A 294 -9.27 -20.39 -39.04
N ILE A 295 -9.98 -21.43 -39.47
CA ILE A 295 -9.33 -22.52 -40.16
C ILE A 295 -8.64 -22.02 -41.43
N SER A 296 -9.37 -21.27 -42.22
CA SER A 296 -8.87 -20.84 -43.48
C SER A 296 -7.64 -19.94 -43.36
N HIS A 297 -7.55 -19.18 -42.26
CA HIS A 297 -6.38 -18.34 -42.02
C HIS A 297 -5.10 -19.15 -41.99
N SER A 298 -5.20 -20.46 -41.76
CA SER A 298 -4.02 -21.34 -41.70
C SER A 298 -3.26 -21.31 -43.02
N TRP A 299 -3.93 -20.95 -44.11
CA TRP A 299 -3.30 -20.77 -45.41
C TRP A 299 -3.13 -19.29 -45.76
N THR A 300 -4.24 -18.56 -45.76
CA THR A 300 -4.25 -17.16 -46.17
C THR A 300 -4.15 -16.28 -44.92
N GLY A 301 -2.94 -15.82 -44.62
CA GLY A 301 -2.69 -15.04 -43.41
C GLY A 301 -1.55 -15.61 -42.60
N ASN A 302 -1.70 -16.84 -42.11
CA ASN A 302 -0.66 -17.48 -41.33
C ASN A 302 0.48 -18.03 -42.17
N LEU A 303 0.14 -18.68 -43.29
CA LEU A 303 1.18 -19.14 -44.23
C LEU A 303 1.70 -18.11 -45.22
N VAL A 304 0.80 -17.53 -46.01
CA VAL A 304 1.14 -16.38 -46.82
C VAL A 304 0.65 -15.20 -45.98
N THR A 305 1.59 -14.34 -45.60
CA THR A 305 1.29 -13.21 -44.71
C THR A 305 1.46 -11.83 -45.41
N ASN A 306 0.78 -10.79 -44.91
CA ASN A 306 0.94 -9.43 -45.44
C ASN A 306 2.32 -8.93 -45.00
N LYS A 307 2.94 -8.10 -45.82
CA LYS A 307 4.28 -7.62 -45.50
C LYS A 307 4.18 -6.46 -44.51
N THR A 308 3.22 -5.58 -44.78
CA THR A 308 2.88 -4.52 -43.85
C THR A 308 1.39 -4.57 -43.58
N TRP A 309 0.95 -3.81 -42.58
CA TRP A 309 -0.47 -3.82 -42.23
C TRP A 309 -1.34 -3.09 -43.26
N ASP A 310 -0.71 -2.34 -44.15
CA ASP A 310 -1.45 -1.64 -45.20
C ASP A 310 -2.10 -2.65 -46.12
N HIS A 311 -1.45 -3.78 -46.35
CA HIS A 311 -1.96 -4.81 -47.27
C HIS A 311 -2.75 -5.89 -46.53
N PHE A 312 -3.29 -5.55 -45.37
CA PHE A 312 -4.02 -6.49 -44.52
C PHE A 312 -5.17 -7.20 -45.26
N TRP A 313 -5.72 -6.58 -46.31
CA TRP A 313 -6.88 -7.15 -46.99
C TRP A 313 -6.55 -8.50 -47.61
N LEU A 314 -5.30 -8.70 -48.01
CA LEU A 314 -4.89 -10.01 -48.52
C LEU A 314 -5.10 -11.09 -47.46
N ASN A 315 -4.90 -10.74 -46.19
CA ASN A 315 -5.09 -11.69 -45.11
C ASN A 315 -6.56 -12.09 -44.99
N GLU A 316 -7.42 -11.13 -44.71
CA GLU A 316 -8.82 -11.44 -44.46
C GLU A 316 -9.60 -11.59 -45.75
N GLY A 317 -9.27 -10.81 -46.76
CA GLY A 317 -9.97 -10.93 -48.03
C GLY A 317 -9.97 -12.35 -48.54
N HIS A 318 -8.77 -12.92 -48.70
CA HIS A 318 -8.64 -14.30 -49.19
C HIS A 318 -9.23 -15.29 -48.19
N THR A 319 -9.03 -15.04 -46.89
CA THR A 319 -9.53 -15.96 -45.88
C THR A 319 -11.06 -16.08 -45.97
N VAL A 320 -11.75 -14.95 -45.94
CA VAL A 320 -13.19 -14.96 -46.09
C VAL A 320 -13.59 -15.74 -47.35
N TYR A 321 -12.88 -15.50 -48.44
CA TYR A 321 -13.16 -16.21 -49.67
C TYR A 321 -13.10 -17.73 -49.46
N LEU A 322 -12.13 -18.18 -48.69
CA LEU A 322 -11.99 -19.60 -48.39
C LEU A 322 -13.10 -20.06 -47.44
N GLU A 323 -13.40 -19.24 -46.44
CA GLU A 323 -14.44 -19.53 -45.46
C GLU A 323 -15.78 -19.86 -46.12
N ARG A 324 -16.16 -19.08 -47.12
CA ARG A 324 -17.45 -19.28 -47.76
C ARG A 324 -17.44 -20.43 -48.73
N HIS A 325 -16.27 -20.78 -49.26
CA HIS A 325 -16.15 -22.00 -50.05
C HIS A 325 -16.31 -23.24 -49.17
N ILE A 326 -15.71 -23.22 -47.99
CA ILE A 326 -15.83 -24.33 -47.06
C ILE A 326 -17.30 -24.56 -46.69
N CYS A 327 -18.02 -23.47 -46.43
CA CYS A 327 -19.45 -23.56 -46.16
C CYS A 327 -20.21 -24.01 -47.40
N GLY A 328 -19.71 -23.61 -48.57
CA GLY A 328 -20.29 -23.98 -49.84
C GLY A 328 -20.21 -25.46 -50.12
N ARG A 329 -19.03 -26.04 -49.89
CA ARG A 329 -18.83 -27.52 -49.84
CA ARG A 329 -18.82 -27.52 -49.83
C ARG A 329 -19.68 -28.32 -48.83
N LEU A 330 -19.98 -27.70 -47.70
CA LEU A 330 -20.62 -28.41 -46.60
C LEU A 330 -22.14 -28.35 -46.72
N PHE A 331 -22.65 -27.24 -47.26
CA PHE A 331 -24.08 -27.04 -47.32
C PHE A 331 -24.63 -26.67 -48.70
N GLY A 332 -23.76 -26.37 -49.66
CA GLY A 332 -24.23 -26.13 -51.01
C GLY A 332 -23.87 -24.79 -51.58
N GLU A 333 -23.69 -24.74 -52.90
CA GLU A 333 -23.34 -23.49 -53.58
C GLU A 333 -24.35 -22.39 -53.27
N LYS A 334 -25.62 -22.75 -53.13
CA LYS A 334 -26.63 -21.75 -52.84
C LYS A 334 -26.37 -21.07 -51.50
N PHE A 335 -25.89 -21.84 -50.53
CA PHE A 335 -25.58 -21.26 -49.23
C PHE A 335 -24.32 -20.41 -49.32
N ARG A 336 -23.42 -20.76 -50.24
CA ARG A 336 -22.23 -19.93 -50.42
C ARG A 336 -22.60 -18.54 -50.88
N HIS A 337 -23.48 -18.44 -51.87
CA HIS A 337 -23.92 -17.14 -52.37
C HIS A 337 -24.63 -16.35 -51.27
N PHE A 338 -25.50 -17.03 -50.52
CA PHE A 338 -26.23 -16.37 -49.44
C PHE A 338 -25.28 -15.59 -48.57
N ASN A 339 -24.28 -16.27 -48.02
CA ASN A 339 -23.29 -15.59 -47.19
C ASN A 339 -22.56 -14.52 -47.99
N ALA A 340 -22.35 -14.77 -49.28
CA ALA A 340 -21.70 -13.76 -50.12
C ALA A 340 -22.58 -12.50 -50.23
N LEU A 341 -23.85 -12.68 -50.55
CA LEU A 341 -24.76 -11.54 -50.62
C LEU A 341 -24.85 -10.85 -49.25
N GLY A 342 -24.89 -11.64 -48.18
CA GLY A 342 -24.94 -11.09 -46.83
C GLY A 342 -23.73 -10.25 -46.50
N GLY A 343 -22.56 -10.63 -47.05
CA GLY A 343 -21.35 -9.85 -46.88
C GLY A 343 -21.44 -8.51 -47.57
N TRP A 344 -22.05 -8.49 -48.74
CA TRP A 344 -22.26 -7.23 -49.45
C TRP A 344 -23.13 -6.28 -48.62
N GLY A 345 -24.12 -6.83 -47.93
CA GLY A 345 -24.97 -6.00 -47.08
C GLY A 345 -24.20 -5.37 -45.93
N GLU A 346 -23.28 -6.13 -45.33
CA GLU A 346 -22.41 -5.58 -44.30
C GLU A 346 -21.50 -4.50 -44.89
N LEU A 347 -20.96 -4.75 -46.07
CA LEU A 347 -20.09 -3.78 -46.73
C LEU A 347 -20.80 -2.44 -46.92
N GLN A 348 -22.10 -2.48 -47.23
CA GLN A 348 -22.89 -1.26 -47.33
C GLN A 348 -22.98 -0.57 -45.98
N ASN A 349 -23.31 -1.32 -44.93
CA ASN A 349 -23.35 -0.76 -43.57
C ASN A 349 -22.01 -0.14 -43.18
N SER A 350 -20.91 -0.72 -43.64
CA SER A 350 -19.59 -0.20 -43.30
C SER A 350 -19.31 1.10 -44.04
N VAL A 351 -19.67 1.17 -45.31
CA VAL A 351 -19.44 2.39 -46.09
C VAL A 351 -20.41 3.50 -45.69
N LYS A 352 -21.68 3.15 -45.48
CA LYS A 352 -22.65 4.15 -45.02
C LYS A 352 -22.23 4.77 -43.69
N THR A 353 -21.71 3.97 -42.76
CA THR A 353 -21.30 4.47 -41.46
C THR A 353 -20.03 5.28 -41.55
N PHE A 354 -18.99 4.75 -42.20
CA PHE A 354 -17.73 5.46 -42.32
C PHE A 354 -17.86 6.65 -43.23
N GLY A 355 -18.78 6.57 -44.19
CA GLY A 355 -18.87 7.59 -45.24
C GLY A 355 -18.21 7.15 -46.54
N GLU A 356 -18.79 7.59 -47.65
CA GLU A 356 -18.36 7.11 -48.96
C GLU A 356 -16.93 7.50 -49.31
N THR A 357 -16.35 8.47 -48.60
CA THR A 357 -15.01 8.94 -48.91
C THR A 357 -13.98 8.54 -47.88
N HIS A 358 -14.40 7.92 -46.78
CA HIS A 358 -13.48 7.66 -45.68
C HIS A 358 -12.25 6.90 -46.18
N PRO A 359 -11.05 7.28 -45.75
CA PRO A 359 -9.85 6.51 -46.17
C PRO A 359 -9.90 5.06 -45.93
N PHE A 360 -10.69 4.64 -44.92
CA PHE A 360 -10.78 3.26 -44.53
C PHE A 360 -11.83 2.43 -45.16
N THR A 361 -12.42 3.00 -46.19
CA THR A 361 -13.12 2.18 -47.06
C THR A 361 -12.31 1.76 -48.27
N LYS A 362 -11.08 2.28 -48.41
CA LYS A 362 -10.15 1.78 -49.43
C LYS A 362 -9.76 0.33 -49.12
N LEU A 363 -9.26 -0.36 -50.15
CA LEU A 363 -8.80 -1.74 -49.94
C LEU A 363 -7.35 -1.80 -49.40
N VAL A 364 -6.49 -0.94 -49.93
CA VAL A 364 -5.15 -0.75 -49.41
C VAL A 364 -5.11 0.63 -48.75
N VAL A 365 -4.72 0.66 -47.48
CA VAL A 365 -4.77 1.87 -46.69
C VAL A 365 -3.36 2.28 -46.29
N ASP A 366 -3.22 3.55 -45.92
CA ASP A 366 -1.96 4.09 -45.45
C ASP A 366 -2.12 4.32 -43.96
N LEU A 367 -1.55 3.42 -43.15
CA LEU A 367 -1.67 3.48 -41.69
C LEU A 367 -0.63 4.36 -41.02
N THR A 368 0.08 5.18 -41.78
CA THR A 368 1.07 6.08 -41.19
C THR A 368 0.26 6.95 -40.23
N ASP A 369 0.68 6.95 -39.00
CA ASP A 369 0.11 7.76 -37.98
C ASP A 369 -1.35 7.44 -37.61
N ILE A 370 -1.85 6.26 -37.94
CA ILE A 370 -3.15 5.77 -37.52
C ILE A 370 -2.93 4.57 -36.60
N ASP A 371 -3.66 4.54 -35.49
CA ASP A 371 -3.62 3.38 -34.61
C ASP A 371 -4.34 2.22 -35.30
N PRO A 372 -3.62 1.13 -35.62
CA PRO A 372 -4.27 -0.01 -36.27
C PRO A 372 -5.55 -0.43 -35.59
N ASP A 373 -5.56 -0.46 -34.25
CA ASP A 373 -6.79 -0.78 -33.52
C ASP A 373 -7.95 0.12 -33.93
N VAL A 374 -7.65 1.37 -34.30
CA VAL A 374 -8.68 2.35 -34.64
C VAL A 374 -9.15 2.22 -36.09
N ALA A 375 -8.33 1.64 -36.97
CA ALA A 375 -8.71 1.47 -38.36
C ALA A 375 -9.41 0.14 -38.62
N TYR A 376 -9.40 -0.76 -37.65
CA TYR A 376 -9.96 -2.09 -37.89
C TYR A 376 -11.47 -2.02 -38.11
N SER A 377 -11.95 -2.73 -39.13
CA SER A 377 -13.36 -2.74 -39.47
C SER A 377 -13.65 -3.99 -40.30
N SER A 378 -14.81 -4.03 -40.94
CA SER A 378 -15.17 -5.12 -41.83
C SER A 378 -14.81 -4.87 -43.29
N VAL A 379 -14.29 -3.70 -43.61
CA VAL A 379 -13.97 -3.34 -45.00
C VAL A 379 -13.00 -4.37 -45.62
N PRO A 380 -11.81 -4.57 -45.04
CA PRO A 380 -10.90 -5.55 -45.64
C PRO A 380 -11.54 -6.93 -45.80
N TYR A 381 -12.35 -7.35 -44.84
CA TYR A 381 -13.00 -8.64 -44.92
C TYR A 381 -13.94 -8.70 -46.13
N GLU A 382 -14.88 -7.75 -46.21
CA GLU A 382 -15.95 -7.81 -47.20
C GLU A 382 -15.62 -7.20 -48.55
N LYS A 383 -15.03 -6.00 -48.55
CA LYS A 383 -14.57 -5.44 -49.82
C LYS A 383 -13.48 -6.30 -50.41
N GLY A 384 -12.62 -6.85 -49.55
CA GLY A 384 -11.63 -7.82 -50.02
C GLY A 384 -12.27 -9.03 -50.68
N PHE A 385 -13.31 -9.56 -50.04
CA PHE A 385 -14.06 -10.67 -50.63
C PHE A 385 -14.67 -10.27 -51.98
N ALA A 386 -15.29 -9.09 -52.04
CA ALA A 386 -15.96 -8.67 -53.26
C ALA A 386 -15.02 -8.66 -54.45
N LEU A 387 -13.78 -8.24 -54.22
CA LEU A 387 -12.80 -8.22 -55.31
C LEU A 387 -12.52 -9.63 -55.81
N LEU A 388 -12.30 -10.57 -54.89
CA LEU A 388 -12.02 -11.96 -55.26
C LEU A 388 -13.23 -12.61 -55.90
N PHE A 389 -14.41 -12.37 -55.33
CA PHE A 389 -15.64 -12.94 -55.87
C PHE A 389 -15.95 -12.39 -57.25
N TYR A 390 -15.62 -11.12 -57.49
CA TYR A 390 -15.78 -10.53 -58.84
C TYR A 390 -14.78 -11.09 -59.83
N LEU A 391 -13.55 -11.37 -59.38
CA LEU A 391 -12.57 -12.01 -60.24
C LEU A 391 -12.97 -13.45 -60.59
N GLU A 392 -13.46 -14.20 -59.61
CA GLU A 392 -13.93 -15.56 -59.86
C GLU A 392 -14.94 -15.59 -61.00
N GLN A 393 -15.90 -14.67 -61.00
CA GLN A 393 -16.88 -14.60 -62.07
C GLN A 393 -16.28 -14.06 -63.38
N LEU A 394 -15.34 -13.13 -63.28
CA LEU A 394 -14.74 -12.55 -64.46
C LEU A 394 -13.78 -13.49 -65.19
N LEU A 395 -13.26 -14.50 -64.50
CA LEU A 395 -12.21 -15.37 -65.06
C LEU A 395 -12.67 -16.80 -65.30
N GLY A 396 -13.96 -17.09 -65.14
CA GLY A 396 -14.49 -18.38 -65.55
C GLY A 396 -15.10 -19.26 -64.47
N GLY A 397 -15.25 -18.75 -63.26
CA GLY A 397 -15.97 -19.46 -62.22
C GLY A 397 -15.10 -20.00 -61.09
N PRO A 398 -15.73 -20.66 -60.13
CA PRO A 398 -15.10 -21.08 -58.90
C PRO A 398 -13.98 -22.02 -59.05
N GLU A 399 -14.22 -23.04 -59.83
CA GLU A 399 -13.24 -24.07 -60.12
C GLU A 399 -11.95 -23.46 -60.67
N ILE A 400 -12.08 -22.59 -61.67
CA ILE A 400 -10.90 -21.98 -62.22
C ILE A 400 -10.17 -21.17 -61.16
N PHE A 401 -10.90 -20.25 -60.50
CA PHE A 401 -10.25 -19.34 -59.55
C PHE A 401 -9.68 -20.10 -58.36
N LEU A 402 -10.38 -21.14 -57.91
CA LEU A 402 -9.87 -21.98 -56.83
C LEU A 402 -8.52 -22.52 -57.19
N GLY A 403 -8.32 -22.85 -58.47
CA GLY A 403 -7.02 -23.32 -58.93
C GLY A 403 -5.93 -22.29 -58.74
N PHE A 404 -6.24 -21.03 -59.02
CA PHE A 404 -5.28 -19.95 -58.77
C PHE A 404 -5.02 -19.76 -57.28
N LEU A 405 -6.04 -20.01 -56.45
CA LEU A 405 -5.87 -19.80 -55.02
C LEU A 405 -4.85 -20.80 -54.47
N LYS A 406 -4.96 -22.06 -54.90
CA LYS A 406 -4.01 -23.07 -54.45
C LYS A 406 -2.62 -22.75 -54.97
N ALA A 407 -2.53 -22.29 -56.21
CA ALA A 407 -1.25 -21.86 -56.75
C ALA A 407 -0.72 -20.63 -56.02
N TYR A 408 -1.61 -19.70 -55.70
CA TYR A 408 -1.22 -18.51 -54.92
C TYR A 408 -0.61 -18.89 -53.57
N VAL A 409 -1.30 -19.78 -52.84
CA VAL A 409 -0.85 -20.15 -51.50
C VAL A 409 0.50 -20.88 -51.55
N GLU A 410 0.65 -21.83 -52.47
CA GLU A 410 1.93 -22.52 -52.62
C GLU A 410 3.06 -21.57 -53.03
N LYS A 411 2.79 -20.67 -53.95
CA LYS A 411 3.82 -19.73 -54.42
C LYS A 411 4.41 -18.93 -53.26
N PHE A 412 3.56 -18.45 -52.36
CA PHE A 412 3.95 -17.48 -51.35
C PHE A 412 3.98 -18.03 -49.92
N SER A 413 4.08 -19.33 -49.77
CA SER A 413 4.02 -19.93 -48.44
C SER A 413 5.21 -19.52 -47.61
N TYR A 414 4.99 -19.38 -46.30
CA TYR A 414 6.01 -18.98 -45.34
C TYR A 414 6.63 -17.62 -45.68
N LYS A 415 6.04 -16.88 -46.58
CA LYS A 415 6.57 -15.60 -47.00
C LYS A 415 5.59 -14.48 -46.66
N SER A 416 6.09 -13.25 -46.77
CA SER A 416 5.28 -12.05 -46.54
C SER A 416 5.30 -11.22 -47.81
N ILE A 417 4.11 -10.87 -48.31
CA ILE A 417 3.96 -10.26 -49.62
C ILE A 417 3.19 -8.94 -49.52
N THR A 418 3.08 -8.26 -50.65
CA THR A 418 2.35 -7.02 -50.79
C THR A 418 1.22 -7.20 -51.81
N THR A 419 0.33 -6.22 -51.87
CA THR A 419 -0.75 -6.25 -52.85
C THR A 419 -0.19 -6.40 -54.27
N ASP A 420 0.92 -5.73 -54.56
CA ASP A 420 1.53 -5.84 -55.87
C ASP A 420 2.08 -7.24 -56.15
N ASP A 421 2.71 -7.86 -55.16
CA ASP A 421 3.11 -9.27 -55.28
C ASP A 421 1.92 -10.13 -55.72
N TRP A 422 0.75 -9.89 -55.12
CA TRP A 422 -0.45 -10.65 -55.43
C TRP A 422 -0.96 -10.32 -56.83
N LYS A 423 -0.91 -9.04 -57.20
CA LYS A 423 -1.39 -8.65 -58.52
C LYS A 423 -0.54 -9.28 -59.60
N ASP A 424 0.78 -9.26 -59.41
CA ASP A 424 1.70 -9.78 -60.43
C ASP A 424 1.48 -11.27 -60.64
N PHE A 425 1.29 -12.00 -59.54
CA PHE A 425 1.05 -13.46 -59.64
C PHE A 425 -0.32 -13.75 -60.27
N LEU A 426 -1.34 -12.97 -59.89
CA LEU A 426 -2.65 -13.10 -60.54
C LEU A 426 -2.51 -12.97 -62.05
N TYR A 427 -1.87 -11.90 -62.51
CA TYR A 427 -1.58 -11.74 -63.93
C TYR A 427 -0.77 -12.93 -64.48
N SER A 428 0.17 -13.42 -63.70
CA SER A 428 1.01 -14.53 -64.14
C SER A 428 0.21 -15.81 -64.28
N TYR A 429 -0.55 -16.17 -63.24
CA TYR A 429 -1.36 -17.37 -63.31
C TYR A 429 -2.37 -17.27 -64.44
N PHE A 430 -2.99 -16.11 -64.60
CA PHE A 430 -3.95 -15.88 -65.68
C PHE A 430 -3.32 -15.11 -66.83
N LYS A 431 -2.17 -15.54 -67.28
CA LYS A 431 -1.54 -14.95 -68.47
C LYS A 431 -2.38 -15.11 -69.76
N ASP A 432 -3.12 -16.21 -69.83
CA ASP A 432 -3.96 -16.48 -70.99
C ASP A 432 -5.28 -15.74 -70.86
N LYS A 433 -5.38 -14.81 -69.91
CA LYS A 433 -6.60 -14.00 -69.77
C LYS A 433 -6.28 -12.55 -69.42
N VAL A 434 -5.11 -12.06 -69.80
CA VAL A 434 -4.72 -10.68 -69.47
C VAL A 434 -5.72 -9.67 -70.02
N ASP A 435 -6.28 -9.94 -71.19
CA ASP A 435 -7.34 -9.09 -71.71
C ASP A 435 -8.46 -8.95 -70.69
N VAL A 436 -8.90 -10.07 -70.14
CA VAL A 436 -9.96 -10.04 -69.13
C VAL A 436 -9.50 -9.36 -67.82
N LEU A 437 -8.23 -9.51 -67.48
CA LEU A 437 -7.67 -8.85 -66.29
C LEU A 437 -7.64 -7.33 -66.44
N ASN A 438 -7.33 -6.85 -67.63
CA ASN A 438 -7.19 -5.40 -67.85
C ASN A 438 -8.52 -4.66 -67.81
N GLN A 439 -9.56 -5.44 -68.02
CA GLN A 439 -10.92 -5.00 -67.91
C GLN A 439 -11.24 -4.48 -66.54
N VAL A 440 -10.45 -4.83 -65.53
CA VAL A 440 -10.73 -4.48 -64.13
C VAL A 440 -10.14 -3.14 -63.76
N ASP A 441 -10.98 -2.26 -63.21
CA ASP A 441 -10.52 -0.95 -62.77
C ASP A 441 -9.75 -1.12 -61.47
N TRP A 442 -8.44 -1.35 -61.59
CA TRP A 442 -7.63 -1.67 -60.42
C TRP A 442 -7.54 -0.50 -59.44
N ASN A 443 -7.16 0.68 -59.95
CA ASN A 443 -7.02 1.77 -59.07
C ASN A 443 -8.28 2.08 -58.23
N ALA A 444 -9.47 1.74 -58.75
CA ALA A 444 -10.71 1.90 -58.01
C ALA A 444 -10.90 0.80 -56.97
N TRP A 445 -10.60 -0.44 -57.34
CA TRP A 445 -10.75 -1.55 -56.41
C TRP A 445 -9.79 -1.45 -55.23
N LEU A 446 -8.56 -1.04 -55.49
CA LEU A 446 -7.51 -1.09 -54.48
C LEU A 446 -7.30 0.22 -53.72
N TYR A 447 -7.49 1.37 -54.36
CA TYR A 447 -7.11 2.64 -53.74
C TYR A 447 -8.22 3.67 -53.74
N SER A 448 -9.42 3.32 -54.19
CA SER A 448 -10.53 4.26 -54.13
C SER A 448 -11.50 3.91 -53.00
N PRO A 449 -12.04 4.93 -52.31
CA PRO A 449 -13.01 4.66 -51.25
C PRO A 449 -14.35 4.19 -51.80
N GLY A 450 -15.35 4.08 -50.92
CA GLY A 450 -16.69 3.74 -51.33
C GLY A 450 -16.86 2.28 -51.71
N LEU A 451 -18.08 1.92 -52.08
CA LEU A 451 -18.38 0.57 -52.53
C LEU A 451 -17.52 0.25 -53.73
N PRO A 452 -17.39 -1.04 -54.06
CA PRO A 452 -16.62 -1.43 -55.23
C PRO A 452 -17.22 -0.85 -56.50
N PRO A 453 -16.43 -0.72 -57.57
CA PRO A 453 -16.98 -0.20 -58.83
C PRO A 453 -18.07 -1.07 -59.44
N ILE A 454 -17.96 -2.38 -59.32
CA ILE A 454 -18.96 -3.28 -59.87
C ILE A 454 -19.39 -4.27 -58.80
N LYS A 455 -20.68 -4.62 -58.82
CA LYS A 455 -21.25 -5.54 -57.84
C LYS A 455 -21.37 -6.94 -58.45
N PRO A 456 -20.79 -7.95 -57.81
CA PRO A 456 -20.89 -9.31 -58.33
C PRO A 456 -22.33 -9.80 -58.43
N ASN A 457 -22.50 -10.94 -59.10
CA ASN A 457 -23.81 -11.56 -59.28
C ASN A 457 -24.05 -12.63 -58.23
N TYR A 458 -25.08 -12.43 -57.40
CA TYR A 458 -25.37 -13.32 -56.29
C TYR A 458 -26.64 -14.12 -56.55
N ASP A 459 -26.62 -15.38 -56.13
CA ASP A 459 -27.82 -16.20 -56.18
C ASP A 459 -28.76 -15.76 -55.07
N MET A 460 -30.03 -15.58 -55.43
CA MET A 460 -31.03 -15.05 -54.49
C MET A 460 -31.88 -16.12 -53.82
N THR A 461 -31.72 -17.39 -54.22
CA THR A 461 -32.61 -18.47 -53.81
C THR A 461 -32.95 -18.37 -52.32
N LEU A 462 -31.93 -18.42 -51.47
CA LEU A 462 -32.14 -18.47 -50.02
C LEU A 462 -32.41 -17.10 -49.41
N THR A 463 -32.07 -16.03 -50.13
CA THR A 463 -32.26 -14.69 -49.61
C THR A 463 -33.66 -14.14 -49.82
N ASN A 464 -34.40 -14.68 -50.79
CA ASN A 464 -35.71 -14.11 -51.14
C ASN A 464 -36.67 -14.06 -49.94
N ALA A 465 -36.73 -15.14 -49.18
CA ALA A 465 -37.64 -15.18 -48.04
C ALA A 465 -37.31 -14.08 -47.04
N CYS A 466 -36.03 -13.78 -46.87
CA CYS A 466 -35.63 -12.73 -45.95
C CYS A 466 -36.00 -11.35 -46.48
N ILE A 467 -35.97 -11.17 -47.79
CA ILE A 467 -36.43 -9.91 -48.37
C ILE A 467 -37.95 -9.81 -48.25
N ALA A 468 -38.65 -10.90 -48.54
CA ALA A 468 -40.11 -10.91 -48.53
C ALA A 468 -40.64 -10.47 -47.16
N LEU A 469 -40.12 -11.08 -46.10
CA LEU A 469 -40.63 -10.77 -44.76
C LEU A 469 -40.26 -9.37 -44.32
N SER A 470 -39.08 -8.89 -44.70
CA SER A 470 -38.67 -7.54 -44.34
C SER A 470 -39.45 -6.46 -45.10
N GLN A 471 -39.97 -6.80 -46.28
CA GLN A 471 -40.79 -5.86 -47.03
C GLN A 471 -42.19 -5.72 -46.41
N ARG A 472 -42.77 -6.83 -45.98
CA ARG A 472 -44.03 -6.75 -45.26
C ARG A 472 -43.90 -5.85 -44.03
N TRP A 473 -42.89 -6.11 -43.20
CA TRP A 473 -42.73 -5.36 -41.95
C TRP A 473 -42.46 -3.87 -42.18
N ILE A 474 -41.71 -3.55 -43.24
CA ILE A 474 -41.36 -2.15 -43.49
C ILE A 474 -42.50 -1.37 -44.13
N THR A 475 -43.30 -2.03 -44.98
CA THR A 475 -44.40 -1.35 -45.66
C THR A 475 -45.74 -1.47 -44.95
N ALA A 476 -45.78 -2.16 -43.81
CA ALA A 476 -47.04 -2.44 -43.14
C ALA A 476 -47.56 -1.22 -42.42
N LYS A 477 -48.85 -0.97 -42.56
CA LYS A 477 -49.54 0.06 -41.79
C LYS A 477 -50.14 -0.57 -40.54
N GLU A 478 -50.81 0.23 -39.72
CA GLU A 478 -51.28 -0.26 -38.43
C GLU A 478 -52.25 -1.43 -38.58
N ASP A 479 -53.04 -1.46 -39.65
CA ASP A 479 -54.01 -2.53 -39.86
C ASP A 479 -53.41 -3.78 -40.53
N ASP A 480 -52.09 -3.83 -40.63
CA ASP A 480 -51.39 -5.05 -41.07
C ASP A 480 -50.68 -5.75 -39.93
N LEU A 481 -50.43 -5.06 -38.82
CA LEU A 481 -49.69 -5.62 -37.69
C LEU A 481 -50.31 -6.87 -37.08
N ASN A 482 -51.64 -6.96 -37.13
CA ASN A 482 -52.26 -8.13 -36.55
C ASN A 482 -52.04 -9.42 -37.26
N SER A 483 -51.91 -9.39 -38.58
CA SER A 483 -51.71 -10.61 -39.36
C SER A 483 -50.35 -11.27 -39.11
N PHE A 484 -49.36 -10.53 -38.64
CA PHE A 484 -48.07 -11.13 -38.32
C PHE A 484 -48.27 -12.20 -37.26
N ASN A 485 -47.46 -13.24 -37.33
CA ASN A 485 -47.64 -14.41 -36.48
C ASN A 485 -46.42 -15.28 -36.56
N ALA A 486 -46.16 -16.04 -35.48
CA ALA A 486 -44.97 -16.89 -35.39
C ALA A 486 -44.76 -17.76 -36.63
N THR A 487 -45.85 -18.12 -37.31
CA THR A 487 -45.74 -18.96 -38.49
C THR A 487 -44.89 -18.31 -39.57
N ASP A 488 -44.79 -16.97 -39.55
CA ASP A 488 -44.00 -16.27 -40.57
C ASP A 488 -42.55 -16.75 -40.64
N LEU A 489 -42.07 -17.38 -39.57
CA LEU A 489 -40.69 -17.88 -39.50
C LEU A 489 -40.56 -19.38 -39.70
N LYS A 490 -41.69 -20.09 -39.69
CA LYS A 490 -41.70 -21.55 -39.73
C LYS A 490 -40.55 -22.19 -40.51
N ASP A 491 -40.26 -21.64 -41.68
CA ASP A 491 -39.29 -22.23 -42.60
C ASP A 491 -38.02 -21.40 -42.73
N LEU A 492 -37.80 -20.47 -41.80
CA LEU A 492 -36.58 -19.67 -41.83
C LEU A 492 -35.52 -20.27 -40.94
N SER A 493 -34.32 -20.45 -41.48
CA SER A 493 -33.19 -20.93 -40.69
C SER A 493 -32.61 -19.80 -39.85
N SER A 494 -31.71 -20.16 -38.94
CA SER A 494 -31.09 -19.17 -38.07
CA SER A 494 -31.08 -19.17 -38.07
C SER A 494 -30.39 -18.08 -38.88
N HIS A 495 -29.64 -18.48 -39.90
CA HIS A 495 -28.94 -17.50 -40.74
C HIS A 495 -29.92 -16.61 -41.50
N GLN A 496 -31.00 -17.21 -42.00
CA GLN A 496 -32.07 -16.43 -42.63
C GLN A 496 -32.75 -15.50 -41.63
N LEU A 497 -32.97 -15.99 -40.41
CA LEU A 497 -33.55 -15.15 -39.38
C LEU A 497 -32.67 -13.91 -39.13
N ASN A 498 -31.36 -14.08 -39.16
CA ASN A 498 -30.46 -12.97 -38.91
C ASN A 498 -30.43 -11.99 -40.06
N GLU A 499 -30.41 -12.50 -41.30
CA GLU A 499 -30.41 -11.63 -42.47
C GLU A 499 -31.69 -10.81 -42.54
N PHE A 500 -32.82 -11.39 -42.15
CA PHE A 500 -34.05 -10.62 -42.09
C PHE A 500 -33.91 -9.40 -41.17
N LEU A 501 -33.28 -9.61 -40.02
CA LEU A 501 -33.06 -8.50 -39.09
C LEU A 501 -32.09 -7.48 -39.64
N ALA A 502 -31.06 -7.93 -40.36
CA ALA A 502 -30.18 -7.00 -41.06
C ALA A 502 -30.91 -6.23 -42.16
N GLN A 503 -31.78 -6.93 -42.89
CA GLN A 503 -32.61 -6.30 -43.91
C GLN A 503 -33.47 -5.21 -43.29
N THR A 504 -34.09 -5.50 -42.15
CA THR A 504 -34.92 -4.53 -41.47
C THR A 504 -34.05 -3.47 -40.78
N LEU A 505 -33.02 -3.89 -40.07
CA LEU A 505 -32.15 -2.95 -39.37
C LEU A 505 -31.68 -1.83 -40.28
N GLN A 506 -31.52 -2.12 -41.57
CA GLN A 506 -31.03 -1.10 -42.51
C GLN A 506 -32.03 0.03 -42.76
N ARG A 507 -33.32 -0.27 -42.62
CA ARG A 507 -34.36 0.73 -42.84
C ARG A 507 -34.88 1.29 -41.52
N ALA A 508 -34.02 1.31 -40.50
CA ALA A 508 -34.42 1.83 -39.21
C ALA A 508 -34.39 3.34 -39.23
N PRO A 509 -35.20 3.99 -38.37
CA PRO A 509 -36.10 3.32 -37.43
C PRO A 509 -37.43 2.87 -38.03
N LEU A 510 -38.07 1.95 -37.32
CA LEU A 510 -39.42 1.47 -37.57
C LEU A 510 -40.36 2.15 -36.59
N PRO A 511 -41.66 2.14 -36.91
CA PRO A 511 -42.65 2.56 -35.91
C PRO A 511 -42.54 1.73 -34.65
N LEU A 512 -42.48 2.41 -33.51
CA LEU A 512 -42.42 1.72 -32.23
C LEU A 512 -43.50 0.64 -32.11
N GLY A 513 -44.70 0.88 -32.68
CA GLY A 513 -45.76 -0.11 -32.69
C GLY A 513 -45.34 -1.37 -33.41
N HIS A 514 -44.62 -1.22 -34.53
CA HIS A 514 -44.12 -2.37 -35.28
C HIS A 514 -43.15 -3.17 -34.44
N ILE A 515 -42.21 -2.49 -33.78
CA ILE A 515 -41.22 -3.16 -32.96
C ILE A 515 -41.89 -3.98 -31.88
N LYS A 516 -42.94 -3.43 -31.26
CA LYS A 516 -43.65 -4.16 -30.21
C LYS A 516 -44.39 -5.36 -30.77
N ARG A 517 -45.11 -5.16 -31.86
CA ARG A 517 -45.80 -6.27 -32.49
C ARG A 517 -44.83 -7.38 -32.86
N MET A 518 -43.60 -7.01 -33.20
CA MET A 518 -42.58 -8.01 -33.56
C MET A 518 -42.17 -8.84 -32.35
N GLN A 519 -41.87 -8.19 -31.23
CA GLN A 519 -41.61 -8.91 -30.00
C GLN A 519 -42.82 -9.73 -29.58
N GLU A 520 -44.02 -9.24 -29.85
CA GLU A 520 -45.17 -9.96 -29.44
C GLU A 520 -45.39 -11.24 -30.24
N VAL A 521 -45.16 -11.22 -31.55
CA VAL A 521 -45.39 -12.39 -32.40
C VAL A 521 -44.14 -13.28 -32.46
N TYR A 522 -42.96 -12.66 -32.53
CA TYR A 522 -41.72 -13.40 -32.77
C TYR A 522 -40.93 -13.74 -31.52
N ASN A 523 -41.20 -13.06 -30.41
CA ASN A 523 -40.46 -13.27 -29.16
C ASN A 523 -38.95 -13.34 -29.41
N PHE A 524 -38.44 -12.33 -30.10
CA PHE A 524 -37.01 -12.26 -30.38
C PHE A 524 -36.16 -12.06 -29.12
N ASN A 525 -36.79 -11.56 -28.04
CA ASN A 525 -36.05 -11.38 -26.79
C ASN A 525 -35.49 -12.71 -26.27
N ALA A 526 -36.24 -13.79 -26.44
CA ALA A 526 -35.89 -15.08 -25.86
C ALA A 526 -34.76 -15.79 -26.60
N ILE A 527 -34.34 -15.26 -27.74
CA ILE A 527 -33.28 -15.91 -28.52
C ILE A 527 -31.92 -15.58 -27.91
N ASN A 528 -31.06 -16.59 -27.86
CA ASN A 528 -29.73 -16.42 -27.30
C ASN A 528 -28.61 -16.33 -28.32
N ASN A 529 -28.88 -16.70 -29.57
CA ASN A 529 -27.90 -16.54 -30.64
C ASN A 529 -27.54 -15.06 -30.63
N SER A 530 -26.28 -14.76 -30.32
CA SER A 530 -25.87 -13.37 -30.09
C SER A 530 -25.92 -12.56 -31.38
N GLU A 531 -25.70 -13.20 -32.54
CA GLU A 531 -25.83 -12.48 -33.81
C GLU A 531 -27.26 -11.98 -34.02
N ILE A 532 -28.23 -12.86 -33.81
CA ILE A 532 -29.63 -12.47 -33.94
C ILE A 532 -29.98 -11.46 -32.84
N ARG A 533 -29.64 -11.78 -31.60
CA ARG A 533 -29.98 -10.91 -30.48
C ARG A 533 -29.30 -9.55 -30.61
N PHE A 534 -28.09 -9.51 -31.14
CA PHE A 534 -27.38 -8.23 -31.32
C PHE A 534 -28.13 -7.34 -32.30
N ARG A 535 -28.55 -7.89 -33.43
CA ARG A 535 -29.26 -7.09 -34.43
C ARG A 535 -30.66 -6.72 -33.96
N TRP A 536 -31.29 -7.62 -33.21
CA TRP A 536 -32.60 -7.35 -32.65
C TRP A 536 -32.53 -6.09 -31.77
N LEU A 537 -31.63 -6.11 -30.79
CA LEU A 537 -31.55 -4.99 -29.84
C LEU A 537 -31.07 -3.70 -30.51
N ARG A 538 -30.27 -3.80 -31.57
CA ARG A 538 -29.91 -2.60 -32.33
C ARG A 538 -31.15 -1.99 -33.01
N LEU A 539 -32.01 -2.85 -33.56
CA LEU A 539 -33.25 -2.38 -34.18
C LEU A 539 -34.14 -1.70 -33.14
N CYS A 540 -34.33 -2.34 -32.00
CA CYS A 540 -35.14 -1.75 -30.93
C CYS A 540 -34.62 -0.38 -30.52
N ILE A 541 -33.34 -0.33 -30.14
CA ILE A 541 -32.74 0.92 -29.67
C ILE A 541 -32.78 2.01 -30.74
N GLN A 542 -32.69 1.59 -32.00
CA GLN A 542 -32.78 2.54 -33.10
C GLN A 542 -34.21 3.04 -33.26
N SER A 543 -35.17 2.17 -32.96
CA SER A 543 -36.59 2.49 -33.10
C SER A 543 -37.17 3.09 -31.82
N LYS A 544 -36.32 3.40 -30.84
CA LYS A 544 -36.67 4.19 -29.67
C LYS A 544 -37.59 3.40 -28.77
N TRP A 545 -37.39 2.08 -28.67
CA TRP A 545 -38.08 1.28 -27.66
C TRP A 545 -37.27 1.34 -26.36
N GLU A 546 -37.77 2.09 -25.38
CA GLU A 546 -37.07 2.21 -24.10
C GLU A 546 -36.89 0.83 -23.46
N ASP A 547 -37.91 -0.01 -23.54
CA ASP A 547 -37.87 -1.32 -22.90
C ASP A 547 -36.61 -2.11 -23.23
N ALA A 548 -35.95 -1.79 -24.33
CA ALA A 548 -34.75 -2.52 -24.74
C ALA A 548 -33.47 -1.98 -24.11
N ILE A 549 -33.54 -0.78 -23.53
CA ILE A 549 -32.37 -0.13 -22.95
C ILE A 549 -31.58 -1.01 -21.94
N PRO A 550 -32.26 -1.74 -21.05
CA PRO A 550 -31.50 -2.62 -20.16
C PRO A 550 -30.96 -3.86 -20.88
N LEU A 551 -31.75 -4.43 -21.80
CA LEU A 551 -31.28 -5.60 -22.55
C LEU A 551 -30.02 -5.26 -23.30
N ALA A 552 -30.02 -4.14 -24.01
CA ALA A 552 -28.84 -3.74 -24.78
C ALA A 552 -27.64 -3.48 -23.88
N LEU A 553 -27.87 -2.91 -22.70
CA LEU A 553 -26.77 -2.66 -21.77
C LEU A 553 -26.21 -3.95 -21.20
N LYS A 554 -27.08 -4.89 -20.86
CA LYS A 554 -26.63 -6.18 -20.37
C LYS A 554 -25.75 -6.85 -21.41
N MET A 555 -26.18 -6.86 -22.67
CA MET A 555 -25.42 -7.55 -23.70
C MET A 555 -24.14 -6.81 -24.03
N ALA A 556 -24.18 -5.49 -24.01
CA ALA A 556 -22.98 -4.73 -24.31
C ALA A 556 -21.88 -4.96 -23.26
N THR A 557 -22.27 -5.30 -22.03
CA THR A 557 -21.33 -5.46 -20.92
C THR A 557 -21.06 -6.90 -20.51
N GLU A 558 -22.01 -7.81 -20.72
CA GLU A 558 -21.82 -9.20 -20.32
C GLU A 558 -20.87 -9.95 -21.23
N GLN A 559 -20.59 -9.43 -22.42
CA GLN A 559 -19.57 -9.98 -23.29
C GLN A 559 -18.81 -8.81 -23.91
N GLY A 560 -17.65 -9.11 -24.50
CA GLY A 560 -16.72 -8.06 -24.93
C GLY A 560 -16.43 -7.99 -26.40
N ARG A 561 -17.10 -8.84 -27.20
CA ARG A 561 -16.85 -8.87 -28.64
C ARG A 561 -17.14 -7.47 -29.16
N MET A 562 -16.11 -6.80 -29.69
CA MET A 562 -16.25 -5.42 -30.11
C MET A 562 -17.16 -5.28 -31.32
N LYS A 563 -17.41 -6.37 -32.04
CA LYS A 563 -18.39 -6.34 -33.11
C LYS A 563 -19.79 -5.96 -32.57
N PHE A 564 -20.16 -6.54 -31.42
CA PHE A 564 -21.46 -6.30 -30.82
C PHE A 564 -21.42 -5.13 -29.84
N THR A 565 -20.39 -5.12 -28.98
CA THR A 565 -20.33 -4.13 -27.91
C THR A 565 -20.22 -2.71 -28.45
N ARG A 566 -19.38 -2.51 -29.44
CA ARG A 566 -19.19 -1.16 -29.96
C ARG A 566 -20.44 -0.51 -30.60
N PRO A 567 -21.18 -1.21 -31.46
CA PRO A 567 -22.44 -0.67 -31.99
C PRO A 567 -23.49 -0.45 -30.92
N LEU A 568 -23.67 -1.50 -30.08
CA LEU A 568 -24.67 -1.36 -29.03
C LEU A 568 -24.43 -0.10 -28.20
N PHE A 569 -23.22 0.06 -27.70
CA PHE A 569 -22.87 1.27 -26.96
C PHE A 569 -23.12 2.52 -27.79
N LYS A 570 -22.70 2.50 -29.06
CA LYS A 570 -22.90 3.66 -29.94
C LYS A 570 -24.37 3.97 -30.11
N ASP A 571 -25.17 2.97 -30.48
CA ASP A 571 -26.61 3.17 -30.59
C ASP A 571 -27.21 3.66 -29.28
N LEU A 572 -26.76 3.09 -28.17
CA LEU A 572 -27.27 3.49 -26.85
C LEU A 572 -26.94 4.94 -26.53
N ALA A 573 -25.76 5.40 -26.96
CA ALA A 573 -25.36 6.79 -26.71
C ALA A 573 -26.06 7.77 -27.66
N ALA A 574 -26.54 7.29 -28.79
CA ALA A 574 -27.28 8.12 -29.75
C ALA A 574 -28.78 8.11 -29.48
N PHE A 575 -29.20 7.47 -28.40
CA PHE A 575 -30.60 7.44 -27.98
C PHE A 575 -30.70 8.29 -26.72
N ASP A 576 -31.41 9.40 -26.81
CA ASP A 576 -31.41 10.38 -25.71
C ASP A 576 -31.88 9.77 -24.37
N LYS A 577 -32.85 8.86 -24.41
CA LYS A 577 -33.32 8.24 -23.17
C LYS A 577 -32.21 7.48 -22.47
N SER A 578 -31.27 6.91 -23.23
CA SER A 578 -30.26 6.00 -22.66
C SER A 578 -28.84 6.55 -22.62
N HIS A 579 -28.60 7.73 -23.19
CA HIS A 579 -27.25 8.25 -23.28
C HIS A 579 -26.54 8.25 -21.94
N ASP A 580 -27.19 8.80 -20.92
CA ASP A 580 -26.57 8.87 -19.59
C ASP A 580 -26.17 7.49 -19.06
N GLN A 581 -27.11 6.54 -19.07
CA GLN A 581 -26.80 5.18 -18.63
C GLN A 581 -25.59 4.63 -19.39
N ALA A 582 -25.59 4.78 -20.72
CA ALA A 582 -24.52 4.25 -21.54
C ALA A 582 -23.16 4.80 -21.10
N VAL A 583 -23.07 6.11 -20.91
CA VAL A 583 -21.80 6.72 -20.53
C VAL A 583 -21.43 6.38 -19.09
N ARG A 584 -22.44 6.27 -18.23
CA ARG A 584 -22.23 5.87 -16.85
C ARG A 584 -21.73 4.42 -16.75
N THR A 585 -22.42 3.51 -17.43
CA THR A 585 -22.08 2.09 -17.42
C THR A 585 -20.66 1.86 -17.93
N TYR A 586 -20.30 2.53 -19.02
CA TYR A 586 -18.94 2.41 -19.53
C TYR A 586 -17.97 2.81 -18.46
N GLN A 587 -18.11 4.01 -17.92
CA GLN A 587 -17.22 4.46 -16.85
C GLN A 587 -17.14 3.42 -15.75
N GLU A 588 -18.29 2.89 -15.34
CA GLU A 588 -18.32 1.89 -14.29
C GLU A 588 -17.54 0.63 -14.66
N HIS A 589 -17.48 0.29 -15.95
CA HIS A 589 -16.87 -0.95 -16.40
C HIS A 589 -15.49 -0.79 -17.02
N LYS A 590 -15.08 0.43 -17.35
CA LYS A 590 -13.85 0.65 -18.12
C LYS A 590 -12.64 -0.08 -17.52
N ALA A 591 -12.52 -0.06 -16.20
CA ALA A 591 -11.35 -0.64 -15.56
C ALA A 591 -11.26 -2.16 -15.75
N SER A 592 -12.39 -2.82 -15.93
CA SER A 592 -12.42 -4.28 -16.02
C SER A 592 -12.70 -4.78 -17.45
N MET A 593 -12.67 -3.89 -18.42
CA MET A 593 -12.79 -4.28 -19.82
C MET A 593 -11.41 -4.58 -20.40
N HIS A 594 -11.39 -5.25 -21.55
CA HIS A 594 -10.14 -5.47 -22.27
C HIS A 594 -9.50 -4.11 -22.62
N PRO A 595 -8.18 -3.97 -22.41
CA PRO A 595 -7.54 -2.67 -22.67
C PRO A 595 -7.89 -2.04 -24.01
N VAL A 596 -7.81 -2.79 -25.11
CA VAL A 596 -8.17 -2.24 -26.42
C VAL A 596 -9.67 -1.92 -26.50
N THR A 597 -10.52 -2.82 -26.04
CA THR A 597 -11.96 -2.55 -26.06
C THR A 597 -12.28 -1.27 -25.29
N ALA A 598 -11.67 -1.11 -24.12
CA ALA A 598 -11.91 0.08 -23.32
C ALA A 598 -11.58 1.33 -24.12
N MET A 599 -10.32 1.48 -24.53
CA MET A 599 -9.89 2.65 -25.25
C MET A 599 -10.85 2.99 -26.41
N LEU A 600 -11.26 1.98 -27.17
CA LEU A 600 -12.06 2.21 -28.37
C LEU A 600 -13.49 2.60 -28.02
N VAL A 601 -14.10 1.93 -27.04
CA VAL A 601 -15.43 2.33 -26.62
C VAL A 601 -15.39 3.75 -26.07
N GLY A 602 -14.31 4.09 -25.37
CA GLY A 602 -14.14 5.45 -24.89
C GLY A 602 -14.11 6.46 -26.02
N LYS A 603 -13.33 6.17 -27.06
CA LYS A 603 -13.30 7.04 -28.22
C LYS A 603 -14.68 7.13 -28.89
N ASP A 604 -15.40 6.02 -28.97
CA ASP A 604 -16.74 6.02 -29.57
C ASP A 604 -17.72 6.91 -28.80
N LEU A 605 -17.71 6.80 -27.47
CA LEU A 605 -18.55 7.66 -26.62
C LEU A 605 -17.94 9.04 -26.37
N LYS A 606 -16.81 9.32 -26.99
CA LYS A 606 -16.14 10.62 -26.86
C LYS A 606 -15.93 10.99 -25.40
N VAL A 607 -15.47 10.02 -24.63
CA VAL A 607 -15.34 10.15 -23.19
C VAL A 607 -13.87 10.04 -22.81
N ASP A 608 -13.45 10.88 -21.87
CA ASP A 608 -12.05 10.93 -21.43
C ASP A 608 -11.09 11.23 -22.58
N ILE B 1 1.88 10.87 -16.56
CA ILE B 1 0.52 10.40 -16.79
C ILE B 1 -0.07 9.75 -15.54
N VAL B 2 0.76 8.98 -14.84
CA VAL B 2 0.33 8.30 -13.61
C VAL B 2 1.39 8.47 -12.54
N ASP B 3 0.95 8.82 -11.34
CA ASP B 3 1.84 9.04 -10.20
C ASP B 3 1.82 7.77 -9.36
N THR B 4 2.81 6.90 -9.59
CA THR B 4 2.91 5.62 -8.92
C THR B 4 3.25 5.72 -7.44
N CYS B 5 3.34 6.92 -6.87
CA CYS B 5 3.67 7.10 -5.45
C CYS B 5 2.44 7.51 -4.61
N SER B 6 1.26 7.63 -5.22
CA SER B 6 0.07 8.09 -4.52
C SER B 6 -1.09 7.15 -4.76
N LEU B 7 -1.82 6.87 -3.70
CA LEU B 7 -3.03 6.05 -3.77
C LEU B 7 -4.29 6.89 -3.96
N ALA B 8 -4.14 8.21 -4.07
CA ALA B 8 -5.29 9.09 -4.18
C ALA B 8 -5.81 9.06 -5.60
N SER B 9 -7.03 9.55 -5.78
CA SER B 9 -7.56 9.72 -7.11
C SER B 9 -6.67 10.71 -7.84
N PRO B 10 -6.22 10.39 -9.05
CA PRO B 10 -5.35 11.32 -9.78
C PRO B 10 -6.07 12.56 -10.28
N ALA B 11 -5.28 13.52 -10.76
CA ALA B 11 -5.79 14.80 -11.21
C ALA B 11 -6.73 14.68 -12.40
N SER B 12 -6.71 13.57 -13.11
CA SER B 12 -7.66 13.33 -14.18
C SER B 12 -9.05 12.98 -13.68
N VAL B 13 -9.22 12.87 -12.36
CA VAL B 13 -10.51 12.57 -11.74
C VAL B 13 -11.00 13.71 -10.87
N CYS B 14 -10.09 14.39 -10.18
CA CYS B 14 -10.43 15.55 -9.38
C CYS B 14 -9.16 16.24 -8.93
N ARG B 15 -9.24 17.54 -8.68
CA ARG B 15 -8.09 18.31 -8.25
C ARG B 15 -8.41 19.21 -7.06
N THR B 16 -7.48 19.30 -6.12
CA THR B 16 -7.64 20.13 -4.94
C THR B 16 -7.27 21.55 -5.30
N LYS B 17 -8.18 22.52 -5.01
CA LYS B 17 -7.93 23.93 -5.30
C LYS B 17 -7.42 24.66 -4.05
N HIS B 18 -8.10 24.46 -2.92
CA HIS B 18 -7.70 25.10 -1.68
C HIS B 18 -7.62 24.07 -0.55
N LEU B 19 -6.86 24.44 0.48
CA LEU B 19 -6.80 23.70 1.72
C LEU B 19 -6.95 24.69 2.86
N HIS B 20 -7.94 24.44 3.72
CA HIS B 20 -8.06 25.16 4.97
C HIS B 20 -7.70 24.21 6.09
N LEU B 21 -6.67 24.57 6.86
CA LEU B 21 -6.15 23.71 7.90
C LEU B 21 -6.31 24.42 9.25
N ARG B 22 -7.11 23.83 10.13
CA ARG B 22 -7.23 24.28 11.51
C ARG B 22 -6.86 23.14 12.44
N CYS B 23 -5.73 23.28 13.14
CA CYS B 23 -5.23 22.22 13.99
C CYS B 23 -4.59 22.77 15.25
N SER B 24 -4.27 21.86 16.17
CA SER B 24 -3.66 22.18 17.44
C SER B 24 -2.49 21.26 17.66
N VAL B 25 -1.39 21.81 18.18
CA VAL B 25 -0.17 21.04 18.42
C VAL B 25 -0.14 20.64 19.89
N ASP B 26 -0.27 19.35 20.16
CA ASP B 26 -0.25 18.78 21.50
C ASP B 26 1.13 18.17 21.77
N PHE B 27 1.97 18.91 22.48
CA PHE B 27 3.31 18.41 22.76
C PHE B 27 3.30 17.27 23.77
N THR B 28 2.30 17.26 24.65
CA THR B 28 2.16 16.16 25.60
C THR B 28 1.92 14.85 24.88
N ARG B 29 1.03 14.87 23.88
CA ARG B 29 0.67 13.66 23.14
C ARG B 29 1.42 13.46 21.83
N ARG B 30 2.14 14.47 21.37
CA ARG B 30 2.85 14.40 20.09
C ARG B 30 1.89 14.13 18.95
N THR B 31 0.80 14.89 18.92
CA THR B 31 -0.21 14.79 17.88
C THR B 31 -0.59 16.17 17.35
N LEU B 32 -0.83 16.22 16.05
CA LEU B 32 -1.49 17.35 15.42
C LEU B 32 -2.91 16.92 15.15
N THR B 33 -3.81 17.62 15.80
CA THR B 33 -5.24 17.35 15.70
C THR B 33 -6.00 18.53 15.14
N GLY B 34 -7.00 18.31 14.30
CA GLY B 34 -7.75 19.42 13.71
C GLY B 34 -8.63 19.02 12.54
N THR B 35 -9.00 19.96 11.68
CA THR B 35 -9.76 19.66 10.48
C THR B 35 -8.99 20.16 9.26
N ALA B 36 -8.99 19.35 8.20
CA ALA B 36 -8.48 19.73 6.91
C ALA B 36 -9.62 19.75 5.91
N ALA B 37 -9.98 20.93 5.43
CA ALA B 37 -11.06 21.12 4.49
C ALA B 37 -10.49 21.36 3.10
N LEU B 38 -10.70 20.38 2.21
CA LEU B 38 -10.18 20.45 0.85
C LEU B 38 -11.25 20.94 -0.12
N THR B 39 -10.92 21.94 -0.92
CA THR B 39 -11.77 22.37 -2.01
C THR B 39 -11.38 21.54 -3.21
N VAL B 40 -12.22 20.57 -3.57
CA VAL B 40 -11.92 19.60 -4.62
C VAL B 40 -12.84 19.85 -5.81
N GLN B 41 -12.25 19.81 -7.01
CA GLN B 41 -12.95 20.10 -8.26
C GLN B 41 -12.98 18.84 -9.12
N SER B 42 -14.18 18.34 -9.41
CA SER B 42 -14.31 17.15 -10.23
C SER B 42 -13.78 17.40 -11.64
N GLN B 43 -13.04 16.42 -12.16
CA GLN B 43 -12.51 16.49 -13.52
C GLN B 43 -13.23 15.54 -14.46
N GLU B 44 -14.36 14.99 -14.04
CA GLU B 44 -15.12 14.07 -14.87
C GLU B 44 -16.57 14.11 -14.50
N ASP B 45 -17.42 13.87 -15.49
CA ASP B 45 -18.84 13.89 -15.27
C ASP B 45 -19.24 12.78 -14.32
N ASN B 46 -20.23 13.07 -13.48
CA ASN B 46 -20.86 12.06 -12.62
C ASN B 46 -19.90 11.45 -11.58
N LEU B 47 -19.09 12.29 -10.94
CA LEU B 47 -18.19 11.84 -9.90
C LEU B 47 -18.93 11.69 -8.59
N ARG B 48 -18.84 10.51 -7.99
CA ARG B 48 -19.57 10.23 -6.76
C ARG B 48 -18.65 9.96 -5.56
N SER B 49 -17.38 9.68 -5.82
CA SER B 49 -16.46 9.37 -4.72
C SER B 49 -15.04 9.62 -5.19
N LEU B 50 -14.15 9.85 -4.23
CA LEU B 50 -12.74 10.09 -4.52
C LEU B 50 -11.88 9.43 -3.46
N VAL B 51 -10.57 9.45 -3.66
CA VAL B 51 -9.63 8.78 -2.78
C VAL B 51 -8.49 9.71 -2.45
N LEU B 52 -8.11 9.75 -1.18
CA LEU B 52 -7.05 10.61 -0.69
C LEU B 52 -5.94 9.75 -0.10
N ASP B 53 -4.74 10.33 0.00
CA ASP B 53 -3.62 9.68 0.66
C ASP B 53 -3.66 9.98 2.15
N THR B 54 -3.30 8.99 2.96
CA THR B 54 -3.16 9.16 4.39
C THR B 54 -2.10 8.18 4.87
N LYS B 55 -1.32 8.61 5.85
CA LYS B 55 -0.31 7.75 6.45
C LYS B 55 -0.45 7.86 7.98
N ASP B 56 -0.87 6.76 8.61
CA ASP B 56 -1.01 6.70 10.07
C ASP B 56 -1.81 7.88 10.60
N LEU B 57 -2.89 8.21 9.91
CA LEU B 57 -3.77 9.28 10.34
C LEU B 57 -5.06 8.71 10.90
N THR B 58 -5.46 9.20 12.07
CA THR B 58 -6.78 8.89 12.61
C THR B 58 -7.78 9.83 11.97
N ILE B 59 -8.88 9.27 11.45
CA ILE B 59 -9.93 10.06 10.81
C ILE B 59 -11.20 9.94 11.64
N GLU B 60 -11.60 11.03 12.30
CA GLU B 60 -12.77 10.98 13.16
C GLU B 60 -14.05 11.04 12.33
N LYS B 61 -14.18 12.05 11.48
CA LYS B 61 -15.39 12.22 10.68
C LYS B 61 -15.05 13.02 9.44
N VAL B 62 -15.93 12.91 8.44
CA VAL B 62 -15.84 13.69 7.22
C VAL B 62 -17.17 14.40 7.04
N VAL B 63 -17.13 15.73 7.08
CA VAL B 63 -18.33 16.56 6.99
C VAL B 63 -18.33 17.27 5.64
N ILE B 64 -19.46 17.14 4.92
CA ILE B 64 -19.68 17.83 3.66
C ILE B 64 -21.05 18.50 3.74
N ASN B 65 -21.09 19.80 3.51
CA ASN B 65 -22.33 20.57 3.52
C ASN B 65 -23.03 20.50 4.87
N GLY B 66 -22.25 20.34 5.94
CA GLY B 66 -22.82 20.30 7.27
C GLY B 66 -23.37 18.97 7.71
N GLN B 67 -23.15 17.92 6.94
CA GLN B 67 -23.56 16.56 7.31
C GLN B 67 -22.35 15.64 7.28
N GLU B 68 -22.38 14.60 8.09
CA GLU B 68 -21.36 13.58 8.02
C GLU B 68 -21.62 12.71 6.82
N VAL B 69 -20.54 12.19 6.23
CA VAL B 69 -20.63 11.33 5.06
C VAL B 69 -19.88 10.05 5.33
N LYS B 70 -20.28 8.98 4.66
CA LYS B 70 -19.58 7.72 4.78
C LYS B 70 -18.19 7.85 4.15
N TYR B 71 -17.23 7.16 4.76
CA TYR B 71 -15.86 7.12 4.27
C TYR B 71 -15.22 5.83 4.77
N ALA B 72 -14.12 5.44 4.14
CA ALA B 72 -13.50 4.18 4.46
C ALA B 72 -12.00 4.22 4.28
N LEU B 73 -11.26 3.83 5.32
CA LEU B 73 -9.84 3.58 5.21
C LEU B 73 -9.60 2.20 4.64
N GLY B 74 -8.67 2.09 3.71
CA GLY B 74 -8.24 0.81 3.19
C GLY B 74 -7.08 0.24 4.00
N GLU B 75 -6.62 -0.93 3.59
CA GLU B 75 -5.48 -1.53 4.25
C GLU B 75 -4.21 -0.83 3.79
N ARG B 76 -3.17 -0.93 4.60
CA ARG B 76 -1.92 -0.23 4.35
C ARG B 76 -1.15 -0.83 3.18
N GLN B 77 -0.41 0.02 2.47
CA GLN B 77 0.53 -0.43 1.46
C GLN B 77 1.93 0.06 1.82
N SER B 78 2.37 -0.31 3.03
CA SER B 78 3.65 0.12 3.59
C SER B 78 3.89 1.64 3.47
N TYR B 79 4.96 2.02 2.79
CA TYR B 79 5.42 3.41 2.78
C TYR B 79 4.42 4.38 2.14
N LYS B 80 3.49 3.87 1.34
CA LYS B 80 2.53 4.75 0.67
C LYS B 80 1.38 5.15 1.57
N GLY B 81 1.25 4.56 2.75
CA GLY B 81 0.18 4.92 3.65
C GLY B 81 -1.06 4.10 3.40
N SER B 82 -2.22 4.67 3.74
CA SER B 82 -3.50 3.98 3.60
C SER B 82 -4.48 4.85 2.80
N PRO B 83 -5.05 4.32 1.72
CA PRO B 83 -6.03 5.11 0.98
C PRO B 83 -7.33 5.28 1.75
N MET B 84 -7.96 6.43 1.55
CA MET B 84 -9.20 6.77 2.23
C MET B 84 -10.22 7.20 1.19
N GLU B 85 -11.23 6.36 0.99
CA GLU B 85 -12.30 6.67 0.04
C GLU B 85 -13.39 7.44 0.74
N ILE B 86 -13.82 8.54 0.14
CA ILE B 86 -14.90 9.37 0.66
C ILE B 86 -16.04 9.32 -0.32
N SER B 87 -17.25 9.14 0.19
CA SER B 87 -18.46 9.07 -0.63
C SER B 87 -19.17 10.41 -0.60
N LEU B 88 -19.29 11.04 -1.77
CA LEU B 88 -19.86 12.37 -1.84
C LEU B 88 -21.37 12.32 -1.73
N PRO B 89 -21.98 13.32 -1.06
CA PRO B 89 -23.44 13.37 -0.95
C PRO B 89 -24.16 13.76 -2.23
N ILE B 90 -23.44 14.36 -3.18
CA ILE B 90 -23.98 14.70 -4.50
C ILE B 90 -23.03 14.19 -5.56
N ALA B 91 -23.58 13.81 -6.71
CA ALA B 91 -22.76 13.51 -7.88
C ALA B 91 -22.30 14.82 -8.50
N LEU B 92 -21.04 14.86 -8.92
CA LEU B 92 -20.41 16.09 -9.38
C LEU B 92 -20.20 16.08 -10.89
N SER B 93 -20.67 17.13 -11.56
CA SER B 93 -20.30 17.37 -12.95
C SER B 93 -18.86 17.89 -13.03
N LYS B 94 -18.28 17.76 -14.21
CA LYS B 94 -16.92 18.21 -14.42
C LYS B 94 -16.82 19.69 -14.08
N ASN B 95 -15.74 20.04 -13.41
CA ASN B 95 -15.42 21.41 -12.97
C ASN B 95 -16.25 21.88 -11.80
N GLN B 96 -17.21 21.08 -11.36
CA GLN B 96 -17.98 21.40 -10.16
C GLN B 96 -17.07 21.24 -8.93
N GLU B 97 -17.43 21.88 -7.82
CA GLU B 97 -16.60 21.81 -6.63
C GLU B 97 -17.44 21.54 -5.37
N ILE B 98 -16.79 20.95 -4.37
CA ILE B 98 -17.36 20.84 -3.04
C ILE B 98 -16.22 20.98 -2.03
N VAL B 99 -16.55 21.37 -0.81
CA VAL B 99 -15.60 21.47 0.27
C VAL B 99 -15.80 20.24 1.16
N ILE B 100 -14.73 19.48 1.37
CA ILE B 100 -14.73 18.28 2.20
C ILE B 100 -13.96 18.53 3.50
N GLU B 101 -14.68 18.72 4.60
CA GLU B 101 -14.07 18.97 5.90
C GLU B 101 -13.76 17.64 6.56
N ILE B 102 -12.49 17.34 6.74
CA ILE B 102 -12.03 16.08 7.30
C ILE B 102 -11.45 16.36 8.65
N SER B 103 -11.91 15.62 9.67
CA SER B 103 -11.37 15.70 11.02
C SER B 103 -10.32 14.61 11.23
N PHE B 104 -9.11 15.02 11.60
CA PHE B 104 -7.97 14.12 11.58
C PHE B 104 -7.07 14.35 12.77
N GLU B 105 -6.37 13.28 13.17
CA GLU B 105 -5.36 13.34 14.21
C GLU B 105 -4.15 12.56 13.73
N THR B 106 -2.97 13.16 13.84
CA THR B 106 -1.74 12.51 13.43
C THR B 106 -1.28 11.54 14.51
N SER B 107 -0.52 10.55 14.09
CA SER B 107 0.15 9.67 15.01
C SER B 107 1.46 10.29 15.44
N PRO B 108 1.88 10.06 16.71
CA PRO B 108 3.21 10.50 17.15
C PRO B 108 4.33 10.01 16.25
N LYS B 109 4.07 8.91 15.53
CA LYS B 109 5.06 8.30 14.64
C LYS B 109 5.03 8.84 13.21
N SER B 110 4.30 9.92 12.96
CA SER B 110 4.20 10.50 11.62
C SER B 110 5.58 10.64 10.96
N SER B 111 5.75 9.97 9.83
CA SER B 111 7.05 9.97 9.16
C SER B 111 7.46 11.36 8.73
N ALA B 112 6.53 12.31 8.82
CA ALA B 112 6.73 13.66 8.32
C ALA B 112 7.17 14.62 9.42
N LEU B 113 7.12 14.15 10.67
CA LEU B 113 7.30 15.02 11.83
C LEU B 113 8.35 14.45 12.76
N GLN B 114 9.19 15.34 13.30
CA GLN B 114 10.05 14.99 14.42
C GLN B 114 9.63 15.83 15.61
N TRP B 115 9.30 15.16 16.71
CA TRP B 115 9.03 15.81 17.98
C TRP B 115 10.37 15.77 18.74
N LEU B 116 10.77 16.91 19.30
CA LEU B 116 11.99 17.00 20.08
C LEU B 116 11.60 17.34 21.52
N THR B 117 12.30 16.73 22.47
CA THR B 117 12.13 17.10 23.85
C THR B 117 13.03 18.29 24.14
N PRO B 118 12.68 19.08 25.17
CA PRO B 118 13.50 20.26 25.48
C PRO B 118 14.98 19.98 25.46
N GLU B 119 15.40 18.90 26.13
CA GLU B 119 16.81 18.54 26.14
CA GLU B 119 16.80 18.50 26.14
C GLU B 119 17.38 18.46 24.73
N GLN B 120 16.54 18.17 23.73
CA GLN B 120 16.99 18.08 22.34
C GLN B 120 17.10 19.42 21.62
N THR B 121 16.65 20.50 22.26
CA THR B 121 16.74 21.82 21.65
C THR B 121 17.94 22.59 22.21
N SER B 122 18.18 23.78 21.67
CA SER B 122 19.28 24.60 22.14
C SER B 122 19.03 25.13 23.56
N GLY B 123 17.84 25.70 23.77
CA GLY B 123 17.48 26.36 25.03
C GLY B 123 17.08 25.45 26.17
N LYS B 124 16.86 24.16 25.90
CA LYS B 124 16.65 23.14 26.93
C LYS B 124 15.41 23.40 27.78
N GLU B 125 14.58 24.34 27.38
CA GLU B 125 13.41 24.71 28.19
C GLU B 125 12.07 24.40 27.53
N HIS B 126 12.04 24.35 26.20
CA HIS B 126 10.79 24.15 25.47
C HIS B 126 10.96 23.05 24.44
N PRO B 127 9.88 22.34 24.13
CA PRO B 127 9.93 21.36 23.05
C PRO B 127 10.03 22.02 21.66
N TYR B 128 9.89 21.22 20.61
CA TYR B 128 10.13 21.68 19.27
C TYR B 128 9.56 20.66 18.30
N LEU B 129 8.94 21.15 17.22
CA LEU B 129 8.37 20.30 16.20
C LEU B 129 8.64 20.90 14.84
N PHE B 130 9.04 20.06 13.89
CA PHE B 130 9.29 20.52 12.54
C PHE B 130 8.93 19.43 11.53
N SER B 131 8.38 19.84 10.40
CA SER B 131 7.90 18.93 9.39
C SER B 131 8.83 18.87 8.19
N GLN B 132 8.75 17.75 7.47
CA GLN B 132 9.46 17.56 6.22
C GLN B 132 8.63 16.63 5.35
N CYS B 133 7.94 17.20 4.37
CA CYS B 133 6.96 16.45 3.58
C CYS B 133 7.51 15.91 2.26
N GLN B 134 8.64 16.43 1.80
CA GLN B 134 9.29 15.87 0.63
C GLN B 134 9.79 14.47 1.00
N ALA B 135 9.38 13.44 0.25
CA ALA B 135 8.55 13.58 -0.96
C ALA B 135 7.08 13.41 -0.77
N ILE B 136 6.76 12.32 -0.12
CA ILE B 136 5.36 11.93 0.03
C ILE B 136 4.97 11.76 1.50
N HIS B 137 5.36 12.72 2.33
CA HIS B 137 5.06 12.66 3.75
C HIS B 137 3.96 13.55 4.19
N CYS B 138 3.50 14.42 3.30
CA CYS B 138 2.37 15.26 3.63
C CYS B 138 1.15 14.43 4.03
N ARG B 139 1.04 13.23 3.45
CA ARG B 139 -0.05 12.32 3.79
C ARG B 139 0.00 11.92 5.26
N ALA B 140 1.18 11.99 5.86
CA ALA B 140 1.34 11.67 7.27
C ALA B 140 0.92 12.81 8.18
N ILE B 141 0.62 13.97 7.61
CA ILE B 141 0.19 15.11 8.41
C ILE B 141 -1.32 15.29 8.22
N LEU B 142 -1.75 15.44 6.98
CA LEU B 142 -3.16 15.66 6.67
C LEU B 142 -3.58 14.84 5.47
N PRO B 143 -4.86 14.48 5.40
CA PRO B 143 -5.34 13.73 4.24
C PRO B 143 -5.41 14.61 3.02
N CYS B 144 -4.94 14.09 1.90
CA CYS B 144 -4.79 14.90 0.70
C CYS B 144 -4.41 14.03 -0.48
N GLN B 145 -4.48 14.60 -1.67
CA GLN B 145 -3.93 13.99 -2.87
C GLN B 145 -2.44 14.21 -2.85
N ASP B 146 -1.75 13.36 -2.08
CA ASP B 146 -0.32 13.53 -1.83
C ASP B 146 0.48 13.28 -3.11
N THR B 147 0.43 14.25 -4.01
CA THR B 147 1.09 14.13 -5.32
C THR B 147 1.45 15.51 -5.88
N PRO B 148 2.63 15.64 -6.48
CA PRO B 148 3.03 16.94 -7.01
C PRO B 148 2.26 17.36 -8.26
N SER B 149 1.44 16.47 -8.82
CA SER B 149 0.63 16.82 -9.98
C SER B 149 -0.58 17.70 -9.63
N VAL B 150 -0.83 17.93 -8.35
CA VAL B 150 -1.92 18.78 -7.91
C VAL B 150 -1.30 19.96 -7.18
N LYS B 151 -1.83 21.15 -7.50
CA LYS B 151 -1.37 22.39 -6.87
C LYS B 151 -2.53 23.11 -6.22
N LEU B 152 -2.29 23.62 -5.01
CA LEU B 152 -3.36 24.22 -4.21
C LEU B 152 -2.81 25.32 -3.33
N THR B 153 -3.62 26.36 -3.17
CA THR B 153 -3.38 27.37 -2.16
C THR B 153 -3.80 26.79 -0.83
N TYR B 154 -3.44 27.47 0.25
CA TYR B 154 -3.92 27.05 1.57
C TYR B 154 -3.92 28.21 2.56
N THR B 155 -4.76 28.06 3.58
CA THR B 155 -4.82 28.95 4.71
C THR B 155 -4.87 28.08 5.97
N ALA B 156 -4.20 28.54 7.02
CA ALA B 156 -4.02 27.71 8.21
C ALA B 156 -4.17 28.51 9.50
N GLU B 157 -4.80 27.91 10.50
CA GLU B 157 -4.78 28.39 11.85
C GLU B 157 -4.18 27.27 12.69
N VAL B 158 -3.04 27.57 13.34
CA VAL B 158 -2.36 26.61 14.19
C VAL B 158 -2.45 27.09 15.63
N SER B 159 -3.03 26.28 16.50
CA SER B 159 -3.06 26.57 17.95
C SER B 159 -1.90 25.87 18.63
N VAL B 160 -1.13 26.63 19.39
CA VAL B 160 0.05 26.08 20.05
C VAL B 160 0.16 26.72 21.41
N PRO B 161 0.90 26.07 22.33
CA PRO B 161 1.22 26.70 23.61
C PRO B 161 1.69 28.14 23.45
N LYS B 162 1.01 29.05 24.14
CA LYS B 162 1.20 30.48 23.93
C LYS B 162 2.66 30.92 24.03
N GLU B 163 3.48 30.14 24.73
CA GLU B 163 4.87 30.49 24.92
C GLU B 163 5.74 30.20 23.69
N LEU B 164 5.16 29.55 22.70
CA LEU B 164 5.90 29.12 21.51
C LEU B 164 5.46 29.90 20.27
N VAL B 165 6.20 29.69 19.19
CA VAL B 165 5.94 30.34 17.91
C VAL B 165 5.70 29.27 16.86
N ALA B 166 4.73 29.52 15.98
CA ALA B 166 4.47 28.66 14.83
C ALA B 166 4.77 29.44 13.55
N LEU B 167 5.40 28.76 12.59
CA LEU B 167 5.67 29.33 11.27
C LEU B 167 5.34 28.27 10.22
N MET B 168 4.90 28.71 9.06
CA MET B 168 4.52 27.81 8.00
C MET B 168 5.11 28.30 6.70
N SER B 169 5.04 27.45 5.67
CA SER B 169 5.52 27.78 4.35
C SER B 169 4.57 28.75 3.66
N ALA B 170 4.26 29.85 4.35
CA ALA B 170 3.26 30.79 3.88
C ALA B 170 3.50 32.15 4.52
N ILE B 171 2.71 33.12 4.09
CA ILE B 171 2.78 34.46 4.66
C ILE B 171 2.08 34.47 6.02
N ARG B 172 2.71 35.14 6.97
CA ARG B 172 2.11 35.32 8.29
CA ARG B 172 2.11 35.30 8.30
C ARG B 172 0.89 36.20 8.18
N ASP B 173 -0.17 35.86 8.92
CA ASP B 173 -1.43 36.57 8.83
C ASP B 173 -2.02 36.89 10.20
N GLY B 174 -1.18 37.06 11.21
CA GLY B 174 -1.62 37.51 12.52
C GLY B 174 -1.72 36.39 13.52
N GLU B 175 -1.45 36.73 14.78
CA GLU B 175 -1.58 35.83 15.90
C GLU B 175 -2.53 36.43 16.94
N THR B 176 -3.46 35.61 17.41
CA THR B 176 -4.37 36.00 18.48
C THR B 176 -4.43 34.90 19.53
N PRO B 177 -4.77 35.26 20.77
CA PRO B 177 -4.90 34.24 21.80
C PRO B 177 -5.97 33.25 21.43
N ASP B 178 -5.78 32.00 21.80
CA ASP B 178 -6.77 30.98 21.51
C ASP B 178 -7.99 31.24 22.37
N PRO B 179 -9.10 31.69 21.79
CA PRO B 179 -10.29 31.98 22.63
C PRO B 179 -10.86 30.75 23.34
N GLU B 180 -10.48 29.55 22.91
CA GLU B 180 -10.93 28.33 23.55
C GLU B 180 -9.98 27.85 24.64
N ASP B 181 -8.85 28.52 24.83
CA ASP B 181 -7.83 28.05 25.77
C ASP B 181 -6.81 29.16 25.97
N PRO B 182 -6.85 29.84 27.12
CA PRO B 182 -5.90 30.94 27.37
C PRO B 182 -4.44 30.50 27.43
N SER B 183 -4.18 29.20 27.54
CA SER B 183 -2.80 28.70 27.61
C SER B 183 -2.16 28.54 26.24
N ARG B 184 -2.85 28.98 25.18
CA ARG B 184 -2.37 28.75 23.82
C ARG B 184 -2.53 29.99 22.98
N LYS B 185 -1.80 30.02 21.87
CA LYS B 185 -1.97 31.03 20.82
C LYS B 185 -2.37 30.35 19.53
N ILE B 186 -2.90 31.14 18.60
CA ILE B 186 -3.27 30.65 17.29
C ILE B 186 -2.53 31.51 16.27
N TYR B 187 -1.62 30.90 15.51
CA TYR B 187 -0.91 31.59 14.44
C TYR B 187 -1.61 31.34 13.10
N LYS B 188 -1.88 32.42 12.38
CA LYS B 188 -2.61 32.36 11.11
C LYS B 188 -1.66 32.52 9.95
N PHE B 189 -1.92 31.80 8.86
CA PHE B 189 -1.06 31.80 7.70
C PHE B 189 -1.91 31.79 6.43
N ILE B 190 -1.35 32.32 5.34
CA ILE B 190 -1.97 32.24 4.01
C ILE B 190 -0.88 32.10 2.95
N GLN B 191 -1.12 31.18 2.02
CA GLN B 191 -0.23 30.92 0.91
C GLN B 191 -1.05 31.11 -0.37
N LYS B 192 -0.97 32.30 -0.94
CA LYS B 192 -1.81 32.68 -2.09
C LYS B 192 -1.32 32.12 -3.44
N VAL B 193 -0.19 31.44 -3.45
CA VAL B 193 0.28 30.87 -4.71
C VAL B 193 0.14 29.37 -4.62
N PRO B 194 -0.26 28.75 -5.73
CA PRO B 194 -0.62 27.34 -5.67
C PRO B 194 0.69 26.56 -5.56
N ILE B 195 0.72 25.61 -4.64
CA ILE B 195 1.92 24.82 -4.37
C ILE B 195 1.58 23.36 -4.37
N PRO B 196 2.53 22.51 -4.79
CA PRO B 196 2.37 21.09 -4.50
C PRO B 196 2.36 20.87 -3.01
N CYS B 197 1.57 19.89 -2.56
CA CYS B 197 1.38 19.68 -1.13
C CYS B 197 2.68 19.30 -0.41
N TYR B 198 3.69 18.82 -1.14
CA TYR B 198 4.95 18.43 -0.54
C TYR B 198 5.71 19.65 -0.05
N LEU B 199 5.14 20.84 -0.29
CA LEU B 199 5.71 22.08 0.18
C LEU B 199 4.97 22.67 1.38
N ILE B 200 3.97 21.97 1.90
CA ILE B 200 3.34 22.35 3.16
C ILE B 200 4.29 22.07 4.32
N ALA B 201 4.58 23.09 5.13
CA ALA B 201 5.60 22.98 6.17
C ALA B 201 5.11 23.64 7.45
N LEU B 202 5.63 23.15 8.58
CA LEU B 202 5.23 23.63 9.90
C LEU B 202 6.39 23.50 10.87
N VAL B 203 6.50 24.47 11.76
CA VAL B 203 7.50 24.46 12.82
C VAL B 203 6.91 25.13 14.04
N VAL B 204 7.19 24.57 15.22
CA VAL B 204 6.68 25.10 16.48
C VAL B 204 7.77 24.98 17.53
N GLY B 205 8.10 26.11 18.15
CA GLY B 205 9.13 26.11 19.18
C GLY B 205 9.49 27.51 19.61
N ALA B 206 10.57 27.60 20.40
CA ALA B 206 11.05 28.87 20.95
C ALA B 206 11.94 29.55 19.93
N LEU B 207 11.32 30.18 18.95
CA LEU B 207 12.02 30.82 17.84
C LEU B 207 12.01 32.32 18.02
N GLU B 208 13.17 32.93 17.76
CA GLU B 208 13.29 34.38 17.62
C GLU B 208 13.75 34.68 16.19
N SER B 209 13.63 35.95 15.78
CA SER B 209 13.90 36.33 14.41
C SER B 209 14.70 37.61 14.35
N ARG B 210 15.53 37.74 13.33
CA ARG B 210 16.30 38.95 13.09
C ARG B 210 16.38 39.28 11.61
N GLN B 211 15.95 40.49 11.23
CA GLN B 211 15.82 40.87 9.84
C GLN B 211 17.18 41.08 9.20
N ILE B 212 17.40 40.43 8.07
CA ILE B 212 18.66 40.52 7.34
C ILE B 212 18.43 41.01 5.91
N GLY B 213 17.21 41.44 5.60
CA GLY B 213 16.90 41.93 4.27
C GLY B 213 15.50 42.48 4.17
N PRO B 214 15.20 43.17 3.07
CA PRO B 214 13.85 43.76 2.91
C PRO B 214 12.73 42.74 2.96
N ARG B 215 12.99 41.49 2.58
CA ARG B 215 11.97 40.44 2.54
C ARG B 215 12.48 39.14 3.13
N THR B 216 13.27 39.22 4.20
CA THR B 216 13.89 38.03 4.75
C THR B 216 14.12 38.16 6.25
N LEU B 217 13.48 37.28 7.01
CA LEU B 217 13.77 37.11 8.43
C LEU B 217 14.46 35.77 8.64
N VAL B 218 15.52 35.76 9.44
CA VAL B 218 16.16 34.53 9.84
C VAL B 218 15.55 34.10 11.17
N TRP B 219 15.01 32.88 11.21
CA TRP B 219 14.39 32.34 12.41
C TRP B 219 15.23 31.19 12.92
N SER B 220 15.37 31.12 14.24
CA SER B 220 16.00 30.00 14.93
C SER B 220 15.88 30.25 16.43
N GLU B 221 16.41 29.36 17.21
CA GLU B 221 16.40 29.57 18.65
C GLU B 221 17.35 30.69 19.02
N LYS B 222 17.10 31.29 20.17
CA LYS B 222 17.90 32.42 20.63
C LYS B 222 19.41 32.17 20.45
N GLU B 223 19.84 30.92 20.65
CA GLU B 223 21.26 30.59 20.69
C GLU B 223 21.91 30.53 19.30
N GLN B 224 21.11 30.56 18.23
CA GLN B 224 21.66 30.48 16.89
C GLN B 224 21.20 31.59 15.95
N VAL B 225 20.31 32.48 16.40
CA VAL B 225 19.73 33.48 15.52
C VAL B 225 20.75 34.50 15.04
N GLU B 226 21.67 34.89 15.90
CA GLU B 226 22.69 35.86 15.53
C GLU B 226 23.72 35.24 14.59
N LYS B 227 24.28 34.09 14.97
CA LYS B 227 25.15 33.34 14.08
C LYS B 227 24.48 33.15 12.72
N SER B 228 23.19 32.81 12.73
CA SER B 228 22.47 32.55 11.49
C SER B 228 22.33 33.81 10.68
N ALA B 229 21.98 34.93 11.32
CA ALA B 229 21.80 36.18 10.58
C ALA B 229 23.06 36.58 9.80
N TYR B 230 24.24 36.36 10.40
CA TYR B 230 25.49 36.70 9.72
C TYR B 230 25.86 35.67 8.68
N GLU B 231 25.58 34.40 8.95
CA GLU B 231 25.94 33.35 8.00
C GLU B 231 25.22 33.54 6.67
N PHE B 232 23.99 34.02 6.71
CA PHE B 232 23.15 34.16 5.52
C PHE B 232 22.93 35.61 5.10
N SER B 233 23.86 36.50 5.44
CA SER B 233 23.72 37.91 5.09
C SER B 233 23.53 38.15 3.59
N GLU B 234 24.02 37.23 2.76
CA GLU B 234 23.94 37.38 1.31
C GLU B 234 22.55 37.08 0.74
N THR B 235 21.60 36.68 1.57
CA THR B 235 20.34 36.12 1.07
C THR B 235 19.65 37.06 0.08
N GLU B 236 19.63 38.37 0.35
CA GLU B 236 18.94 39.29 -0.54
C GLU B 236 19.70 39.51 -1.83
N SER B 237 21.03 39.64 -1.75
CA SER B 237 21.83 39.79 -2.97
CA SER B 237 21.84 39.78 -2.96
C SER B 237 21.64 38.58 -3.88
N MET B 238 21.42 37.40 -3.30
CA MET B 238 21.12 36.22 -4.10
C MET B 238 19.71 36.25 -4.67
N LEU B 239 18.77 36.85 -3.95
CA LEU B 239 17.42 36.97 -4.44
C LEU B 239 17.34 37.87 -5.67
N LYS B 240 18.04 39.01 -5.65
CA LYS B 240 18.07 39.88 -6.82
C LYS B 240 18.68 39.18 -8.03
N ILE B 241 19.82 38.52 -7.83
CA ILE B 241 20.45 37.76 -8.91
C ILE B 241 19.50 36.69 -9.42
N ALA B 242 18.92 35.93 -8.51
CA ALA B 242 17.94 34.91 -8.89
C ALA B 242 16.78 35.52 -9.69
N GLU B 243 16.44 36.76 -9.35
CA GLU B 243 15.38 37.47 -10.04
C GLU B 243 15.79 37.81 -11.48
N ASP B 244 17.05 38.19 -11.65
CA ASP B 244 17.54 38.54 -12.99
C ASP B 244 17.57 37.31 -13.90
N LEU B 245 17.83 36.14 -13.33
CA LEU B 245 17.93 34.92 -14.11
C LEU B 245 16.58 34.22 -14.29
N GLY B 246 15.65 34.41 -13.37
CA GLY B 246 14.43 33.60 -13.39
C GLY B 246 13.13 34.34 -13.54
N GLY B 247 13.16 35.66 -13.38
CA GLY B 247 11.95 36.45 -13.39
C GLY B 247 11.49 36.81 -11.99
N PRO B 248 10.38 37.54 -11.89
CA PRO B 248 9.96 38.04 -10.59
C PRO B 248 9.75 36.93 -9.57
N TYR B 249 10.20 37.19 -8.35
CA TYR B 249 9.93 36.34 -7.19
C TYR B 249 8.49 36.57 -6.77
N VAL B 250 7.66 35.53 -6.85
CA VAL B 250 6.21 35.67 -6.70
C VAL B 250 5.72 35.35 -5.29
N TRP B 251 6.61 34.92 -4.40
CA TRP B 251 6.20 34.46 -3.08
C TRP B 251 6.10 35.45 -2.01
N GLY B 252 6.60 36.62 -2.30
CA GLY B 252 6.49 37.75 -1.36
C GLY B 252 7.59 37.82 -0.33
N GLN B 253 7.55 36.92 0.64
CA GLN B 253 8.54 36.86 1.70
C GLN B 253 9.50 35.73 1.44
N TYR B 254 10.76 35.92 1.85
CA TYR B 254 11.75 34.85 1.84
C TYR B 254 12.42 34.79 3.22
N ASP B 255 11.72 34.18 4.17
CA ASP B 255 12.26 33.99 5.50
C ASP B 255 13.15 32.76 5.47
N LEU B 256 13.96 32.61 6.51
CA LEU B 256 14.81 31.46 6.68
C LEU B 256 14.60 30.90 8.08
N LEU B 257 14.64 29.59 8.21
CA LEU B 257 14.53 28.90 9.50
C LEU B 257 15.67 27.91 9.64
N VAL B 258 16.58 28.19 10.57
CA VAL B 258 17.67 27.27 10.90
C VAL B 258 17.15 26.32 11.98
N LEU B 259 17.08 25.03 11.66
CA LEU B 259 16.43 24.07 12.53
C LEU B 259 17.44 23.41 13.46
N PRO B 260 16.97 22.54 14.36
CA PRO B 260 17.89 21.81 15.23
C PRO B 260 18.75 20.85 14.42
N PRO B 261 19.78 20.27 15.04
CA PRO B 261 20.76 19.49 14.26
C PRO B 261 20.22 18.23 13.57
N SER B 262 19.02 17.77 13.91
CA SER B 262 18.51 16.51 13.38
C SER B 262 17.82 16.65 12.04
N PHE B 263 17.63 17.87 11.55
CA PHE B 263 17.04 18.07 10.23
C PHE B 263 17.81 17.26 9.20
N PRO B 264 17.12 16.42 8.42
CA PRO B 264 17.83 15.39 7.65
C PRO B 264 18.47 15.84 6.34
N TYR B 265 18.22 17.08 5.90
CA TYR B 265 18.70 17.52 4.59
C TYR B 265 19.44 18.85 4.72
N GLY B 266 20.14 19.23 3.65
CA GLY B 266 20.83 20.50 3.60
C GLY B 266 19.84 21.63 3.77
N GLY B 267 18.84 21.68 2.91
CA GLY B 267 17.78 22.65 3.02
C GLY B 267 16.50 22.10 2.42
N MET B 268 15.40 22.80 2.67
CA MET B 268 14.13 22.42 2.08
C MET B 268 13.45 23.68 1.59
N GLU B 269 13.17 23.71 0.29
CA GLU B 269 12.63 24.91 -0.37
C GLU B 269 11.16 25.13 -0.06
N ASN B 270 10.79 25.07 1.21
CA ASN B 270 9.43 25.39 1.60
C ASN B 270 9.13 26.86 1.28
N PRO B 271 8.10 27.14 0.47
CA PRO B 271 7.87 28.52 0.03
C PRO B 271 7.75 29.48 1.21
N CYS B 272 8.32 30.67 1.05
CA CYS B 272 8.23 31.72 2.06
C CYS B 272 9.04 31.44 3.33
N LEU B 273 9.50 30.21 3.53
CA LEU B 273 10.26 29.84 4.72
C LEU B 273 11.18 28.66 4.42
N THR B 274 12.37 28.95 3.93
CA THR B 274 13.34 27.92 3.62
C THR B 274 13.83 27.34 4.94
N PHE B 275 14.01 26.02 4.98
CA PHE B 275 14.61 25.35 6.14
C PHE B 275 16.06 25.09 5.73
N VAL B 276 16.96 25.12 6.69
CA VAL B 276 18.36 24.84 6.43
C VAL B 276 18.97 24.14 7.63
N THR B 277 19.89 23.23 7.35
CA THR B 277 20.59 22.52 8.42
C THR B 277 21.51 23.46 9.19
N PRO B 278 21.59 23.31 10.52
CA PRO B 278 22.53 24.13 11.28
C PRO B 278 23.98 23.87 10.93
N THR B 279 24.27 22.80 10.19
CA THR B 279 25.63 22.51 9.78
C THR B 279 26.20 23.57 8.82
N LEU B 280 25.35 24.48 8.32
CA LEU B 280 25.80 25.58 7.48
C LEU B 280 26.49 26.67 8.26
N LEU B 281 26.36 26.68 9.59
CA LEU B 281 26.87 27.78 10.42
C LEU B 281 28.37 27.66 10.61
N ALA B 282 29.09 27.89 9.51
CA ALA B 282 30.54 27.71 9.47
C ALA B 282 31.32 28.94 9.91
N GLY B 283 30.65 30.08 10.10
CA GLY B 283 31.32 31.29 10.50
C GLY B 283 31.89 32.14 9.38
N ASP B 284 31.91 31.63 8.14
CA ASP B 284 32.42 32.40 7.02
C ASP B 284 31.54 32.45 5.76
N LYS B 285 30.28 32.06 5.83
CA LYS B 285 29.36 32.05 4.69
C LYS B 285 29.80 31.08 3.60
N SER B 286 30.81 30.25 3.86
CA SER B 286 31.36 29.38 2.83
C SER B 286 30.37 28.28 2.39
N LEU B 287 29.34 28.04 3.19
CA LEU B 287 28.31 27.07 2.84
C LEU B 287 27.01 27.74 2.37
N SER B 288 27.07 29.04 2.07
CA SER B 288 25.88 29.78 1.67
C SER B 288 25.36 29.40 0.29
N ASN B 289 26.08 28.55 -0.44
CA ASN B 289 25.57 28.06 -1.71
C ASN B 289 24.26 27.32 -1.51
N VAL B 290 24.10 26.66 -0.38
CA VAL B 290 22.83 26.01 -0.08
C VAL B 290 21.67 27.03 -0.15
N ILE B 291 21.89 28.21 0.43
CA ILE B 291 20.87 29.26 0.37
C ILE B 291 20.55 29.57 -1.09
N ALA B 292 21.58 29.74 -1.91
CA ALA B 292 21.38 29.93 -3.33
C ALA B 292 20.55 28.78 -3.91
N HIS B 293 20.86 27.55 -3.53
CA HIS B 293 20.09 26.42 -4.02
C HIS B 293 18.63 26.56 -3.66
N GLU B 294 18.36 26.78 -2.37
CA GLU B 294 16.99 26.85 -1.87
C GLU B 294 16.26 28.03 -2.52
N ILE B 295 16.96 29.13 -2.74
CA ILE B 295 16.36 30.29 -3.36
C ILE B 295 15.86 29.90 -4.73
N SER B 296 16.72 29.37 -5.52
CA SER B 296 16.40 28.94 -6.81
C SER B 296 15.15 28.13 -6.97
N HIS B 297 14.90 27.23 -6.04
CA HIS B 297 13.69 26.43 -6.08
C HIS B 297 12.48 27.33 -6.14
N SER B 298 12.60 28.58 -5.74
CA SER B 298 11.45 29.46 -5.79
C SER B 298 10.98 29.58 -7.24
N TRP B 299 11.86 29.32 -8.20
CA TRP B 299 11.49 29.36 -9.60
C TRP B 299 11.38 27.93 -10.26
N THR B 300 12.36 27.07 -10.01
CA THR B 300 12.46 25.79 -10.69
C THR B 300 12.11 24.80 -9.61
N GLY B 301 10.91 24.21 -9.71
CA GLY B 301 10.45 23.23 -8.72
C GLY B 301 9.23 23.71 -7.96
N ASN B 302 9.33 24.89 -7.35
CA ASN B 302 8.21 25.48 -6.61
C ASN B 302 7.23 26.22 -7.51
N LEU B 303 7.72 26.81 -8.59
CA LEU B 303 6.86 27.47 -9.57
C LEU B 303 6.48 26.56 -10.73
N VAL B 304 7.50 26.06 -11.43
CA VAL B 304 7.37 24.94 -12.34
C VAL B 304 7.73 23.67 -11.56
N THR B 305 6.76 22.75 -11.44
CA THR B 305 6.90 21.60 -10.58
C THR B 305 7.02 20.34 -11.46
N ASN B 306 7.56 19.27 -10.88
CA ASN B 306 7.56 17.96 -11.52
C ASN B 306 6.22 17.26 -11.31
N LYS B 307 5.66 16.69 -12.37
CA LYS B 307 4.35 16.08 -12.29
C LYS B 307 4.35 14.83 -11.42
N THR B 308 5.20 13.87 -11.74
CA THR B 308 5.47 12.76 -10.86
C THR B 308 6.88 12.89 -10.35
N TRP B 309 7.19 12.11 -9.31
CA TRP B 309 8.55 12.08 -8.75
C TRP B 309 9.55 11.37 -9.66
N ASP B 310 9.06 10.76 -10.75
CA ASP B 310 9.95 10.19 -11.74
C ASP B 310 10.75 11.23 -12.49
N HIS B 311 10.26 12.48 -12.51
CA HIS B 311 10.94 13.58 -13.21
C HIS B 311 11.50 14.61 -12.23
N PHE B 312 11.74 14.18 -11.00
CA PHE B 312 12.35 14.99 -9.95
C PHE B 312 13.59 15.74 -10.45
N TRP B 313 14.32 15.16 -11.41
CA TRP B 313 15.52 15.80 -11.92
C TRP B 313 15.23 17.20 -12.46
N LEU B 314 14.05 17.40 -13.04
CA LEU B 314 13.67 18.75 -13.48
C LEU B 314 13.77 19.77 -12.34
N ASN B 315 13.52 19.35 -11.10
CA ASN B 315 13.53 20.27 -9.97
C ASN B 315 14.96 20.61 -9.57
N GLU B 316 15.73 19.60 -9.20
CA GLU B 316 17.08 19.85 -8.70
C GLU B 316 18.06 20.19 -9.82
N GLY B 317 18.01 19.43 -10.91
CA GLY B 317 18.92 19.69 -12.02
C GLY B 317 18.92 21.15 -12.42
N HIS B 318 17.73 21.69 -12.69
CA HIS B 318 17.60 23.10 -13.06
C HIS B 318 18.00 23.99 -11.88
N THR B 319 17.53 23.62 -10.69
CA THR B 319 17.84 24.43 -9.52
C THR B 319 19.35 24.54 -9.33
N VAL B 320 20.07 23.47 -9.45
CA VAL B 320 21.53 23.50 -9.32
C VAL B 320 22.12 24.41 -10.38
N TYR B 321 21.59 24.33 -11.61
CA TYR B 321 22.04 25.20 -12.68
C TYR B 321 21.93 26.68 -12.31
N LEU B 322 20.78 27.05 -11.73
CA LEU B 322 20.57 28.41 -11.25
C LEU B 322 21.51 28.73 -10.10
N GLU B 323 21.63 27.81 -9.16
CA GLU B 323 22.49 27.97 -8.00
C GLU B 323 23.92 28.35 -8.43
N ARG B 324 24.55 27.49 -9.21
CA ARG B 324 25.92 27.75 -9.66
C ARG B 324 26.01 29.01 -10.55
N HIS B 325 24.88 29.47 -11.05
CA HIS B 325 24.84 30.76 -11.73
C HIS B 325 24.77 31.93 -10.74
N ILE B 326 24.12 31.75 -9.60
CA ILE B 326 24.11 32.78 -8.59
C ILE B 326 25.50 32.93 -7.98
N CYS B 327 26.15 31.81 -7.67
CA CYS B 327 27.54 31.84 -7.21
C CYS B 327 28.44 32.44 -8.28
N GLY B 328 28.16 32.12 -9.54
CA GLY B 328 28.96 32.68 -10.62
C GLY B 328 28.91 34.19 -10.65
N ARG B 329 27.70 34.75 -10.57
CA ARG B 329 27.50 36.17 -10.57
CA ARG B 329 27.39 36.14 -10.59
C ARG B 329 28.22 36.85 -9.41
N LEU B 330 28.31 36.11 -8.28
CA LEU B 330 28.84 36.68 -7.05
C LEU B 330 30.36 36.58 -7.00
N PHE B 331 30.92 35.48 -7.51
CA PHE B 331 32.35 35.23 -7.33
C PHE B 331 33.09 34.93 -8.62
N GLY B 332 32.47 35.14 -9.77
CA GLY B 332 33.17 34.95 -11.03
C GLY B 332 32.85 33.65 -11.73
N GLU B 333 33.00 33.66 -13.05
CA GLU B 333 32.70 32.48 -13.85
C GLU B 333 33.64 31.35 -13.51
N LYS B 334 34.91 31.66 -13.18
CA LYS B 334 35.86 30.61 -12.83
C LYS B 334 35.40 29.83 -11.58
N PHE B 335 34.78 30.55 -10.64
CA PHE B 335 34.24 29.88 -9.48
C PHE B 335 33.01 29.02 -9.81
N ARG B 336 32.20 29.46 -10.78
CA ARG B 336 31.08 28.64 -11.24
C ARG B 336 31.59 27.32 -11.80
N HIS B 337 32.63 27.38 -12.64
CA HIS B 337 33.22 26.17 -13.20
C HIS B 337 33.84 25.30 -12.10
N PHE B 338 34.40 25.93 -11.08
CA PHE B 338 35.00 25.17 -9.99
C PHE B 338 33.98 24.27 -9.32
N ASN B 339 32.75 24.78 -9.15
CA ASN B 339 31.70 23.99 -8.51
C ASN B 339 31.06 23.00 -9.47
N ALA B 340 30.83 23.43 -10.70
CA ALA B 340 30.32 22.52 -11.72
C ALA B 340 31.22 21.30 -11.87
N LEU B 341 32.53 21.48 -11.76
CA LEU B 341 33.48 20.37 -11.84
C LEU B 341 33.43 19.53 -10.57
N GLY B 342 33.40 20.21 -9.42
CA GLY B 342 33.36 19.53 -8.13
C GLY B 342 32.18 18.60 -8.09
N GLY B 343 31.07 19.08 -8.66
CA GLY B 343 29.87 18.27 -8.79
C GLY B 343 30.00 17.10 -9.74
N TRP B 344 30.78 17.20 -10.76
CA TRP B 344 31.09 16.04 -11.60
C TRP B 344 31.80 14.99 -10.76
N GLY B 345 32.72 15.42 -9.91
CA GLY B 345 33.34 14.50 -8.98
C GLY B 345 32.31 13.76 -8.17
N GLU B 346 31.33 14.49 -7.64
CA GLU B 346 30.29 13.88 -6.83
C GLU B 346 29.50 12.87 -7.66
N LEU B 347 29.10 13.28 -8.86
CA LEU B 347 28.40 12.37 -9.76
C LEU B 347 29.17 11.07 -9.88
N GLN B 348 30.49 11.16 -10.04
CA GLN B 348 31.32 9.96 -10.12
C GLN B 348 31.20 9.09 -8.89
N ASN B 349 31.28 9.69 -7.71
CA ASN B 349 31.11 8.94 -6.46
C ASN B 349 29.76 8.22 -6.43
N SER B 350 28.71 8.90 -6.89
CA SER B 350 27.37 8.33 -6.84
C SER B 350 27.36 7.06 -7.68
N VAL B 351 27.87 7.16 -8.91
CA VAL B 351 27.76 6.06 -9.88
C VAL B 351 28.64 4.88 -9.47
N LYS B 352 29.84 5.16 -9.01
CA LYS B 352 30.71 4.10 -8.50
C LYS B 352 30.11 3.42 -7.26
N THR B 353 29.34 4.16 -6.46
CA THR B 353 28.74 3.61 -5.25
C THR B 353 27.45 2.85 -5.53
N PHE B 354 26.62 3.36 -6.45
CA PHE B 354 25.41 2.65 -6.82
C PHE B 354 25.68 1.57 -7.88
N GLY B 355 26.66 1.81 -8.75
CA GLY B 355 26.95 0.91 -9.85
C GLY B 355 26.62 1.56 -11.18
N GLU B 356 27.38 1.21 -12.21
CA GLU B 356 27.16 1.79 -13.55
C GLU B 356 25.81 1.43 -14.16
N THR B 357 25.17 0.37 -13.69
CA THR B 357 23.90 -0.07 -14.25
C THR B 357 22.74 0.07 -13.26
N HIS B 358 22.95 0.69 -12.11
CA HIS B 358 21.89 0.80 -11.13
C HIS B 358 20.79 1.69 -11.69
N PRO B 359 19.53 1.29 -11.59
CA PRO B 359 18.45 2.13 -12.12
C PRO B 359 18.43 3.55 -11.56
N PHE B 360 19.02 3.76 -10.42
CA PHE B 360 18.89 5.09 -9.92
C PHE B 360 20.08 6.00 -10.15
N THR B 361 20.70 5.69 -11.27
CA THR B 361 21.77 6.44 -11.88
C THR B 361 21.18 7.04 -13.17
N LYS B 362 20.06 6.48 -13.61
CA LYS B 362 19.29 7.01 -14.75
C LYS B 362 18.81 8.38 -14.33
N LEU B 363 18.63 9.27 -15.31
CA LEU B 363 18.16 10.62 -15.03
C LEU B 363 16.63 10.71 -14.88
N VAL B 364 15.93 9.74 -15.47
CA VAL B 364 14.49 9.62 -15.31
C VAL B 364 14.17 8.24 -14.74
N VAL B 365 13.80 8.21 -13.47
CA VAL B 365 13.60 6.94 -12.76
C VAL B 365 12.16 6.45 -12.73
N ASP B 366 12.00 5.17 -12.40
CA ASP B 366 10.70 4.54 -12.26
C ASP B 366 10.50 4.12 -10.81
N LEU B 367 9.89 5.00 -10.03
CA LEU B 367 9.72 4.77 -8.60
C LEU B 367 8.56 3.81 -8.28
N THR B 368 8.12 3.05 -9.27
CA THR B 368 7.08 2.07 -9.03
C THR B 368 7.57 1.09 -7.99
N ASP B 369 6.85 1.03 -6.87
CA ASP B 369 7.16 0.08 -5.81
C ASP B 369 8.51 0.35 -5.16
N ILE B 370 8.94 1.60 -5.19
CA ILE B 370 10.14 2.03 -4.49
C ILE B 370 9.74 3.12 -3.50
N ASP B 371 10.31 3.07 -2.32
CA ASP B 371 10.16 4.17 -1.38
C ASP B 371 10.99 5.31 -1.92
N PRO B 372 10.38 6.48 -2.09
CA PRO B 372 11.11 7.65 -2.58
C PRO B 372 12.31 8.00 -1.70
N ASP B 373 12.19 7.79 -0.40
CA ASP B 373 13.25 8.10 0.55
C ASP B 373 14.48 7.23 0.33
N VAL B 374 14.29 5.99 -0.10
CA VAL B 374 15.42 5.07 -0.26
C VAL B 374 16.16 5.32 -1.57
N ALA B 375 15.52 5.94 -2.54
CA ALA B 375 16.13 6.19 -3.85
C ALA B 375 16.75 7.57 -3.97
N TYR B 376 16.52 8.44 -2.98
CA TYR B 376 17.02 9.80 -3.04
C TYR B 376 18.52 9.83 -2.99
N SER B 377 19.13 10.60 -3.89
CA SER B 377 20.57 10.68 -4.01
C SER B 377 20.94 11.99 -4.68
N SER B 378 22.24 12.17 -4.95
CA SER B 378 22.74 13.37 -5.62
C SER B 378 22.65 13.25 -7.12
N VAL B 379 22.39 12.05 -7.63
CA VAL B 379 22.36 11.81 -9.07
C VAL B 379 21.48 12.84 -9.76
N PRO B 380 20.19 12.94 -9.42
CA PRO B 380 19.35 13.94 -10.08
C PRO B 380 19.90 15.37 -9.96
N TYR B 381 20.64 15.64 -8.88
CA TYR B 381 21.29 16.93 -8.72
C TYR B 381 22.42 17.06 -9.72
N GLU B 382 23.42 16.19 -9.62
CA GLU B 382 24.63 16.34 -10.41
C GLU B 382 24.51 15.84 -11.85
N LYS B 383 23.81 14.73 -12.06
CA LYS B 383 23.57 14.27 -13.43
C LYS B 383 22.59 15.18 -14.16
N GLY B 384 21.65 15.76 -13.43
CA GLY B 384 20.73 16.72 -14.03
C GLY B 384 21.41 18.02 -14.42
N PHE B 385 22.39 18.45 -13.62
CA PHE B 385 23.12 19.67 -13.94
C PHE B 385 23.98 19.50 -15.19
N ALA B 386 24.73 18.40 -15.25
CA ALA B 386 25.64 18.19 -16.39
C ALA B 386 24.90 18.25 -17.72
N LEU B 387 23.69 17.71 -17.78
CA LEU B 387 22.89 17.82 -18.98
C LEU B 387 22.65 19.28 -19.36
N LEU B 388 22.19 20.07 -18.39
CA LEU B 388 21.96 21.50 -18.65
C LEU B 388 23.27 22.23 -18.95
N PHE B 389 24.34 21.88 -18.24
CA PHE B 389 25.64 22.46 -18.53
C PHE B 389 26.13 22.06 -19.92
N TYR B 390 26.09 20.77 -20.21
CA TYR B 390 26.37 20.29 -21.55
C TYR B 390 25.52 21.02 -22.57
N LEU B 391 24.20 21.03 -22.35
CA LEU B 391 23.31 21.77 -23.25
C LEU B 391 23.72 23.22 -23.38
N GLU B 392 24.07 23.86 -22.26
CA GLU B 392 24.49 25.26 -22.29
C GLU B 392 25.68 25.45 -23.23
N GLN B 393 26.73 24.66 -23.07
CA GLN B 393 27.88 24.77 -23.96
C GLN B 393 27.51 24.40 -25.39
N LEU B 394 26.63 23.42 -25.54
CA LEU B 394 26.25 22.96 -26.88
C LEU B 394 25.52 24.05 -27.66
N LEU B 395 24.67 24.81 -27.00
CA LEU B 395 23.74 25.69 -27.69
C LEU B 395 24.23 27.09 -27.86
N GLY B 396 25.35 27.46 -27.23
CA GLY B 396 25.96 28.78 -27.49
C GLY B 396 26.40 29.63 -26.32
N GLY B 397 26.49 29.04 -25.14
CA GLY B 397 27.01 29.75 -23.98
C GLY B 397 25.97 30.01 -22.92
N PRO B 398 26.42 30.54 -21.77
CA PRO B 398 25.50 30.71 -20.65
C PRO B 398 24.42 31.78 -20.89
N GLU B 399 24.74 32.91 -21.52
CA GLU B 399 23.71 33.91 -21.80
C GLU B 399 22.58 33.28 -22.62
N ILE B 400 22.95 32.62 -23.70
CA ILE B 400 21.95 31.98 -24.57
C ILE B 400 21.07 31.01 -23.76
N PHE B 401 21.69 30.15 -22.95
CA PHE B 401 20.92 29.19 -22.21
C PHE B 401 20.16 29.84 -21.07
N LEU B 402 20.75 30.82 -20.40
CA LEU B 402 20.04 31.53 -19.35
C LEU B 402 18.79 32.18 -19.90
N GLY B 403 18.82 32.58 -21.17
CA GLY B 403 17.59 33.05 -21.81
C GLY B 403 16.54 31.97 -21.90
N PHE B 404 16.96 30.74 -22.22
CA PHE B 404 16.04 29.62 -22.27
C PHE B 404 15.42 29.36 -20.88
N LEU B 405 16.27 29.30 -19.86
CA LEU B 405 15.80 28.97 -18.54
C LEU B 405 14.74 29.95 -18.05
N LYS B 406 14.87 31.22 -18.42
CA LYS B 406 13.87 32.20 -18.05
C LYS B 406 12.57 31.98 -18.81
N ALA B 407 12.68 31.70 -20.11
CA ALA B 407 11.49 31.42 -20.90
C ALA B 407 10.80 30.13 -20.41
N TYR B 408 11.61 29.13 -20.05
CA TYR B 408 11.09 27.87 -19.54
C TYR B 408 10.29 28.07 -18.25
N VAL B 409 10.72 29.01 -17.41
CA VAL B 409 10.01 29.27 -16.17
C VAL B 409 8.75 30.06 -16.43
N GLU B 410 8.79 31.02 -17.36
CA GLU B 410 7.59 31.78 -17.71
C GLU B 410 6.53 30.92 -18.38
N LYS B 411 6.94 29.92 -19.14
CA LYS B 411 6.00 29.08 -19.88
C LYS B 411 5.24 28.12 -18.97
N PHE B 412 5.94 27.51 -18.01
CA PHE B 412 5.37 26.48 -17.14
C PHE B 412 5.01 26.93 -15.72
N SER B 413 5.10 28.23 -15.45
CA SER B 413 4.86 28.74 -14.11
C SER B 413 3.54 28.25 -13.56
N TYR B 414 3.53 27.90 -12.27
CA TYR B 414 2.35 27.45 -11.55
C TYR B 414 1.86 26.09 -12.03
N LYS B 415 2.61 25.44 -12.91
CA LYS B 415 2.18 24.18 -13.51
C LYS B 415 3.09 23.05 -13.06
N SER B 416 2.69 21.83 -13.42
CA SER B 416 3.48 20.64 -13.18
C SER B 416 3.68 19.95 -14.53
N ILE B 417 4.93 19.61 -14.83
CA ILE B 417 5.30 19.12 -16.15
C ILE B 417 6.13 17.84 -16.02
N THR B 418 6.33 17.17 -17.15
CA THR B 418 7.17 15.99 -17.25
C THR B 418 8.45 16.35 -17.98
N THR B 419 9.33 15.38 -18.16
CA THR B 419 10.55 15.59 -18.92
C THR B 419 10.24 15.94 -20.37
N ASP B 420 9.16 15.40 -20.92
CA ASP B 420 8.81 15.64 -22.32
C ASP B 420 8.28 17.07 -22.54
N ASP B 421 7.46 17.56 -21.63
CA ASP B 421 7.10 18.97 -21.66
C ASP B 421 8.36 19.84 -21.73
N TRP B 422 9.40 19.47 -20.97
CA TRP B 422 10.65 20.21 -20.97
C TRP B 422 11.40 20.02 -22.28
N LYS B 423 11.57 18.77 -22.71
CA LYS B 423 12.31 18.50 -23.96
C LYS B 423 11.60 19.07 -25.18
N ASP B 424 10.28 19.19 -25.13
CA ASP B 424 9.53 19.79 -26.22
C ASP B 424 9.72 21.32 -26.22
N PHE B 425 9.49 21.95 -25.07
CA PHE B 425 9.72 23.39 -24.99
C PHE B 425 11.16 23.74 -25.34
N LEU B 426 12.11 22.88 -24.96
CA LEU B 426 13.48 23.05 -25.38
C LEU B 426 13.57 23.17 -26.90
N TYR B 427 13.14 22.11 -27.59
CA TYR B 427 13.19 22.14 -29.04
C TYR B 427 12.45 23.35 -29.61
N SER B 428 11.32 23.69 -29.02
CA SER B 428 10.57 24.85 -29.50
C SER B 428 11.39 26.12 -29.38
N TYR B 429 12.05 26.31 -28.23
CA TYR B 429 12.80 27.53 -27.98
C TYR B 429 14.06 27.55 -28.84
N PHE B 430 14.69 26.39 -29.02
CA PHE B 430 15.88 26.27 -29.89
C PHE B 430 15.53 25.65 -31.24
N LYS B 431 14.38 26.02 -31.80
CA LYS B 431 13.99 25.56 -33.13
C LYS B 431 15.07 25.89 -34.17
N ASP B 432 15.74 27.03 -33.99
CA ASP B 432 16.81 27.47 -34.89
C ASP B 432 18.09 26.69 -34.70
N LYS B 433 18.07 25.66 -33.87
CA LYS B 433 19.24 24.81 -33.66
C LYS B 433 18.86 23.34 -33.53
N VAL B 434 17.71 22.94 -34.08
CA VAL B 434 17.25 21.56 -33.94
C VAL B 434 18.29 20.57 -34.46
N ASP B 435 19.12 21.00 -35.41
CA ASP B 435 20.20 20.14 -35.86
C ASP B 435 21.19 19.86 -34.74
N VAL B 436 21.49 20.89 -33.95
CA VAL B 436 22.34 20.69 -32.78
C VAL B 436 21.66 19.74 -31.80
N LEU B 437 20.42 20.05 -31.41
CA LEU B 437 19.70 19.23 -30.44
C LEU B 437 19.65 17.77 -30.85
N ASN B 438 19.43 17.50 -32.13
CA ASN B 438 19.31 16.11 -32.60
C ASN B 438 20.60 15.30 -32.47
N GLN B 439 21.75 15.97 -32.35
CA GLN B 439 23.00 15.26 -32.13
C GLN B 439 23.15 14.78 -30.68
N VAL B 440 22.22 15.13 -29.81
CA VAL B 440 22.27 14.73 -28.41
C VAL B 440 21.77 13.31 -28.25
N ASP B 441 22.53 12.48 -27.53
CA ASP B 441 22.13 11.12 -27.21
C ASP B 441 21.07 11.21 -26.11
N TRP B 442 19.84 11.51 -26.53
CA TRP B 442 18.79 11.81 -25.57
C TRP B 442 18.46 10.60 -24.69
N ASN B 443 18.37 9.42 -25.30
CA ASN B 443 18.07 8.20 -24.56
C ASN B 443 19.11 7.91 -23.48
N ALA B 444 20.38 7.98 -23.86
CA ALA B 444 21.49 7.73 -22.93
C ALA B 444 21.53 8.77 -21.80
N TRP B 445 21.16 10.01 -22.06
CA TRP B 445 21.08 11.03 -21.02
C TRP B 445 19.88 10.80 -20.10
N LEU B 446 18.68 10.69 -20.75
CA LEU B 446 17.44 10.67 -19.99
C LEU B 446 17.10 9.31 -19.40
N TYR B 447 17.59 8.22 -19.99
CA TYR B 447 17.15 6.88 -19.59
C TYR B 447 18.26 5.86 -19.34
N SER B 448 19.53 6.19 -19.60
CA SER B 448 20.54 5.16 -19.35
C SER B 448 21.23 5.37 -18.02
N PRO B 449 21.63 4.27 -17.37
CA PRO B 449 22.31 4.39 -16.09
C PRO B 449 23.76 4.77 -16.24
N GLY B 450 24.38 5.14 -15.13
CA GLY B 450 25.79 5.47 -15.12
C GLY B 450 26.13 6.90 -15.50
N LEU B 451 27.40 7.11 -15.82
CA LEU B 451 27.86 8.43 -16.17
C LEU B 451 27.21 8.89 -17.48
N PRO B 452 27.12 10.21 -17.70
CA PRO B 452 26.56 10.70 -18.95
C PRO B 452 27.47 10.34 -20.11
N PRO B 453 26.92 10.20 -21.31
CA PRO B 453 27.72 9.73 -22.45
C PRO B 453 28.74 10.74 -22.94
N ILE B 454 28.77 11.94 -22.38
CA ILE B 454 29.72 12.98 -22.75
C ILE B 454 29.91 13.93 -21.56
N LYS B 455 31.14 14.46 -21.44
CA LYS B 455 31.49 15.28 -20.30
C LYS B 455 31.63 16.73 -20.73
N PRO B 456 30.95 17.64 -20.04
CA PRO B 456 31.13 19.06 -20.39
C PRO B 456 32.57 19.51 -20.24
N ASN B 457 32.86 20.69 -20.79
CA ASN B 457 34.15 21.33 -20.62
C ASN B 457 34.16 22.13 -19.33
N TYR B 458 35.30 22.10 -18.62
CA TYR B 458 35.43 22.76 -17.33
C TYR B 458 36.71 23.57 -17.26
N ASP B 459 36.57 24.80 -16.82
CA ASP B 459 37.71 25.60 -16.48
C ASP B 459 38.33 25.00 -15.23
N MET B 460 39.65 25.04 -15.14
CA MET B 460 40.34 24.36 -14.06
C MET B 460 41.23 25.17 -13.22
N THR B 461 41.19 26.44 -13.56
CA THR B 461 41.98 27.39 -12.89
C THR B 461 41.98 27.18 -11.40
N LEU B 462 40.80 27.09 -10.80
CA LEU B 462 40.75 26.98 -9.35
C LEU B 462 40.88 25.53 -8.86
N THR B 463 40.82 24.55 -9.75
CA THR B 463 40.87 23.16 -9.33
C THR B 463 42.30 22.61 -9.30
N ASN B 464 43.22 23.23 -10.03
CA ASN B 464 44.56 22.68 -10.18
C ASN B 464 45.25 22.50 -8.84
N ALA B 465 45.35 23.58 -8.07
CA ALA B 465 46.02 23.50 -6.77
C ALA B 465 45.45 22.37 -5.92
N CYS B 466 44.15 22.11 -6.02
CA CYS B 466 43.58 20.98 -5.34
C CYS B 466 44.18 19.68 -5.87
N ILE B 467 44.10 19.47 -7.19
CA ILE B 467 44.62 18.25 -7.81
C ILE B 467 46.11 18.13 -7.51
N ALA B 468 46.84 19.24 -7.65
CA ALA B 468 48.27 19.24 -7.36
C ALA B 468 48.56 18.75 -5.94
N LEU B 469 47.89 19.33 -4.96
CA LEU B 469 48.12 18.96 -3.57
C LEU B 469 47.68 17.53 -3.31
N SER B 470 46.52 17.15 -3.85
CA SER B 470 46.02 15.81 -3.64
C SER B 470 46.98 14.75 -4.15
N GLN B 471 47.58 15.00 -5.32
CA GLN B 471 48.50 14.03 -5.93
C GLN B 471 49.80 13.87 -5.16
N ARG B 472 50.28 14.94 -4.51
CA ARG B 472 51.46 14.82 -3.67
C ARG B 472 51.24 13.79 -2.58
N TRP B 473 50.11 13.89 -1.88
CA TRP B 473 49.80 12.96 -0.79
C TRP B 473 49.54 11.53 -1.29
N ILE B 474 49.06 11.37 -2.52
CA ILE B 474 48.78 10.04 -3.03
C ILE B 474 50.04 9.32 -3.51
N THR B 475 51.01 10.06 -4.05
CA THR B 475 52.23 9.46 -4.59
C THR B 475 53.40 9.52 -3.63
N ALA B 476 53.25 10.19 -2.48
CA ALA B 476 54.36 10.35 -1.56
C ALA B 476 54.77 9.02 -0.96
N LYS B 477 56.08 8.83 -0.80
CA LYS B 477 56.63 7.72 -0.05
C LYS B 477 56.90 8.20 1.38
N GLU B 478 57.49 7.34 2.21
CA GLU B 478 57.74 7.71 3.59
C GLU B 478 58.74 8.85 3.75
N ASP B 479 59.75 8.90 2.90
CA ASP B 479 60.74 9.97 2.97
C ASP B 479 60.27 11.22 2.21
N ASP B 480 58.96 11.30 1.95
CA ASP B 480 58.34 12.51 1.43
C ASP B 480 57.41 13.18 2.42
N LEU B 481 57.09 12.49 3.50
CA LEU B 481 56.11 12.98 4.46
C LEU B 481 56.56 14.22 5.23
N ASN B 482 57.86 14.35 5.45
CA ASN B 482 58.40 15.43 6.27
C ASN B 482 58.24 16.80 5.60
N SER B 483 58.39 16.85 4.28
CA SER B 483 58.31 18.11 3.57
C SER B 483 56.92 18.73 3.57
N PHE B 484 55.90 17.98 3.98
CA PHE B 484 54.57 18.55 4.12
C PHE B 484 54.55 19.50 5.30
N ASN B 485 53.78 20.58 5.16
CA ASN B 485 53.76 21.63 6.17
C ASN B 485 52.50 22.47 6.00
N ALA B 486 52.11 23.17 7.07
CA ALA B 486 50.93 24.01 7.04
C ALA B 486 50.95 25.05 5.91
N THR B 487 52.15 25.41 5.43
CA THR B 487 52.25 26.34 4.31
C THR B 487 51.76 25.73 3.00
N ASP B 488 51.42 24.44 2.98
CA ASP B 488 50.82 23.84 1.80
C ASP B 488 49.40 24.34 1.55
N LEU B 489 48.77 24.94 2.55
CA LEU B 489 47.39 25.41 2.45
C LEU B 489 47.27 26.92 2.28
N LYS B 490 48.37 27.67 2.48
CA LYS B 490 48.30 29.13 2.58
C LYS B 490 47.42 29.77 1.54
N ASP B 491 47.35 29.19 0.35
CA ASP B 491 46.62 29.81 -0.76
C ASP B 491 45.33 29.09 -1.10
N LEU B 492 44.93 28.14 -0.24
CA LEU B 492 43.74 27.35 -0.49
C LEU B 492 42.56 27.95 0.25
N SER B 493 41.54 28.35 -0.50
CA SER B 493 40.27 28.76 0.11
C SER B 493 39.64 27.58 0.79
N SER B 494 38.55 27.83 1.48
CA SER B 494 37.83 26.76 2.16
CA SER B 494 37.83 26.75 2.16
C SER B 494 37.25 25.76 1.16
N HIS B 495 36.70 26.27 0.06
CA HIS B 495 36.16 25.39 -0.96
C HIS B 495 37.25 24.51 -1.59
N GLN B 496 38.41 25.10 -1.87
CA GLN B 496 39.54 24.34 -2.41
C GLN B 496 39.99 23.26 -1.41
N LEU B 497 40.24 23.68 -0.18
CA LEU B 497 40.60 22.74 0.88
C LEU B 497 39.67 21.55 0.87
N ASN B 498 38.36 21.82 0.89
CA ASN B 498 37.37 20.77 0.82
C ASN B 498 37.56 19.88 -0.41
N GLU B 499 37.62 20.50 -1.59
CA GLU B 499 37.81 19.76 -2.83
C GLU B 499 39.11 18.96 -2.84
N PHE B 500 40.13 19.42 -2.11
CA PHE B 500 41.35 18.63 -1.94
C PHE B 500 41.04 17.30 -1.22
N LEU B 501 40.38 17.39 -0.08
CA LEU B 501 39.99 16.19 0.66
C LEU B 501 39.14 15.27 -0.22
N ALA B 502 38.16 15.84 -0.93
CA ALA B 502 37.31 15.06 -1.84
C ALA B 502 38.14 14.27 -2.84
N GLN B 503 39.15 14.93 -3.41
CA GLN B 503 40.02 14.25 -4.36
C GLN B 503 40.83 13.15 -3.68
N THR B 504 41.52 13.49 -2.60
CA THR B 504 42.25 12.47 -1.85
C THR B 504 41.35 11.31 -1.49
N LEU B 505 40.07 11.59 -1.18
CA LEU B 505 39.16 10.56 -0.71
C LEU B 505 38.83 9.53 -1.79
N GLN B 506 38.80 9.96 -3.05
CA GLN B 506 38.50 9.02 -4.14
C GLN B 506 39.56 7.91 -4.22
N ARG B 507 40.77 8.16 -3.72
CA ARG B 507 41.84 7.17 -3.75
C ARG B 507 42.08 6.57 -2.37
N ALA B 508 41.11 6.66 -1.49
CA ALA B 508 41.23 5.99 -0.20
C ALA B 508 41.20 4.47 -0.41
N PRO B 509 41.85 3.71 0.48
CA PRO B 509 42.53 4.23 1.67
C PRO B 509 43.95 4.68 1.38
N LEU B 510 44.45 5.57 2.23
CA LEU B 510 45.85 5.98 2.21
C LEU B 510 46.60 5.27 3.33
N PRO B 511 47.92 5.15 3.19
CA PRO B 511 48.71 4.60 4.30
C PRO B 511 48.39 5.31 5.60
N LEU B 512 48.51 4.57 6.71
CA LEU B 512 48.18 5.13 8.00
C LEU B 512 49.10 6.29 8.37
N GLY B 513 50.40 6.11 8.18
CA GLY B 513 51.36 7.18 8.45
C GLY B 513 51.05 8.47 7.72
N HIS B 514 50.47 8.34 6.52
CA HIS B 514 50.10 9.53 5.74
C HIS B 514 49.01 10.34 6.45
N ILE B 515 47.99 9.66 6.97
CA ILE B 515 46.90 10.35 7.64
C ILE B 515 47.40 11.01 8.91
N LYS B 516 48.23 10.31 9.67
CA LYS B 516 48.81 10.90 10.88
C LYS B 516 49.64 12.13 10.53
N ARG B 517 50.48 12.01 9.54
CA ARG B 517 51.24 13.18 9.21
C ARG B 517 50.33 14.30 8.74
N MET B 518 49.27 13.95 8.02
CA MET B 518 48.34 14.98 7.57
C MET B 518 47.79 15.77 8.75
N GLN B 519 47.34 15.07 9.79
CA GLN B 519 46.88 15.76 11.01
C GLN B 519 48.03 16.53 11.68
N GLU B 520 49.21 15.93 11.69
CA GLU B 520 50.35 16.55 12.35
C GLU B 520 50.66 17.93 11.75
N VAL B 521 50.39 18.11 10.46
CA VAL B 521 50.80 19.30 9.73
C VAL B 521 49.64 20.22 9.43
N TYR B 522 48.48 19.64 9.10
CA TYR B 522 47.31 20.44 8.76
C TYR B 522 46.31 20.61 9.91
N ASN B 523 46.41 19.78 10.94
CA ASN B 523 45.51 19.86 12.09
C ASN B 523 44.04 19.87 11.64
N PHE B 524 43.73 18.99 10.70
CA PHE B 524 42.38 18.95 10.14
C PHE B 524 41.36 18.62 11.20
N ASN B 525 41.77 17.95 12.27
CA ASN B 525 40.85 17.69 13.38
C ASN B 525 40.24 18.95 13.95
N ALA B 526 40.98 20.05 13.91
CA ALA B 526 40.51 21.30 14.49
C ALA B 526 39.39 21.97 13.70
N ILE B 527 39.25 21.65 12.42
CA ILE B 527 38.32 22.35 11.55
C ILE B 527 36.90 21.95 11.88
N ASN B 528 36.01 22.93 11.96
CA ASN B 528 34.61 22.72 12.29
C ASN B 528 33.65 22.81 11.15
N ASN B 529 34.06 23.36 10.01
CA ASN B 529 33.28 23.33 8.77
C ASN B 529 32.85 21.90 8.47
N SER B 530 31.54 21.66 8.47
CA SER B 530 31.02 20.30 8.45
C SER B 530 31.30 19.58 7.14
N GLU B 531 31.30 20.31 6.02
CA GLU B 531 31.64 19.68 4.74
C GLU B 531 33.09 19.25 4.70
N ILE B 532 33.98 20.01 5.32
CA ILE B 532 35.40 19.63 5.36
C ILE B 532 35.65 18.60 6.44
N ARG B 533 35.08 18.81 7.63
CA ARG B 533 35.22 17.84 8.71
C ARG B 533 34.62 16.49 8.31
N PHE B 534 33.56 16.51 7.52
CA PHE B 534 32.93 15.28 7.04
C PHE B 534 33.94 14.41 6.30
N ARG B 535 34.40 14.89 5.15
CA ARG B 535 35.33 14.10 4.32
C ARG B 535 36.61 13.75 5.07
N TRP B 536 37.10 14.67 5.91
CA TRP B 536 38.30 14.41 6.68
C TRP B 536 38.17 13.13 7.51
N LEU B 537 37.09 13.04 8.28
CA LEU B 537 36.88 11.86 9.12
C LEU B 537 36.62 10.61 8.30
N ARG B 538 35.91 10.73 7.18
CA ARG B 538 35.77 9.60 6.28
C ARG B 538 37.15 9.11 5.81
N LEU B 539 38.00 10.02 5.31
CA LEU B 539 39.35 9.66 4.92
C LEU B 539 40.08 8.93 6.07
N CYS B 540 39.95 9.45 7.28
CA CYS B 540 40.57 8.80 8.42
C CYS B 540 39.97 7.41 8.63
N ILE B 541 38.65 7.31 8.62
CA ILE B 541 37.99 6.03 8.88
C ILE B 541 38.28 4.99 7.81
N GLN B 542 38.26 5.44 6.56
CA GLN B 542 38.56 4.56 5.43
C GLN B 542 40.02 4.09 5.46
N SER B 543 40.88 4.92 6.04
CA SER B 543 42.30 4.61 6.12
C SER B 543 42.68 3.97 7.46
N LYS B 544 41.69 3.55 8.24
CA LYS B 544 41.90 2.71 9.42
C LYS B 544 42.71 3.42 10.48
N TRP B 545 42.36 4.67 10.77
CA TRP B 545 42.90 5.40 11.90
C TRP B 545 41.90 5.30 13.06
N GLU B 546 42.22 4.49 14.05
CA GLU B 546 41.32 4.29 15.17
C GLU B 546 41.06 5.57 15.95
N ASP B 547 42.05 6.45 16.04
CA ASP B 547 41.86 7.74 16.74
C ASP B 547 40.64 8.50 16.22
N ALA B 548 40.32 8.33 14.94
CA ALA B 548 39.24 9.07 14.30
C ALA B 548 37.87 8.45 14.59
N ILE B 549 37.84 7.30 15.27
CA ILE B 549 36.57 6.63 15.58
C ILE B 549 35.66 7.45 16.49
N PRO B 550 36.16 7.95 17.63
CA PRO B 550 35.29 8.79 18.46
C PRO B 550 34.85 10.09 17.77
N LEU B 551 35.67 10.61 16.85
CA LEU B 551 35.32 11.83 16.14
C LEU B 551 34.18 11.59 15.16
N ALA B 552 34.31 10.55 14.34
CA ALA B 552 33.30 10.25 13.34
C ALA B 552 31.98 9.82 13.96
N LEU B 553 32.03 9.14 15.11
CA LEU B 553 30.80 8.79 15.83
C LEU B 553 30.13 10.04 16.36
N LYS B 554 30.93 10.93 16.97
CA LYS B 554 30.38 12.16 17.55
C LYS B 554 29.64 12.97 16.48
N MET B 555 30.29 13.18 15.34
CA MET B 555 29.67 13.97 14.29
C MET B 555 28.42 13.29 13.75
N ALA B 556 28.50 11.98 13.50
CA ALA B 556 27.38 11.28 12.91
C ALA B 556 26.13 11.38 13.77
N THR B 557 26.30 11.55 15.09
CA THR B 557 25.17 11.59 16.03
C THR B 557 24.78 12.98 16.53
N GLU B 558 25.75 13.89 16.61
CA GLU B 558 25.46 15.24 17.08
C GLU B 558 24.77 16.09 16.04
N GLN B 559 24.72 15.63 14.79
CA GLN B 559 23.93 16.27 13.75
C GLN B 559 23.31 15.18 12.89
N GLY B 560 22.17 15.50 12.28
CA GLY B 560 21.38 14.52 11.57
C GLY B 560 21.26 14.72 10.09
N ARG B 561 22.17 15.50 9.50
CA ARG B 561 22.18 15.70 8.06
C ARG B 561 22.59 14.39 7.39
N MET B 562 21.66 13.79 6.64
CA MET B 562 21.91 12.48 6.05
C MET B 562 23.11 12.48 5.10
N LYS B 563 23.39 13.62 4.48
CA LYS B 563 24.58 13.72 3.66
C LYS B 563 25.84 13.33 4.43
N PHE B 564 25.88 13.67 5.72
CA PHE B 564 27.03 13.38 6.58
C PHE B 564 26.83 12.12 7.41
N THR B 565 25.64 11.96 8.01
CA THR B 565 25.43 10.88 8.97
C THR B 565 25.52 9.51 8.31
N ARG B 566 24.84 9.32 7.18
CA ARG B 566 24.79 8.00 6.56
C ARG B 566 26.15 7.49 6.11
N PRO B 567 26.92 8.26 5.34
CA PRO B 567 28.27 7.79 4.99
C PRO B 567 29.16 7.57 6.21
N LEU B 568 29.10 8.47 7.18
CA LEU B 568 29.89 8.28 8.40
C LEU B 568 29.54 6.95 9.07
N PHE B 569 28.26 6.62 9.10
CA PHE B 569 27.82 5.36 9.70
C PHE B 569 28.24 4.17 8.83
N LYS B 570 27.95 4.21 7.54
CA LYS B 570 28.38 3.15 6.64
C LYS B 570 29.88 2.93 6.75
N ASP B 571 30.66 4.01 6.80
CA ASP B 571 32.10 3.89 6.89
C ASP B 571 32.51 3.28 8.22
N LEU B 572 31.94 3.78 9.30
CA LEU B 572 32.26 3.24 10.63
C LEU B 572 31.86 1.77 10.75
N ALA B 573 30.80 1.39 10.03
CA ALA B 573 30.32 0.01 10.06
C ALA B 573 31.23 -0.95 9.31
N ALA B 574 31.92 -0.47 8.26
CA ALA B 574 32.84 -1.32 7.51
C ALA B 574 34.21 -1.41 8.16
N PHE B 575 34.54 -0.48 9.06
CA PHE B 575 35.81 -0.51 9.77
C PHE B 575 35.67 -1.49 10.93
N ASP B 576 36.40 -2.59 10.87
CA ASP B 576 36.25 -3.67 11.85
C ASP B 576 36.44 -3.18 13.28
N LYS B 577 37.38 -2.30 13.48
CA LYS B 577 37.66 -1.81 14.82
C LYS B 577 36.51 -1.03 15.43
N SER B 578 35.50 -0.65 14.65
CA SER B 578 34.39 0.14 15.14
C SER B 578 33.00 -0.40 14.79
N HIS B 579 32.91 -1.48 14.03
CA HIS B 579 31.62 -1.95 13.55
C HIS B 579 30.60 -2.10 14.70
N ASP B 580 31.03 -2.70 15.80
CA ASP B 580 30.15 -2.93 16.93
C ASP B 580 29.66 -1.61 17.52
N GLN B 581 30.58 -0.66 17.75
CA GLN B 581 30.20 0.66 18.27
C GLN B 581 29.16 1.33 17.39
N ALA B 582 29.40 1.36 16.08
CA ALA B 582 28.49 2.04 15.17
C ALA B 582 27.07 1.49 15.31
N VAL B 583 26.93 0.17 15.25
CA VAL B 583 25.61 -0.42 15.41
C VAL B 583 25.04 -0.14 16.80
N ARG B 584 25.89 -0.16 17.82
CA ARG B 584 25.45 0.11 19.18
C ARG B 584 25.05 1.58 19.35
N THR B 585 25.79 2.48 18.70
CA THR B 585 25.45 3.89 18.78
C THR B 585 24.12 4.18 18.07
N TYR B 586 23.90 3.55 16.92
CA TYR B 586 22.63 3.71 16.22
C TYR B 586 21.49 3.16 17.04
N GLN B 587 21.67 1.97 17.62
CA GLN B 587 20.64 1.37 18.46
C GLN B 587 20.32 2.25 19.67
N GLU B 588 21.34 2.86 20.25
CA GLU B 588 21.14 3.70 21.42
C GLU B 588 20.52 5.04 21.08
N HIS B 589 20.64 5.48 19.82
CA HIS B 589 20.07 6.77 19.40
C HIS B 589 18.80 6.64 18.57
N LYS B 590 18.44 5.44 18.13
CA LYS B 590 17.40 5.26 17.13
C LYS B 590 16.09 5.93 17.50
N ALA B 591 15.56 5.62 18.68
CA ALA B 591 14.26 6.15 19.09
C ALA B 591 14.22 7.67 19.28
N SER B 592 15.32 8.39 19.04
CA SER B 592 15.33 9.85 19.17
C SER B 592 15.86 10.56 17.92
N MET B 593 16.06 9.84 16.83
CA MET B 593 16.50 10.43 15.58
C MET B 593 15.28 10.86 14.79
N HIS B 594 15.52 11.48 13.65
CA HIS B 594 14.42 11.79 12.73
C HIS B 594 13.87 10.49 12.14
N PRO B 595 12.55 10.31 12.08
CA PRO B 595 12.00 9.03 11.63
C PRO B 595 12.50 8.54 10.27
N VAL B 596 12.72 9.44 9.33
CA VAL B 596 13.27 9.06 8.03
C VAL B 596 14.75 8.66 8.16
N THR B 597 15.53 9.47 8.87
CA THR B 597 16.96 9.19 9.05
C THR B 597 17.16 7.84 9.74
N ALA B 598 16.42 7.59 10.81
CA ALA B 598 16.51 6.31 11.50
C ALA B 598 16.16 5.14 10.56
N MET B 599 15.18 5.33 9.70
CA MET B 599 14.80 4.30 8.75
C MET B 599 15.95 4.01 7.78
N LEU B 600 16.58 5.06 7.24
CA LEU B 600 17.58 4.88 6.21
C LEU B 600 18.91 4.40 6.79
N VAL B 601 19.28 4.90 7.96
CA VAL B 601 20.51 4.41 8.60
C VAL B 601 20.36 2.92 8.96
N GLY B 602 19.18 2.53 9.42
CA GLY B 602 18.92 1.13 9.74
C GLY B 602 19.14 0.20 8.55
N LYS B 603 18.73 0.64 7.35
CA LYS B 603 19.00 -0.15 6.17
C LYS B 603 20.49 -0.15 5.83
N ASP B 604 21.14 1.01 5.91
CA ASP B 604 22.56 1.08 5.60
C ASP B 604 23.37 0.15 6.48
N LEU B 605 23.01 0.06 7.76
CA LEU B 605 23.70 -0.85 8.69
C LEU B 605 23.19 -2.28 8.61
N LYS B 606 22.15 -2.52 7.81
CA LYS B 606 21.52 -3.84 7.73
C LYS B 606 21.09 -4.33 9.12
N VAL B 607 20.42 -3.47 9.86
CA VAL B 607 19.95 -3.80 11.20
C VAL B 607 18.43 -3.72 11.29
N ASP B 608 17.75 -4.25 10.26
CA ASP B 608 16.29 -4.25 10.23
C ASP B 608 15.75 -5.56 9.69
N ILE C 1 13.51 -5.79 17.82
CA ILE C 1 12.32 -5.57 18.64
C ILE C 1 12.60 -4.57 19.83
N VAL C 2 11.76 -3.53 20.10
CA VAL C 2 12.04 -2.62 21.20
C VAL C 2 10.80 -2.39 22.06
N ASP C 3 11.03 -2.34 23.42
CA ASP C 3 9.97 -2.13 24.39
C ASP C 3 9.94 -0.65 24.70
N THR C 4 9.13 0.06 23.92
CA THR C 4 9.08 1.51 23.98
C THR C 4 8.49 2.05 25.28
N CYS C 5 7.89 1.19 26.10
CA CYS C 5 7.32 1.63 27.38
C CYS C 5 8.33 1.63 28.53
N SER C 6 9.55 1.15 28.31
CA SER C 6 10.53 0.97 29.38
C SER C 6 11.75 1.81 29.10
N LEU C 7 12.29 2.42 30.16
CA LEU C 7 13.50 3.23 30.08
C LEU C 7 14.78 2.46 30.43
N ALA C 8 14.65 1.21 30.89
CA ALA C 8 15.77 0.45 31.39
C ALA C 8 16.53 -0.23 30.27
N SER C 9 17.72 -0.74 30.58
CA SER C 9 18.52 -1.46 29.60
C SER C 9 17.70 -2.64 29.07
N PRO C 10 17.65 -2.83 27.76
CA PRO C 10 16.90 -3.94 27.20
C PRO C 10 17.55 -5.28 27.50
N ALA C 11 16.80 -6.34 27.20
CA ALA C 11 17.26 -7.71 27.43
C ALA C 11 18.40 -8.10 26.51
N SER C 12 18.60 -7.36 25.41
CA SER C 12 19.77 -7.58 24.57
C SER C 12 21.07 -7.09 25.20
N VAL C 13 20.97 -6.34 26.29
CA VAL C 13 22.13 -5.83 27.01
C VAL C 13 22.36 -6.59 28.33
N CYS C 14 21.29 -6.79 29.11
CA CYS C 14 21.39 -7.53 30.36
C CYS C 14 20.02 -8.03 30.78
N ARG C 15 20.00 -9.06 31.61
CA ARG C 15 18.77 -9.69 32.05
C ARG C 15 18.78 -9.87 33.56
N THR C 16 17.64 -9.58 34.17
CA THR C 16 17.46 -9.84 35.59
C THR C 16 17.02 -11.29 35.77
N LYS C 17 17.83 -12.07 36.48
CA LYS C 17 17.51 -13.47 36.73
C LYS C 17 16.65 -13.65 37.96
N HIS C 18 16.92 -12.86 39.01
CA HIS C 18 16.21 -13.03 40.28
C HIS C 18 16.08 -11.70 41.02
N LEU C 19 15.03 -11.62 41.84
CA LEU C 19 14.87 -10.53 42.79
C LEU C 19 14.66 -11.06 44.19
N HIS C 20 15.48 -10.60 45.14
CA HIS C 20 15.30 -10.92 46.55
C HIS C 20 14.85 -9.65 47.25
N LEU C 21 13.56 -9.56 47.54
CA LEU C 21 12.96 -8.35 48.07
C LEU C 21 12.90 -8.43 49.59
N ARG C 22 13.32 -7.37 50.27
CA ARG C 22 13.22 -7.33 51.73
C ARG C 22 12.57 -5.99 52.06
N CYS C 23 11.49 -6.00 52.82
CA CYS C 23 10.77 -4.75 52.99
C CYS C 23 9.86 -4.65 54.13
N SER C 24 9.51 -3.42 54.46
CA SER C 24 8.54 -3.27 55.53
C SER C 24 7.39 -2.36 55.06
N VAL C 25 6.17 -2.76 55.38
CA VAL C 25 5.00 -2.02 54.97
C VAL C 25 4.68 -1.03 56.08
N ASP C 26 5.05 0.23 55.88
CA ASP C 26 4.82 1.31 56.85
C ASP C 26 3.48 1.99 56.56
N PHE C 27 2.43 1.55 57.26
CA PHE C 27 1.11 2.11 57.06
C PHE C 27 1.02 3.57 57.50
N THR C 28 1.84 3.97 58.47
CA THR C 28 1.80 5.32 58.97
C THR C 28 2.32 6.29 57.93
N ARG C 29 3.42 5.96 57.27
CA ARG C 29 3.97 6.80 56.20
C ARG C 29 3.47 6.42 54.82
N ARG C 30 2.78 5.28 54.71
CA ARG C 30 2.27 4.81 53.43
C ARG C 30 3.40 4.56 52.43
N THR C 31 4.46 3.89 52.88
CA THR C 31 5.60 3.58 52.03
C THR C 31 6.03 2.15 52.26
N LEU C 32 6.73 1.62 51.26
CA LEU C 32 7.39 0.33 51.34
CA LEU C 32 7.39 0.33 51.34
C LEU C 32 8.89 0.60 51.44
N THR C 33 9.49 0.22 52.57
CA THR C 33 10.90 0.45 52.80
C THR C 33 11.67 -0.86 52.81
N GLY C 34 12.74 -0.82 52.03
CA GLY C 34 13.62 -1.92 51.94
C GLY C 34 14.63 -2.03 50.82
N THR C 35 15.07 -3.23 50.53
CA THR C 35 16.09 -3.41 49.52
C THR C 35 15.64 -4.35 48.41
N ALA C 36 16.11 -4.06 47.20
CA ALA C 36 15.84 -4.87 46.03
C ALA C 36 17.14 -5.49 45.54
N ALA C 37 17.37 -6.74 45.93
CA ALA C 37 18.55 -7.48 45.51
C ALA C 37 18.29 -8.05 44.12
N LEU C 38 18.86 -7.39 43.12
CA LEU C 38 18.67 -7.77 41.72
C LEU C 38 19.89 -8.53 41.23
N THR C 39 19.69 -9.79 40.86
CA THR C 39 20.74 -10.57 40.19
C THR C 39 20.61 -10.38 38.68
N VAL C 40 21.67 -9.88 38.05
CA VAL C 40 21.62 -9.47 36.66
C VAL C 40 22.76 -10.11 35.88
N GLN C 41 22.51 -10.38 34.61
CA GLN C 41 23.42 -11.13 33.76
C GLN C 41 23.67 -10.38 32.48
N SER C 42 24.90 -9.93 32.28
CA SER C 42 25.24 -9.21 31.06
C SER C 42 25.10 -10.12 29.84
N GLN C 43 24.47 -9.60 28.80
CA GLN C 43 24.32 -10.32 27.54
C GLN C 43 25.36 -9.91 26.52
N GLU C 44 26.40 -9.19 26.97
CA GLU C 44 27.43 -8.68 26.08
C GLU C 44 28.74 -8.59 26.83
N ASP C 45 29.83 -8.75 26.09
CA ASP C 45 31.16 -8.59 26.69
C ASP C 45 31.39 -7.13 27.10
N ASN C 46 32.21 -6.95 28.12
CA ASN C 46 32.65 -5.62 28.54
C ASN C 46 31.47 -4.69 28.82
N LEU C 47 30.53 -5.16 29.64
CA LEU C 47 29.41 -4.34 30.08
C LEU C 47 29.81 -3.60 31.35
N ARG C 48 29.76 -2.27 31.29
CA ARG C 48 30.21 -1.44 32.42
C ARG C 48 29.11 -0.68 33.14
N SER C 49 27.91 -0.59 32.55
CA SER C 49 26.79 0.07 33.21
C SER C 49 25.47 -0.45 32.66
N LEU C 50 24.44 -0.34 33.49
CA LEU C 50 23.09 -0.70 33.10
C LEU C 50 22.12 0.33 33.65
N VAL C 51 20.89 0.26 33.16
CA VAL C 51 19.84 1.21 33.57
C VAL C 51 18.57 0.46 33.97
N LEU C 52 17.93 0.93 35.02
CA LEU C 52 16.69 0.35 35.51
C LEU C 52 15.58 1.39 35.50
N ASP C 53 14.34 0.92 35.38
CA ASP C 53 13.16 1.78 35.43
C ASP C 53 12.82 2.11 36.87
N THR C 54 12.25 3.30 37.07
CA THR C 54 11.75 3.71 38.39
C THR C 54 10.64 4.71 38.18
N LYS C 55 9.79 4.85 39.19
CA LYS C 55 8.74 5.85 39.17
C LYS C 55 8.46 6.35 40.59
N ASP C 56 8.94 7.55 40.90
CA ASP C 56 8.71 8.18 42.19
C ASP C 56 9.24 7.33 43.34
N LEU C 57 10.48 6.90 43.19
CA LEU C 57 11.16 6.09 44.20
C LEU C 57 12.33 6.86 44.80
N THR C 58 12.49 6.75 46.12
CA THR C 58 13.66 7.28 46.80
C THR C 58 14.75 6.22 46.92
N ILE C 59 15.91 6.52 46.33
CA ILE C 59 17.07 5.63 46.38
C ILE C 59 18.05 6.09 47.43
N GLU C 60 18.10 5.38 48.55
CA GLU C 60 19.04 5.70 49.62
C GLU C 60 20.48 5.42 49.20
N LYS C 61 20.72 4.21 48.69
CA LYS C 61 22.06 3.79 48.28
C LYS C 61 21.96 2.55 47.40
N VAL C 62 23.05 2.25 46.72
CA VAL C 62 23.18 1.04 45.92
C VAL C 62 24.50 0.36 46.32
N VAL C 63 24.45 -0.96 46.49
CA VAL C 63 25.59 -1.72 46.98
C VAL C 63 25.87 -2.87 46.03
N ILE C 64 27.15 -3.09 45.75
CA ILE C 64 27.61 -4.21 44.93
C ILE C 64 28.87 -4.76 45.58
N ASN C 65 28.86 -6.07 45.90
CA ASN C 65 29.98 -6.75 46.53
C ASN C 65 30.31 -6.17 47.90
N GLY C 66 29.34 -5.55 48.56
CA GLY C 66 29.58 -4.94 49.86
C GLY C 66 30.15 -3.53 49.85
N GLN C 67 30.22 -2.91 48.68
CA GLN C 67 30.62 -1.50 48.55
C GLN C 67 29.51 -0.72 47.86
N GLU C 68 29.38 0.56 48.21
CA GLU C 68 28.40 1.42 47.57
C GLU C 68 28.95 1.89 46.24
N VAL C 69 28.10 1.89 45.22
CA VAL C 69 28.48 2.30 43.88
C VAL C 69 27.79 3.61 43.51
N LYS C 70 28.24 4.21 42.43
CA LYS C 70 27.72 5.49 41.95
C LYS C 70 26.49 5.25 41.08
N TYR C 71 25.44 6.03 41.32
CA TYR C 71 24.23 5.95 40.52
C TYR C 71 23.70 7.34 40.25
N ALA C 72 22.94 7.47 39.16
CA ALA C 72 22.34 8.75 38.81
C ALA C 72 20.94 8.53 38.24
N LEU C 73 19.99 9.30 38.74
CA LEU C 73 18.63 9.33 38.21
C LEU C 73 18.53 10.38 37.12
N GLY C 74 18.10 9.96 35.93
CA GLY C 74 17.76 10.90 34.87
C GLY C 74 16.49 11.65 35.20
N GLU C 75 16.11 12.56 34.31
CA GLU C 75 14.92 13.38 34.56
C GLU C 75 13.65 12.63 34.17
N ARG C 76 12.55 13.03 34.79
CA ARG C 76 11.30 12.30 34.68
C ARG C 76 10.72 12.37 33.28
N GLN C 77 10.31 11.23 32.74
CA GLN C 77 9.64 11.16 31.44
C GLN C 77 8.19 10.77 31.70
N SER C 78 7.47 11.66 32.37
CA SER C 78 6.01 11.52 32.52
C SER C 78 5.59 10.18 33.11
N TYR C 79 4.79 9.41 32.38
CA TYR C 79 4.27 8.14 32.91
C TYR C 79 5.31 7.02 32.94
N LYS C 80 6.39 7.13 32.15
CA LYS C 80 7.47 6.15 32.14
C LYS C 80 8.37 6.21 33.38
N GLY C 81 8.22 7.23 34.21
CA GLY C 81 9.06 7.39 35.37
C GLY C 81 10.43 7.98 35.04
N SER C 82 11.37 7.77 35.96
CA SER C 82 12.72 8.27 35.82
C SER C 82 13.73 7.13 35.67
N PRO C 83 14.60 7.17 34.66
CA PRO C 83 15.60 6.12 34.52
C PRO C 83 16.68 6.22 35.61
N MET C 84 17.28 5.09 35.92
CA MET C 84 18.29 4.99 36.97
C MET C 84 19.50 4.24 36.41
N GLU C 85 20.55 4.99 36.08
CA GLU C 85 21.77 4.39 35.57
C GLU C 85 22.66 4.08 36.76
N ILE C 86 23.10 2.82 36.84
CA ILE C 86 23.98 2.36 37.91
C ILE C 86 25.35 2.03 37.31
N SER C 87 26.41 2.45 38.00
CA SER C 87 27.77 2.24 37.54
C SER C 87 28.30 0.96 38.14
N LEU C 88 28.68 0.03 37.27
CA LEU C 88 29.16 -1.25 37.76
C LEU C 88 30.62 -1.12 38.19
N PRO C 89 30.98 -1.70 39.34
CA PRO C 89 32.39 -1.64 39.76
C PRO C 89 33.33 -2.43 38.86
N ILE C 90 32.92 -3.62 38.42
CA ILE C 90 33.75 -4.43 37.53
C ILE C 90 33.03 -4.59 36.19
N ALA C 91 33.82 -4.64 35.12
CA ALA C 91 33.28 -4.95 33.80
C ALA C 91 32.82 -6.41 33.74
N LEU C 92 31.80 -6.67 32.95
CA LEU C 92 31.17 -7.98 32.90
C LEU C 92 31.33 -8.62 31.53
N SER C 93 31.86 -9.83 31.51
CA SER C 93 31.85 -10.63 30.30
C SER C 93 30.44 -11.17 30.07
N LYS C 94 30.18 -11.59 28.85
CA LYS C 94 28.90 -12.19 28.52
C LYS C 94 28.58 -13.33 29.48
N ASN C 95 27.33 -13.37 29.93
CA ASN C 95 26.80 -14.41 30.81
C ASN C 95 27.29 -14.30 32.24
N GLN C 96 28.21 -13.38 32.51
CA GLN C 96 28.62 -13.12 33.88
C GLN C 96 27.51 -12.37 34.61
N GLU C 97 27.39 -12.65 35.89
CA GLU C 97 26.37 -11.99 36.65
C GLU C 97 26.90 -11.21 37.82
N ILE C 98 26.05 -10.36 38.31
CA ILE C 98 26.36 -9.65 39.54
C ILE C 98 25.06 -9.33 40.26
N VAL C 99 25.16 -9.14 41.58
CA VAL C 99 24.02 -8.79 42.42
C VAL C 99 24.09 -7.30 42.73
N ILE C 100 22.94 -6.64 42.63
CA ILE C 100 22.84 -5.19 42.79
C ILE C 100 21.82 -4.92 43.89
N GLU C 101 22.31 -4.75 45.11
CA GLU C 101 21.44 -4.48 46.26
CA GLU C 101 21.46 -4.48 46.27
C GLU C 101 21.11 -2.99 46.32
N ILE C 102 19.84 -2.67 46.12
CA ILE C 102 19.38 -1.29 46.08
C ILE C 102 18.49 -0.99 47.27
N SER C 103 18.89 0.00 48.06
CA SER C 103 18.06 0.52 49.14
C SER C 103 17.15 1.61 48.59
N PHE C 104 15.86 1.43 48.83
CA PHE C 104 14.87 2.26 48.24
C PHE C 104 13.64 2.51 49.10
N GLU C 105 12.77 3.43 48.65
CA GLU C 105 11.54 3.69 49.38
C GLU C 105 10.48 4.20 48.40
N THR C 106 9.24 3.79 48.61
CA THR C 106 8.15 4.14 47.71
C THR C 106 7.53 5.47 48.12
N SER C 107 7.02 6.18 47.13
CA SER C 107 6.21 7.36 47.39
C SER C 107 4.78 6.94 47.72
N PRO C 108 4.18 7.51 48.76
CA PRO C 108 2.76 7.16 49.06
C PRO C 108 1.82 7.38 47.89
N LYS C 109 2.21 8.20 46.91
CA LYS C 109 1.45 8.40 45.69
C LYS C 109 1.77 7.34 44.63
N SER C 110 2.53 6.31 44.99
CA SER C 110 2.94 5.28 44.04
C SER C 110 1.79 4.86 43.14
N SER C 111 2.03 4.91 41.83
CA SER C 111 1.01 4.50 40.85
C SER C 111 0.71 3.01 40.86
N ALA C 112 1.43 2.22 41.67
CA ALA C 112 1.22 0.79 41.76
C ALA C 112 0.44 0.39 43.00
N LEU C 113 0.33 1.29 43.99
CA LEU C 113 -0.27 0.95 45.27
C LEU C 113 -1.49 1.81 45.55
N GLN C 114 -2.42 1.23 46.30
CA GLN C 114 -3.46 2.01 46.94
C GLN C 114 -3.39 1.71 48.43
N TRP C 115 -3.40 2.77 49.25
CA TRP C 115 -3.43 2.62 50.69
C TRP C 115 -4.83 2.97 51.17
N LEU C 116 -5.44 2.05 51.89
CA LEU C 116 -6.78 2.24 52.43
C LEU C 116 -6.70 2.53 53.92
N THR C 117 -7.42 3.57 54.35
CA THR C 117 -7.55 3.89 55.75
C THR C 117 -8.66 3.02 56.33
N PRO C 118 -8.46 2.57 57.56
CA PRO C 118 -9.40 1.62 58.16
C PRO C 118 -10.85 1.87 57.80
N GLU C 119 -11.26 3.13 57.68
CA GLU C 119 -12.64 3.43 57.30
CA GLU C 119 -12.64 3.45 57.28
C GLU C 119 -12.98 2.94 55.90
N GLN C 120 -11.95 2.63 55.13
CA GLN C 120 -12.20 2.24 53.77
C GLN C 120 -12.33 0.73 53.61
N THR C 121 -12.12 -0.03 54.69
CA THR C 121 -12.17 -1.48 54.62
C THR C 121 -13.49 -2.00 55.18
N SER C 122 -13.69 -3.31 55.06
CA SER C 122 -14.93 -3.92 55.53
C SER C 122 -14.97 -4.02 57.05
N GLY C 123 -13.90 -4.54 57.64
CA GLY C 123 -13.82 -4.65 59.11
C GLY C 123 -13.78 -3.33 59.83
N LYS C 124 -13.23 -2.30 59.17
CA LYS C 124 -13.18 -0.93 59.69
C LYS C 124 -12.19 -0.74 60.82
N GLU C 125 -11.35 -1.73 61.10
CA GLU C 125 -10.43 -1.68 62.23
C GLU C 125 -8.96 -1.82 61.87
N HIS C 126 -8.63 -2.06 60.61
CA HIS C 126 -7.24 -2.19 60.19
C HIS C 126 -7.07 -1.54 58.83
N PRO C 127 -5.87 -1.01 58.54
CA PRO C 127 -5.60 -0.48 57.21
C PRO C 127 -5.52 -1.60 56.16
N TYR C 128 -5.12 -1.32 54.93
CA TYR C 128 -5.08 -2.30 53.86
C TYR C 128 -4.23 -1.72 52.75
N LEU C 129 -3.38 -2.57 52.19
CA LEU C 129 -2.56 -2.15 51.07
C LEU C 129 -2.67 -3.22 50.00
N PHE C 130 -2.70 -2.81 48.74
CA PHE C 130 -2.65 -3.77 47.64
C PHE C 130 -1.98 -3.13 46.43
N SER C 131 -1.32 -3.98 45.65
CA SER C 131 -0.57 -3.55 44.47
C SER C 131 -1.28 -3.97 43.22
N GLN C 132 -0.82 -3.42 42.09
CA GLN C 132 -1.35 -3.76 40.76
C GLN C 132 -0.32 -3.25 39.73
N CYS C 133 0.53 -4.15 39.26
CA CYS C 133 1.65 -3.73 38.45
C CYS C 133 1.32 -3.63 36.97
N GLN C 134 0.38 -4.41 36.53
CA GLN C 134 0.00 -4.32 35.13
C GLN C 134 -0.53 -2.91 34.86
N ALA C 135 0.08 -2.23 33.89
CA ALA C 135 1.10 -2.81 33.03
C ALA C 135 2.52 -2.45 33.45
N ILE C 136 2.85 -1.15 33.43
CA ILE C 136 4.20 -0.71 33.74
C ILE C 136 4.21 0.06 35.06
N HIS C 137 3.70 -0.56 36.11
CA HIS C 137 3.70 0.07 37.42
C HIS C 137 4.68 -0.55 38.42
N CYS C 138 5.21 -1.73 38.14
CA CYS C 138 6.18 -2.35 39.04
C CYS C 138 7.34 -1.42 39.33
N ARG C 139 7.79 -0.67 38.32
CA ARG C 139 8.82 0.35 38.51
C ARG C 139 8.43 1.37 39.59
N ALA C 140 7.14 1.51 39.87
CA ALA C 140 6.67 2.36 40.96
C ALA C 140 6.76 1.69 42.31
N ILE C 141 7.20 0.44 42.36
CA ILE C 141 7.43 -0.28 43.61
C ILE C 141 8.92 -0.40 43.91
N LEU C 142 9.69 -0.89 42.95
CA LEU C 142 11.12 -1.12 43.14
C LEU C 142 11.81 -0.94 41.80
N PRO C 143 13.08 -0.51 41.81
CA PRO C 143 13.81 -0.38 40.54
C PRO C 143 13.96 -1.74 39.86
N CYS C 144 13.80 -1.75 38.55
CA CYS C 144 13.74 -3.01 37.82
C CYS C 144 13.69 -2.73 36.32
N GLN C 145 13.85 -3.78 35.54
CA GLN C 145 13.66 -3.69 34.10
C GLN C 145 12.18 -3.93 33.90
N ASP C 146 11.47 -2.82 33.84
CA ASP C 146 10.01 -2.91 33.82
C ASP C 146 9.57 -3.15 32.38
N THR C 147 9.91 -4.36 31.99
CA THR C 147 9.56 -4.78 30.64
C THR C 147 9.23 -6.27 30.65
N PRO C 148 8.16 -6.68 29.99
CA PRO C 148 7.81 -8.10 29.98
C PRO C 148 8.73 -8.97 29.15
N SER C 149 9.72 -8.38 28.49
CA SER C 149 10.73 -9.13 27.75
C SER C 149 11.80 -9.73 28.64
N VAL C 150 11.61 -9.70 29.96
CA VAL C 150 12.58 -10.25 30.91
C VAL C 150 11.79 -11.01 31.96
N LYS C 151 12.26 -12.20 32.31
CA LYS C 151 11.61 -13.05 33.31
C LYS C 151 12.58 -13.40 34.42
N LEU C 152 12.14 -13.27 35.67
CA LEU C 152 13.00 -13.47 36.82
C LEU C 152 12.24 -14.15 37.93
N THR C 153 12.93 -15.03 38.64
CA THR C 153 12.42 -15.59 39.88
C THR C 153 12.48 -14.51 40.94
N TYR C 154 11.79 -14.73 42.05
CA TYR C 154 11.88 -13.79 43.16
C TYR C 154 11.53 -14.47 44.47
N THR C 155 12.24 -14.06 45.52
CA THR C 155 11.94 -14.43 46.89
C THR C 155 11.73 -13.16 47.69
N ALA C 156 10.80 -13.19 48.64
CA ALA C 156 10.38 -11.99 49.33
C ALA C 156 10.36 -12.19 50.84
N GLU C 157 10.80 -11.16 51.56
CA GLU C 157 10.62 -11.05 52.99
C GLU C 157 9.94 -9.72 53.26
N VAL C 158 8.70 -9.77 53.71
CA VAL C 158 7.93 -8.56 53.98
C VAL C 158 7.63 -8.51 55.48
N SER C 159 7.95 -7.38 56.10
CA SER C 159 7.56 -7.12 57.48
C SER C 159 6.27 -6.32 57.49
N VAL C 160 5.35 -6.69 58.39
CA VAL C 160 4.06 -6.02 58.49
C VAL C 160 3.60 -6.06 59.93
N PRO C 161 2.71 -5.14 60.34
CA PRO C 161 2.13 -5.21 61.69
C PRO C 161 1.64 -6.62 61.99
N LYS C 162 2.06 -7.17 63.11
CA LYS C 162 1.79 -8.57 63.44
C LYS C 162 0.30 -8.89 63.41
N GLU C 163 -0.56 -7.90 63.60
CA GLU C 163 -2.00 -8.16 63.57
C GLU C 163 -2.49 -8.53 62.16
N LEU C 164 -1.76 -8.07 61.13
CA LEU C 164 -2.19 -8.21 59.74
C LEU C 164 -1.52 -9.40 59.05
N VAL C 165 -1.88 -9.60 57.79
CA VAL C 165 -1.38 -10.71 56.98
C VAL C 165 -0.98 -10.19 55.61
N ALA C 166 0.19 -10.62 55.14
CA ALA C 166 0.71 -10.26 53.83
C ALA C 166 0.69 -11.47 52.92
N LEU C 167 0.28 -11.26 51.67
CA LEU C 167 0.36 -12.27 50.62
C LEU C 167 1.10 -11.67 49.42
N MET C 168 1.62 -12.55 48.58
CA MET C 168 2.29 -12.12 47.35
C MET C 168 1.88 -13.06 46.22
N SER C 169 2.32 -12.71 45.02
CA SER C 169 2.15 -13.56 43.86
C SER C 169 3.25 -14.62 43.87
N ALA C 170 3.25 -15.43 44.93
CA ALA C 170 4.27 -16.46 45.12
C ALA C 170 3.77 -17.51 46.11
N ILE C 171 4.57 -18.54 46.32
CA ILE C 171 4.25 -19.56 47.30
C ILE C 171 4.62 -19.09 48.70
N ARG C 172 3.66 -19.14 49.61
CA ARG C 172 3.92 -18.82 51.01
CA ARG C 172 3.93 -18.81 51.00
C ARG C 172 5.06 -19.68 51.53
N ASP C 173 5.97 -19.06 52.26
CA ASP C 173 7.16 -19.76 52.75
C ASP C 173 7.42 -19.50 54.25
N GLY C 174 6.36 -19.31 55.02
CA GLY C 174 6.47 -19.24 56.47
C GLY C 174 6.56 -17.83 57.00
N GLU C 175 6.30 -17.71 58.31
CA GLU C 175 6.36 -16.45 59.02
C GLU C 175 7.19 -16.62 60.28
N THR C 176 7.82 -15.53 60.72
CA THR C 176 8.48 -15.48 62.00
C THR C 176 8.43 -14.05 62.53
N PRO C 177 8.47 -13.87 63.85
CA PRO C 177 8.45 -12.52 64.40
C PRO C 177 9.59 -11.68 63.83
N ASP C 178 9.29 -10.42 63.53
CA ASP C 178 10.31 -9.48 63.11
C ASP C 178 11.29 -9.31 64.26
N PRO C 179 12.53 -9.78 64.11
CA PRO C 179 13.48 -9.69 65.22
C PRO C 179 13.82 -8.26 65.62
N GLU C 180 13.61 -7.30 64.72
CA GLU C 180 13.94 -5.90 64.99
C GLU C 180 12.82 -5.16 65.71
N ASP C 181 11.66 -5.78 65.90
CA ASP C 181 10.48 -5.07 66.34
C ASP C 181 9.38 -6.06 66.74
N PRO C 182 9.12 -6.21 68.05
CA PRO C 182 8.09 -7.16 68.50
C PRO C 182 6.66 -6.80 68.11
N SER C 183 6.45 -5.64 67.48
CA SER C 183 5.12 -5.25 67.02
C SER C 183 4.77 -5.80 65.63
N ARG C 184 5.67 -6.55 64.99
CA ARG C 184 5.51 -6.93 63.61
C ARG C 184 5.77 -8.42 63.40
N LYS C 185 5.31 -8.90 62.25
CA LYS C 185 5.68 -10.20 61.72
C LYS C 185 6.44 -10.00 60.43
N ILE C 186 7.16 -11.04 60.01
CA ILE C 186 7.78 -11.10 58.70
C ILE C 186 7.20 -12.31 57.97
N TYR C 187 6.57 -12.06 56.83
CA TYR C 187 6.08 -13.13 55.97
C TYR C 187 7.06 -13.35 54.84
N LYS C 188 7.19 -14.61 54.43
CA LYS C 188 8.16 -15.01 53.41
C LYS C 188 7.43 -15.61 52.21
N PHE C 189 7.99 -15.37 51.02
CA PHE C 189 7.40 -15.88 49.80
C PHE C 189 8.51 -16.23 48.83
N ILE C 190 8.30 -17.29 48.05
CA ILE C 190 9.24 -17.66 46.97
C ILE C 190 8.43 -17.99 45.73
N GLN C 191 8.82 -17.37 44.62
CA GLN C 191 8.21 -17.61 43.31
C GLN C 191 9.29 -18.24 42.45
N LYS C 192 9.29 -19.58 42.41
CA LYS C 192 10.33 -20.33 41.71
C LYS C 192 10.22 -20.25 40.19
N VAL C 193 9.04 -19.93 39.66
CA VAL C 193 8.83 -19.88 38.23
C VAL C 193 9.09 -18.46 37.73
N PRO C 194 9.96 -18.29 36.74
CA PRO C 194 10.28 -16.95 36.29
C PRO C 194 9.07 -16.24 35.71
N ILE C 195 8.94 -14.96 36.03
CA ILE C 195 7.79 -14.16 35.62
C ILE C 195 8.25 -12.83 35.06
N PRO C 196 7.42 -12.18 34.26
CA PRO C 196 7.62 -10.76 34.00
C PRO C 196 7.31 -9.95 35.25
N CYS C 197 8.09 -8.90 35.46
CA CYS C 197 7.96 -8.13 36.69
C CYS C 197 6.54 -7.61 36.94
N TYR C 198 5.76 -7.46 35.89
CA TYR C 198 4.41 -6.91 36.04
C TYR C 198 3.48 -7.86 36.78
N LEU C 199 3.96 -9.09 37.00
CA LEU C 199 3.23 -10.10 37.79
C LEU C 199 3.55 -10.04 39.31
N ILE C 200 4.55 -9.25 39.70
CA ILE C 200 4.89 -9.01 41.10
C ILE C 200 3.71 -8.35 41.77
N ALA C 201 3.26 -8.92 42.89
CA ALA C 201 2.05 -8.44 43.56
C ALA C 201 2.19 -8.60 45.05
N LEU C 202 1.47 -7.78 45.80
CA LEU C 202 1.61 -7.70 47.24
C LEU C 202 0.33 -7.17 47.84
N VAL C 203 -0.05 -7.72 49.00
CA VAL C 203 -1.24 -7.29 49.70
C VAL C 203 -1.01 -7.47 51.19
N VAL C 204 -1.58 -6.56 51.98
CA VAL C 204 -1.50 -6.60 53.44
C VAL C 204 -2.81 -6.08 54.02
N GLY C 205 -3.32 -6.77 55.04
CA GLY C 205 -4.53 -6.36 55.69
C GLY C 205 -5.08 -7.48 56.54
N ALA C 206 -6.24 -7.23 57.12
CA ALA C 206 -6.95 -8.22 57.95
C ALA C 206 -7.60 -9.25 57.03
N LEU C 207 -6.79 -10.17 56.55
CA LEU C 207 -7.22 -11.19 55.61
C LEU C 207 -7.39 -12.53 56.31
N GLU C 208 -8.48 -13.22 55.98
CA GLU C 208 -8.69 -14.59 56.41
C GLU C 208 -8.81 -15.46 55.18
N SER C 209 -8.85 -16.78 55.41
CA SER C 209 -8.77 -17.75 54.32
C SER C 209 -9.70 -18.94 54.58
N ARG C 210 -10.38 -19.37 53.54
CA ARG C 210 -11.16 -20.59 53.58
C ARG C 210 -10.80 -21.43 52.36
N GLN C 211 -10.35 -22.67 52.60
CA GLN C 211 -9.93 -23.55 51.52
CA GLN C 211 -9.92 -23.54 51.52
C GLN C 211 -11.14 -24.03 50.72
N ILE C 212 -11.08 -23.88 49.41
CA ILE C 212 -12.15 -24.32 48.51
C ILE C 212 -11.67 -25.35 47.49
N GLY C 213 -10.42 -25.79 47.59
CA GLY C 213 -9.86 -26.76 46.68
C GLY C 213 -8.56 -27.37 47.18
N PRO C 214 -8.15 -28.48 46.57
CA PRO C 214 -6.87 -29.08 46.95
C PRO C 214 -5.66 -28.16 46.74
N ARG C 215 -5.85 -27.06 46.01
CA ARG C 215 -4.76 -26.14 45.72
C ARG C 215 -5.27 -24.72 45.60
N THR C 216 -6.28 -24.39 46.40
CA THR C 216 -6.89 -23.07 46.36
C THR C 216 -7.40 -22.65 47.72
N LEU C 217 -6.92 -21.52 48.21
CA LEU C 217 -7.54 -20.79 49.31
CA LEU C 217 -7.55 -20.80 49.30
C LEU C 217 -8.12 -19.48 48.77
N VAL C 218 -9.22 -19.04 49.39
CA VAL C 218 -9.85 -17.78 49.04
C VAL C 218 -9.61 -16.82 50.20
N TRP C 219 -9.00 -15.68 49.89
CA TRP C 219 -8.64 -14.69 50.90
C TRP C 219 -9.48 -13.43 50.70
N SER C 220 -9.90 -12.85 51.80
CA SER C 220 -10.57 -11.56 51.84
C SER C 220 -10.72 -11.16 53.31
N GLU C 221 -11.42 -10.06 53.56
CA GLU C 221 -11.78 -9.72 54.93
C GLU C 221 -12.85 -10.68 55.41
N LYS C 222 -12.84 -10.95 56.72
CA LYS C 222 -13.77 -11.88 57.34
C LYS C 222 -15.18 -11.74 56.76
N GLU C 223 -15.59 -10.49 56.53
CA GLU C 223 -16.95 -10.20 56.10
C GLU C 223 -17.27 -10.76 54.72
N GLN C 224 -16.25 -11.10 53.94
CA GLN C 224 -16.46 -11.58 52.57
C GLN C 224 -15.84 -12.94 52.26
N VAL C 225 -15.17 -13.57 53.23
CA VAL C 225 -14.51 -14.85 52.96
C VAL C 225 -15.54 -15.91 52.55
N GLU C 226 -16.50 -16.18 53.43
CA GLU C 226 -17.46 -17.24 53.15
C GLU C 226 -18.37 -16.91 51.98
N LYS C 227 -18.60 -15.62 51.74
CA LYS C 227 -19.35 -15.18 50.57
C LYS C 227 -18.57 -15.45 49.29
N SER C 228 -17.25 -15.34 49.39
CA SER C 228 -16.35 -15.59 48.24
C SER C 228 -16.13 -17.08 47.96
N ALA C 229 -15.79 -17.84 49.01
CA ALA C 229 -15.61 -19.28 48.85
C ALA C 229 -16.75 -19.93 48.08
N TYR C 230 -17.99 -19.56 48.39
CA TYR C 230 -19.12 -20.04 47.63
C TYR C 230 -19.06 -19.55 46.19
N GLU C 231 -18.86 -18.25 46.01
CA GLU C 231 -18.92 -17.65 44.67
C GLU C 231 -17.96 -18.31 43.69
N PHE C 232 -16.83 -18.81 44.17
CA PHE C 232 -15.79 -19.35 43.31
C PHE C 232 -15.52 -20.83 43.52
N SER C 233 -16.50 -21.54 44.08
CA SER C 233 -16.34 -22.96 44.33
C SER C 233 -15.88 -23.71 43.09
N GLU C 234 -16.41 -23.35 41.93
CA GLU C 234 -16.06 -24.06 40.68
C GLU C 234 -14.54 -24.02 40.36
N THR C 235 -13.77 -23.24 41.10
CA THR C 235 -12.37 -23.03 40.76
C THR C 235 -11.65 -24.32 40.37
N GLU C 236 -11.70 -25.35 41.23
CA GLU C 236 -10.88 -26.53 40.97
C GLU C 236 -11.30 -27.22 39.69
N SER C 237 -12.60 -27.29 39.43
CA SER C 237 -13.06 -27.87 38.18
CA SER C 237 -13.07 -27.87 38.18
C SER C 237 -12.47 -27.13 36.99
N MET C 238 -12.50 -25.80 37.03
CA MET C 238 -11.96 -25.00 35.93
C MET C 238 -10.46 -25.22 35.74
N LEU C 239 -9.71 -25.23 36.84
CA LEU C 239 -8.28 -25.52 36.75
C LEU C 239 -8.04 -26.86 36.06
N LYS C 240 -8.74 -27.92 36.49
CA LYS C 240 -8.60 -29.22 35.85
C LYS C 240 -8.87 -29.13 34.36
N ILE C 241 -9.98 -28.50 33.99
CA ILE C 241 -10.30 -28.34 32.57
C ILE C 241 -9.16 -27.57 31.87
N ALA C 242 -8.70 -26.49 32.47
CA ALA C 242 -7.58 -25.73 31.92
C ALA C 242 -6.34 -26.60 31.76
N GLU C 243 -6.10 -27.48 32.72
CA GLU C 243 -4.95 -28.37 32.63
CA GLU C 243 -4.96 -28.38 32.64
C GLU C 243 -5.05 -29.26 31.39
N ASP C 244 -6.25 -29.73 31.08
CA ASP C 244 -6.44 -30.58 29.92
C ASP C 244 -6.21 -29.81 28.64
N LEU C 245 -6.68 -28.56 28.62
CA LEU C 245 -6.57 -27.74 27.40
C LEU C 245 -5.18 -27.17 27.21
N GLY C 246 -4.48 -26.85 28.29
CA GLY C 246 -3.23 -26.12 28.18
C GLY C 246 -2.00 -26.87 28.62
N GLY C 247 -2.17 -27.92 29.41
CA GLY C 247 -1.04 -28.65 29.95
C GLY C 247 -0.93 -28.50 31.45
N PRO C 248 0.13 -29.07 32.04
CA PRO C 248 0.29 -28.99 33.49
C PRO C 248 0.20 -27.56 34.00
N TYR C 249 -0.42 -27.39 35.16
CA TYR C 249 -0.36 -26.14 35.90
C TYR C 249 0.97 -26.07 36.67
N VAL C 250 1.82 -25.11 36.31
CA VAL C 250 3.20 -25.11 36.77
C VAL C 250 3.42 -24.28 38.04
N TRP C 251 2.37 -23.64 38.55
CA TRP C 251 2.53 -22.68 39.63
C TRP C 251 2.20 -23.24 41.01
N GLY C 252 1.89 -24.49 41.05
CA GLY C 252 1.67 -25.11 42.34
C GLY C 252 0.35 -24.70 42.95
N GLN C 253 0.30 -23.56 43.60
CA GLN C 253 -0.86 -23.04 44.30
C GLN C 253 -1.61 -22.11 43.35
N TYR C 254 -2.94 -22.06 43.50
CA TYR C 254 -3.77 -21.06 42.80
C TYR C 254 -4.74 -20.53 43.85
N ASP C 255 -4.28 -19.58 44.66
CA ASP C 255 -5.15 -18.96 45.65
C ASP C 255 -5.96 -17.82 45.01
N LEU C 256 -6.99 -17.37 45.71
CA LEU C 256 -7.83 -16.27 45.28
C LEU C 256 -7.86 -15.20 46.36
N LEU C 257 -7.86 -13.95 45.93
CA LEU C 257 -7.92 -12.80 46.83
C LEU C 257 -8.99 -11.85 46.34
N VAL C 258 -10.10 -11.76 47.07
CA VAL C 258 -11.16 -10.82 46.75
C VAL C 258 -10.84 -9.52 47.48
N LEU C 259 -10.69 -8.43 46.71
CA LEU C 259 -10.16 -7.17 47.24
CA LEU C 259 -10.16 -7.17 47.24
C LEU C 259 -11.26 -6.21 47.66
N PRO C 260 -10.88 -5.05 48.21
CA PRO C 260 -11.87 -4.03 48.50
C PRO C 260 -12.49 -3.51 47.22
N PRO C 261 -13.62 -2.82 47.31
CA PRO C 261 -14.36 -2.43 46.09
C PRO C 261 -13.57 -1.58 45.10
N SER C 262 -12.47 -0.96 45.53
CA SER C 262 -11.77 -0.01 44.67
C SER C 262 -10.82 -0.67 43.68
N PHE C 263 -10.74 -2.01 43.65
CA PHE C 263 -9.82 -2.67 42.74
C PHE C 263 -10.16 -2.28 41.30
N PRO C 264 -9.16 -1.87 40.51
CA PRO C 264 -9.47 -1.22 39.22
C PRO C 264 -10.03 -2.14 38.15
N TYR C 265 -9.72 -3.43 38.18
CA TYR C 265 -10.11 -4.35 37.13
C TYR C 265 -10.98 -5.47 37.67
N GLY C 266 -11.52 -6.29 36.76
CA GLY C 266 -12.28 -7.46 37.17
C GLY C 266 -11.40 -8.50 37.86
N GLY C 267 -10.22 -8.74 37.31
CA GLY C 267 -9.29 -9.67 37.90
C GLY C 267 -7.89 -9.40 37.43
N MET C 268 -6.92 -9.97 38.15
CA MET C 268 -5.53 -9.80 37.82
C MET C 268 -4.85 -11.13 38.02
N GLU C 269 -4.30 -11.70 36.96
CA GLU C 269 -3.82 -13.08 36.98
C GLU C 269 -2.45 -13.21 37.67
N ASN C 270 -2.29 -12.50 38.73
CA ASN C 270 -1.00 -12.61 39.37
C ASN C 270 -0.77 -14.08 39.77
N PRO C 271 0.42 -14.68 39.55
CA PRO C 271 0.73 -16.11 39.74
C PRO C 271 0.57 -16.61 41.18
N CYS C 272 0.04 -17.85 41.39
CA CYS C 272 -0.09 -18.39 42.75
C CYS C 272 -1.15 -17.61 43.54
N LEU C 273 -1.64 -16.47 42.98
CA LEU C 273 -2.66 -15.61 43.60
C LEU C 273 -3.29 -14.63 42.61
N THR C 274 -4.50 -14.94 42.16
CA THR C 274 -5.30 -14.07 41.31
C THR C 274 -6.02 -13.06 42.18
N PHE C 275 -6.05 -11.82 41.71
CA PHE C 275 -6.81 -10.76 42.35
C PHE C 275 -8.12 -10.65 41.57
N VAL C 276 -9.22 -10.41 42.27
CA VAL C 276 -10.53 -10.30 41.64
C VAL C 276 -11.32 -9.24 42.37
N THR C 277 -12.16 -8.54 41.62
CA THR C 277 -12.98 -7.48 42.19
C THR C 277 -14.11 -8.08 43.03
N PRO C 278 -14.45 -7.45 44.16
CA PRO C 278 -15.59 -7.92 44.94
C PRO C 278 -16.92 -7.82 44.22
N THR C 279 -16.96 -7.16 43.06
CA THR C 279 -18.18 -7.08 42.28
C THR C 279 -18.57 -8.40 41.60
N LEU C 280 -17.72 -9.42 41.72
CA LEU C 280 -18.09 -10.75 41.24
C LEU C 280 -19.10 -11.43 42.14
N LEU C 281 -19.21 -11.00 43.40
CA LEU C 281 -20.04 -11.70 44.39
C LEU C 281 -21.51 -11.50 44.11
N ALA C 282 -22.01 -12.14 43.06
CA ALA C 282 -23.42 -12.08 42.73
C ALA C 282 -24.27 -13.01 43.59
N GLY C 283 -23.64 -14.01 44.23
CA GLY C 283 -24.35 -14.98 45.04
C GLY C 283 -24.96 -16.14 44.28
N ASP C 284 -24.73 -16.21 42.97
CA ASP C 284 -25.22 -17.31 42.15
C ASP C 284 -24.13 -17.91 41.25
N LYS C 285 -22.88 -17.48 41.45
CA LYS C 285 -21.73 -17.91 40.66
C LYS C 285 -21.83 -17.49 39.21
N SER C 286 -22.75 -16.58 38.89
CA SER C 286 -23.04 -16.22 37.50
C SER C 286 -21.96 -15.34 36.88
N LEU C 287 -20.97 -14.90 37.64
CA LEU C 287 -19.86 -14.13 37.11
C LEU C 287 -18.55 -14.90 37.13
N SER C 288 -18.61 -16.21 37.39
CA SER C 288 -17.40 -17.02 37.56
C SER C 288 -16.50 -17.04 36.32
N ASN C 289 -16.98 -16.53 35.17
CA ASN C 289 -16.19 -16.57 33.96
C ASN C 289 -14.92 -15.75 34.10
N VAL C 290 -14.93 -14.75 34.98
CA VAL C 290 -13.72 -13.99 35.27
C VAL C 290 -12.66 -14.89 35.90
N ILE C 291 -13.08 -15.75 36.80
CA ILE C 291 -12.15 -16.74 37.40
C ILE C 291 -11.57 -17.65 36.32
N ALA C 292 -12.41 -18.02 35.35
CA ALA C 292 -11.97 -18.81 34.22
C ALA C 292 -10.94 -18.04 33.39
N HIS C 293 -11.12 -16.72 33.33
CA HIS C 293 -10.19 -15.88 32.59
C HIS C 293 -8.84 -15.90 33.28
N GLU C 294 -8.83 -15.53 34.56
CA GLU C 294 -7.57 -15.46 35.31
C GLU C 294 -6.88 -16.83 35.36
N ILE C 295 -7.68 -17.88 35.36
CA ILE C 295 -7.11 -19.22 35.40
C ILE C 295 -6.37 -19.52 34.09
N SER C 296 -6.93 -19.06 32.98
CA SER C 296 -6.31 -19.28 31.67
C SER C 296 -4.97 -18.56 31.58
N HIS C 297 -4.88 -17.38 32.17
CA HIS C 297 -3.65 -16.60 32.08
C HIS C 297 -2.45 -17.39 32.58
N SER C 298 -2.68 -18.34 33.49
CA SER C 298 -1.59 -19.20 33.97
C SER C 298 -0.86 -19.93 32.84
N TRP C 299 -1.46 -19.96 31.65
CA TRP C 299 -0.83 -20.51 30.47
C TRP C 299 -0.55 -19.35 29.51
N THR C 300 -1.60 -18.78 28.92
CA THR C 300 -1.47 -17.68 27.97
C THR C 300 -1.26 -16.33 28.68
N GLY C 301 -0.05 -15.89 28.81
CA GLY C 301 0.26 -14.67 29.53
C GLY C 301 1.33 -14.85 30.57
N ASN C 302 1.15 -15.66 31.58
CA ASN C 302 2.13 -15.90 32.64
C ASN C 302 3.20 -16.93 32.25
N LEU C 303 2.82 -17.93 31.46
CA LEU C 303 3.78 -18.90 30.94
C LEU C 303 4.36 -18.39 29.62
N VAL C 304 3.53 -18.33 28.58
CA VAL C 304 3.87 -17.66 27.35
C VAL C 304 3.46 -16.20 27.55
N THR C 305 4.43 -15.30 27.46
CA THR C 305 4.21 -13.89 27.75
C THR C 305 4.45 -13.03 26.52
N ASN C 306 3.81 -11.87 26.47
CA ASN C 306 4.03 -10.94 25.37
C ASN C 306 5.39 -10.27 25.52
N LYS C 307 6.16 -10.22 24.45
CA LYS C 307 7.51 -9.66 24.49
C LYS C 307 7.48 -8.20 24.89
N THR C 308 6.68 -7.40 24.19
CA THR C 308 6.45 -6.03 24.60
C THR C 308 4.93 -5.85 24.73
N TRP C 309 4.51 -4.68 25.19
CA TRP C 309 3.09 -4.40 25.36
C TRP C 309 2.36 -4.18 24.03
N ASP C 310 3.10 -3.95 22.95
CA ASP C 310 2.49 -3.82 21.65
C ASP C 310 1.80 -5.11 21.24
N HIS C 311 2.23 -6.23 21.81
CA HIS C 311 1.70 -7.55 21.44
C HIS C 311 0.83 -8.17 22.53
N PHE C 312 0.35 -7.33 23.44
CA PHE C 312 -0.58 -7.69 24.49
C PHE C 312 -1.70 -8.63 24.01
N TRP C 313 -2.18 -8.45 22.78
CA TRP C 313 -3.28 -9.24 22.27
C TRP C 313 -2.97 -10.72 22.36
N LEU C 314 -1.70 -11.09 22.24
CA LEU C 314 -1.31 -12.47 22.53
C LEU C 314 -1.82 -12.91 23.89
N ASN C 315 -1.53 -12.12 24.92
CA ASN C 315 -2.00 -12.40 26.27
C ASN C 315 -3.52 -12.58 26.33
N GLU C 316 -4.26 -11.50 26.11
CA GLU C 316 -5.68 -11.52 26.42
C GLU C 316 -6.45 -12.32 25.39
N GLY C 317 -6.10 -12.17 24.12
CA GLY C 317 -6.81 -12.87 23.07
C GLY C 317 -6.90 -14.36 23.32
N HIS C 318 -5.74 -15.00 23.41
CA HIS C 318 -5.67 -16.42 23.68
C HIS C 318 -6.36 -16.79 24.96
N THR C 319 -6.18 -15.96 25.99
CA THR C 319 -6.79 -16.24 27.27
C THR C 319 -8.30 -16.27 27.16
N VAL C 320 -8.88 -15.33 26.46
CA VAL C 320 -10.33 -15.34 26.24
C VAL C 320 -10.73 -16.63 25.53
N TYR C 321 -9.92 -17.05 24.55
CA TYR C 321 -10.21 -18.28 23.83
C TYR C 321 -10.26 -19.46 24.80
N LEU C 322 -9.27 -19.55 25.68
CA LEU C 322 -9.23 -20.60 26.68
C LEU C 322 -10.39 -20.50 27.66
N GLU C 323 -10.64 -19.30 28.16
CA GLU C 323 -11.70 -19.07 29.11
C GLU C 323 -13.03 -19.55 28.55
N ARG C 324 -13.33 -19.18 27.30
CA ARG C 324 -14.61 -19.57 26.72
C ARG C 324 -14.66 -21.08 26.40
N HIS C 325 -13.52 -21.70 26.15
CA HIS C 325 -13.48 -23.14 26.06
C HIS C 325 -13.73 -23.81 27.42
N ILE C 326 -13.22 -23.19 28.48
CA ILE C 326 -13.47 -23.67 29.83
C ILE C 326 -14.96 -23.63 30.11
N CYS C 327 -15.59 -22.51 29.80
CA CYS C 327 -17.03 -22.37 30.00
C CYS C 327 -17.84 -23.16 28.98
N GLY C 328 -17.22 -23.54 27.87
CA GLY C 328 -17.87 -24.47 26.95
C GLY C 328 -17.95 -25.88 27.52
N ARG C 329 -16.84 -26.35 28.10
CA ARG C 329 -16.82 -27.67 28.73
CA ARG C 329 -16.81 -27.66 28.74
C ARG C 329 -17.80 -27.74 29.90
N LEU C 330 -17.89 -26.66 30.67
CA LEU C 330 -18.73 -26.65 31.86
CA LEU C 330 -18.73 -26.64 31.86
C LEU C 330 -20.21 -26.48 31.52
N PHE C 331 -20.52 -25.77 30.44
CA PHE C 331 -21.93 -25.43 30.15
C PHE C 331 -22.38 -25.71 28.72
N GLY C 332 -21.59 -26.46 27.96
CA GLY C 332 -22.00 -26.83 26.62
C GLY C 332 -21.46 -25.89 25.55
N GLU C 333 -21.29 -26.42 24.34
CA GLU C 333 -20.76 -25.64 23.23
C GLU C 333 -21.69 -24.48 22.87
N LYS C 334 -23.00 -24.71 22.93
CA LYS C 334 -23.94 -23.64 22.65
C LYS C 334 -23.68 -22.40 23.51
N PHE C 335 -23.24 -22.61 24.75
CA PHE C 335 -22.91 -21.48 25.64
C PHE C 335 -21.65 -20.77 25.17
N ARG C 336 -20.61 -21.52 24.84
CA ARG C 336 -19.37 -20.92 24.32
C ARG C 336 -19.64 -20.02 23.12
N HIS C 337 -20.61 -20.40 22.29
CA HIS C 337 -20.99 -19.55 21.16
C HIS C 337 -21.73 -18.29 21.62
N PHE C 338 -22.54 -18.39 22.68
CA PHE C 338 -23.25 -17.23 23.19
C PHE C 338 -22.25 -16.21 23.73
N ASN C 339 -21.29 -16.66 24.54
CA ASN C 339 -20.29 -15.74 25.07
C ASN C 339 -19.42 -15.18 23.97
N ALA C 340 -19.20 -15.97 22.91
CA ALA C 340 -18.39 -15.50 21.79
C ALA C 340 -19.12 -14.40 21.01
N LEU C 341 -20.36 -14.67 20.63
CA LEU C 341 -21.15 -13.66 19.92
C LEU C 341 -21.34 -12.43 20.79
N GLY C 342 -21.46 -12.62 22.09
CA GLY C 342 -21.52 -11.49 23.00
C GLY C 342 -20.23 -10.68 22.93
N GLY C 343 -19.10 -11.37 22.90
CA GLY C 343 -17.83 -10.70 22.77
C GLY C 343 -17.74 -9.86 21.51
N TRP C 344 -18.29 -10.37 20.41
CA TRP C 344 -18.35 -9.61 19.17
C TRP C 344 -19.13 -8.32 19.36
N GLY C 345 -20.27 -8.40 20.05
CA GLY C 345 -21.07 -7.22 20.36
C GLY C 345 -20.25 -6.15 21.05
N GLU C 346 -19.62 -6.53 22.17
CA GLU C 346 -18.76 -5.63 22.91
C GLU C 346 -17.68 -5.05 22.02
N LEU C 347 -17.23 -5.82 21.03
CA LEU C 347 -16.24 -5.32 20.09
C LEU C 347 -16.77 -4.17 19.25
N GLN C 348 -18.02 -4.27 18.82
CA GLN C 348 -18.66 -3.17 18.09
C GLN C 348 -18.83 -1.93 18.96
N ASN C 349 -19.22 -2.11 20.21
CA ASN C 349 -19.28 -0.99 21.14
C ASN C 349 -17.95 -0.25 21.19
N SER C 350 -16.86 -1.01 21.28
CA SER C 350 -15.52 -0.42 21.44
C SER C 350 -15.03 0.27 20.16
N VAL C 351 -15.38 -0.25 19.00
CA VAL C 351 -14.97 0.39 17.76
C VAL C 351 -15.85 1.61 17.48
N LYS C 352 -17.15 1.50 17.72
CA LYS C 352 -18.01 2.66 17.58
C LYS C 352 -17.66 3.75 18.59
N THR C 353 -17.14 3.36 19.74
CA THR C 353 -16.71 4.35 20.73
C THR C 353 -15.36 4.99 20.35
N PHE C 354 -14.36 4.16 20.10
CA PHE C 354 -13.04 4.67 19.76
C PHE C 354 -13.00 5.26 18.34
N GLY C 355 -13.74 4.65 17.42
CA GLY C 355 -13.72 5.06 16.01
C GLY C 355 -13.14 3.97 15.13
N GLU C 356 -13.73 3.77 13.96
CA GLU C 356 -13.32 2.70 13.04
C GLU C 356 -11.87 2.83 12.59
N THR C 357 -11.27 3.98 12.80
CA THR C 357 -9.89 4.22 12.37
C THR C 357 -8.94 4.47 13.52
N HIS C 358 -9.40 4.29 14.76
CA HIS C 358 -8.61 4.66 15.93
C HIS C 358 -7.44 3.69 16.11
N PRO C 359 -6.27 4.22 16.45
CA PRO C 359 -5.07 3.40 16.66
C PRO C 359 -5.32 2.18 17.54
N PHE C 360 -5.94 2.37 18.69
CA PHE C 360 -6.09 1.25 19.61
C PHE C 360 -7.29 0.36 19.32
N THR C 361 -7.66 0.30 18.05
CA THR C 361 -8.57 -0.73 17.57
C THR C 361 -7.78 -1.66 16.66
N LYS C 362 -6.51 -1.33 16.40
CA LYS C 362 -5.63 -2.28 15.76
C LYS C 362 -5.38 -3.46 16.68
N LEU C 363 -4.95 -4.58 16.11
CA LEU C 363 -4.64 -5.78 16.89
C LEU C 363 -3.27 -5.66 17.55
N VAL C 364 -2.27 -5.31 16.74
CA VAL C 364 -0.93 -4.99 17.23
C VAL C 364 -0.77 -3.46 17.19
N VAL C 365 -0.47 -2.87 18.33
CA VAL C 365 -0.45 -1.42 18.48
C VAL C 365 0.99 -0.92 18.57
N ASP C 366 1.13 0.38 18.82
CA ASP C 366 2.42 1.03 19.00
C ASP C 366 2.24 2.02 20.14
N LEU C 367 2.53 1.56 21.35
CA LEU C 367 2.37 2.35 22.56
C LEU C 367 3.47 3.40 22.74
N THR C 368 4.24 3.65 21.71
CA THR C 368 5.25 4.70 21.76
C THR C 368 4.59 6.06 22.00
N ASP C 369 4.87 6.66 23.15
CA ASP C 369 4.36 7.98 23.51
C ASP C 369 2.89 7.94 23.83
N ILE C 370 2.44 6.82 24.39
CA ILE C 370 1.06 6.69 24.90
C ILE C 370 1.13 5.98 26.25
N ASP C 371 0.35 6.47 27.20
CA ASP C 371 0.27 5.82 28.50
C ASP C 371 -0.49 4.50 28.39
N PRO C 372 0.16 3.39 28.72
CA PRO C 372 -0.53 2.11 28.59
C PRO C 372 -1.89 2.11 29.26
N ASP C 373 -1.99 2.70 30.44
CA ASP C 373 -3.26 2.76 31.14
C ASP C 373 -4.33 3.42 30.30
N VAL C 374 -3.93 4.38 29.47
CA VAL C 374 -4.88 5.13 28.65
C VAL C 374 -5.28 4.33 27.40
N ALA C 375 -4.41 3.46 26.91
CA ALA C 375 -4.69 2.68 25.72
C ALA C 375 -5.48 1.40 26.02
N TYR C 376 -5.48 0.97 27.28
CA TYR C 376 -6.10 -0.30 27.65
C TYR C 376 -7.59 -0.24 27.38
N SER C 377 -8.11 -1.30 26.77
CA SER C 377 -9.52 -1.38 26.40
C SER C 377 -9.89 -2.85 26.15
N SER C 378 -11.10 -3.08 25.65
CA SER C 378 -11.59 -4.42 25.38
C SER C 378 -11.02 -4.93 24.07
N VAL C 379 -10.58 -4.04 23.19
CA VAL C 379 -10.15 -4.41 21.84
C VAL C 379 -9.22 -5.64 21.77
N PRO C 380 -8.12 -5.71 22.47
CA PRO C 380 -7.24 -6.89 22.44
C PRO C 380 -7.96 -8.14 22.93
N TYR C 381 -8.82 -8.00 23.92
CA TYR C 381 -9.58 -9.15 24.42
C TYR C 381 -10.48 -9.74 23.32
N GLU C 382 -11.27 -8.89 22.70
CA GLU C 382 -12.32 -9.35 21.80
C GLU C 382 -11.87 -9.52 20.36
N LYS C 383 -11.18 -8.52 19.81
CA LYS C 383 -10.61 -8.69 18.49
C LYS C 383 -9.61 -9.83 18.51
N GLY C 384 -8.86 -9.98 19.61
CA GLY C 384 -7.96 -11.11 19.75
C GLY C 384 -8.67 -12.44 19.75
N PHE C 385 -9.81 -12.54 20.45
CA PHE C 385 -10.60 -13.76 20.42
C PHE C 385 -11.24 -14.02 19.06
N ALA C 386 -11.72 -12.97 18.40
CA ALA C 386 -12.34 -13.13 17.09
C ALA C 386 -11.36 -13.74 16.09
N LEU C 387 -10.17 -13.18 15.99
CA LEU C 387 -9.14 -13.73 15.12
C LEU C 387 -8.94 -15.21 15.41
N LEU C 388 -8.75 -15.56 16.68
CA LEU C 388 -8.54 -16.97 17.04
C LEU C 388 -9.81 -17.80 16.78
N PHE C 389 -10.98 -17.26 17.08
CA PHE C 389 -12.22 -17.95 16.76
C PHE C 389 -12.36 -18.12 15.25
N TYR C 390 -12.06 -17.07 14.50
CA TYR C 390 -12.01 -17.16 13.04
C TYR C 390 -11.08 -18.29 12.62
N LEU C 391 -9.85 -18.31 13.16
CA LEU C 391 -8.88 -19.32 12.78
C LEU C 391 -9.34 -20.71 13.20
N GLU C 392 -10.11 -20.81 14.28
CA GLU C 392 -10.67 -22.10 14.68
C GLU C 392 -11.59 -22.63 13.59
N GLN C 393 -12.48 -21.76 13.09
CA GLN C 393 -13.45 -22.18 12.10
C GLN C 393 -12.81 -22.38 10.73
N LEU C 394 -11.76 -21.63 10.43
CA LEU C 394 -11.11 -21.75 9.14
C LEU C 394 -10.29 -23.01 9.04
N LEU C 395 -9.71 -23.46 10.17
CA LEU C 395 -8.69 -24.52 10.18
C LEU C 395 -9.21 -25.90 10.59
N GLY C 396 -10.50 -26.05 10.87
CA GLY C 396 -11.03 -27.38 11.09
C GLY C 396 -12.02 -27.54 12.22
N GLY C 397 -11.96 -26.68 13.23
CA GLY C 397 -12.87 -26.76 14.35
C GLY C 397 -12.16 -26.78 15.69
N PRO C 398 -12.92 -26.64 16.77
CA PRO C 398 -12.30 -26.47 18.10
C PRO C 398 -11.30 -27.55 18.47
N GLU C 399 -11.59 -28.80 18.14
CA GLU C 399 -10.69 -29.91 18.48
CA GLU C 399 -10.69 -29.91 18.48
C GLU C 399 -9.30 -29.64 17.94
N ILE C 400 -9.21 -29.38 16.63
CA ILE C 400 -7.91 -29.16 16.00
C ILE C 400 -7.21 -27.94 16.57
N PHE C 401 -7.89 -26.79 16.56
CA PHE C 401 -7.28 -25.55 17.02
C PHE C 401 -6.85 -25.65 18.48
N LEU C 402 -7.66 -26.32 19.29
CA LEU C 402 -7.24 -26.60 20.67
C LEU C 402 -5.95 -27.39 20.71
N GLY C 403 -5.75 -28.22 19.69
CA GLY C 403 -4.46 -28.90 19.53
C GLY C 403 -3.35 -27.89 19.35
N PHE C 404 -3.50 -26.99 18.38
CA PHE C 404 -2.51 -25.94 18.18
C PHE C 404 -2.24 -25.17 19.46
N LEU C 405 -3.29 -24.90 20.22
CA LEU C 405 -3.12 -24.07 21.40
C LEU C 405 -2.23 -24.75 22.42
N LYS C 406 -2.31 -26.08 22.50
CA LYS C 406 -1.49 -26.81 23.47
C LYS C 406 -0.03 -26.86 23.06
N ALA C 407 0.22 -27.06 21.77
CA ALA C 407 1.59 -27.03 21.26
C ALA C 407 2.17 -25.62 21.33
N TYR C 408 1.31 -24.62 21.11
CA TYR C 408 1.71 -23.23 21.28
C TYR C 408 2.22 -22.97 22.70
N VAL C 409 1.50 -23.51 23.69
CA VAL C 409 1.88 -23.30 25.08
C VAL C 409 3.15 -24.06 25.42
N GLU C 410 3.30 -25.28 24.89
CA GLU C 410 4.53 -26.03 25.11
C GLU C 410 5.70 -25.39 24.40
N LYS C 411 5.53 -25.09 23.12
CA LYS C 411 6.59 -24.47 22.34
C LYS C 411 7.17 -23.25 23.06
N PHE C 412 6.30 -22.34 23.51
CA PHE C 412 6.72 -21.04 24.02
C PHE C 412 6.56 -20.89 25.54
N SER C 413 6.24 -21.98 26.23
CA SER C 413 6.23 -21.95 27.68
C SER C 413 7.48 -21.27 28.20
N TYR C 414 7.29 -20.44 29.22
CA TYR C 414 8.37 -19.82 29.98
C TYR C 414 9.05 -18.65 29.25
N LYS C 415 8.62 -18.32 28.04
CA LYS C 415 9.30 -17.33 27.23
C LYS C 415 8.45 -16.07 27.00
N SER C 416 9.00 -15.16 26.19
CA SER C 416 8.30 -13.94 25.81
C SER C 416 8.42 -13.77 24.31
N ILE C 417 7.29 -13.64 23.63
CA ILE C 417 7.23 -13.70 22.19
C ILE C 417 6.44 -12.54 21.64
N THR C 418 6.46 -12.41 20.31
CA THR C 418 5.79 -11.35 19.58
C THR C 418 4.66 -11.94 18.74
N THR C 419 3.95 -11.05 18.02
CA THR C 419 2.95 -11.51 17.09
C THR C 419 3.58 -12.39 16.03
N ASP C 420 4.77 -12.04 15.56
CA ASP C 420 5.46 -12.81 14.52
C ASP C 420 5.80 -14.23 15.03
N ASP C 421 6.44 -14.32 16.18
CA ASP C 421 6.72 -15.62 16.78
C ASP C 421 5.46 -16.51 16.73
N TRP C 422 4.34 -15.94 17.13
CA TRP C 422 3.08 -16.69 17.14
C TRP C 422 2.69 -17.07 15.73
N LYS C 423 2.81 -16.14 14.79
CA LYS C 423 2.40 -16.40 13.40
C LYS C 423 3.31 -17.44 12.74
N ASP C 424 4.63 -17.29 12.93
CA ASP C 424 5.59 -18.26 12.42
C ASP C 424 5.27 -19.66 12.94
N PHE C 425 4.89 -19.75 14.21
CA PHE C 425 4.53 -21.05 14.77
C PHE C 425 3.22 -21.58 14.15
N LEU C 426 2.26 -20.68 13.92
CA LEU C 426 1.00 -21.08 13.31
C LEU C 426 1.24 -21.75 11.96
N TYR C 427 1.91 -21.05 11.06
CA TYR C 427 2.23 -21.62 9.75
C TYR C 427 3.03 -22.93 9.87
N SER C 428 3.82 -23.07 10.92
CA SER C 428 4.58 -24.30 11.14
C SER C 428 3.67 -25.44 11.57
N TYR C 429 2.88 -25.22 12.62
CA TYR C 429 2.03 -26.27 13.15
C TYR C 429 0.97 -26.68 12.15
N PHE C 430 0.51 -25.76 11.31
CA PHE C 430 -0.46 -26.08 10.27
C PHE C 430 0.16 -26.08 8.88
N LYS C 431 1.43 -26.47 8.79
CA LYS C 431 2.15 -26.59 7.51
C LYS C 431 1.32 -27.23 6.38
N ASP C 432 0.47 -28.19 6.73
CA ASP C 432 -0.36 -28.88 5.77
C ASP C 432 -1.63 -28.10 5.44
N LYS C 433 -1.75 -26.85 5.91
CA LYS C 433 -2.91 -26.02 5.60
C LYS C 433 -2.50 -24.57 5.30
N VAL C 434 -1.27 -24.39 4.81
CA VAL C 434 -0.79 -23.05 4.47
C VAL C 434 -1.71 -22.40 3.43
N ASP C 435 -2.20 -23.18 2.47
CA ASP C 435 -3.17 -22.67 1.52
C ASP C 435 -4.30 -22.00 2.28
N VAL C 436 -4.79 -22.67 3.32
CA VAL C 436 -5.85 -22.11 4.14
C VAL C 436 -5.36 -20.80 4.74
N LEU C 437 -4.23 -20.86 5.43
CA LEU C 437 -3.71 -19.69 6.13
C LEU C 437 -3.52 -18.49 5.21
N ASN C 438 -3.03 -18.73 3.99
CA ASN C 438 -2.75 -17.63 3.07
C ASN C 438 -4.00 -16.87 2.62
N GLN C 439 -5.19 -17.45 2.82
CA GLN C 439 -6.44 -16.73 2.55
CA GLN C 439 -6.43 -16.73 2.55
C GLN C 439 -6.76 -15.71 3.65
N VAL C 440 -6.03 -15.77 4.77
CA VAL C 440 -6.27 -14.88 5.89
C VAL C 440 -5.70 -13.52 5.50
N ASP C 441 -6.51 -12.47 5.65
CA ASP C 441 -6.07 -11.11 5.39
C ASP C 441 -5.30 -10.71 6.68
N TRP C 442 -4.01 -11.05 6.69
CA TRP C 442 -3.21 -10.82 7.88
C TRP C 442 -2.99 -9.34 8.16
N ASN C 443 -2.83 -8.54 7.12
CA ASN C 443 -2.59 -7.10 7.31
CA ASN C 443 -2.59 -7.11 7.32
C ASN C 443 -3.82 -6.41 7.91
N ALA C 444 -5.00 -6.84 7.50
CA ALA C 444 -6.21 -6.24 8.06
C ALA C 444 -6.41 -6.69 9.50
N TRP C 445 -6.25 -7.98 9.76
CA TRP C 445 -6.48 -8.51 11.10
C TRP C 445 -5.53 -7.92 12.12
N LEU C 446 -4.24 -7.87 11.77
CA LEU C 446 -3.20 -7.51 12.73
C LEU C 446 -2.91 -6.03 12.86
N TYR C 447 -3.02 -5.29 11.75
CA TYR C 447 -2.54 -3.90 11.71
C TYR C 447 -3.56 -2.87 11.26
N SER C 448 -4.73 -3.28 10.78
CA SER C 448 -5.75 -2.32 10.37
C SER C 448 -6.69 -1.98 11.52
N PRO C 449 -7.09 -0.72 11.66
CA PRO C 449 -8.05 -0.37 12.70
C PRO C 449 -9.44 -0.86 12.34
N GLY C 450 -10.40 -0.63 13.24
CA GLY C 450 -11.79 -0.99 13.02
C GLY C 450 -12.10 -2.46 13.23
N LEU C 451 -13.34 -2.81 12.97
CA LEU C 451 -13.80 -4.19 13.04
C LEU C 451 -12.93 -5.08 12.18
N PRO C 452 -12.80 -6.36 12.52
CA PRO C 452 -12.05 -7.28 11.66
C PRO C 452 -12.66 -7.33 10.27
N PRO C 453 -11.92 -7.86 9.29
CA PRO C 453 -12.41 -7.88 7.91
C PRO C 453 -13.44 -8.99 7.62
N ILE C 454 -13.70 -9.87 8.59
CA ILE C 454 -14.65 -10.97 8.39
C ILE C 454 -15.20 -11.41 9.74
N LYS C 455 -16.52 -11.54 9.84
CA LYS C 455 -17.18 -11.92 11.07
C LYS C 455 -17.33 -13.43 11.11
N PRO C 456 -16.81 -14.10 12.13
CA PRO C 456 -16.95 -15.56 12.21
C PRO C 456 -18.42 -15.98 12.35
N ASN C 457 -18.64 -17.29 12.22
CA ASN C 457 -19.98 -17.85 12.29
C ASN C 457 -20.32 -18.16 13.73
N TYR C 458 -21.51 -17.73 14.16
CA TYR C 458 -21.94 -17.88 15.54
C TYR C 458 -23.27 -18.63 15.62
N ASP C 459 -23.35 -19.57 16.54
CA ASP C 459 -24.62 -20.20 16.86
C ASP C 459 -25.51 -19.21 17.62
N MET C 460 -26.77 -19.13 17.21
CA MET C 460 -27.69 -18.13 17.74
C MET C 460 -28.68 -18.67 18.79
N THR C 461 -28.65 -19.98 19.05
CA THR C 461 -29.65 -20.64 19.87
C THR C 461 -29.96 -19.85 21.15
N LEU C 462 -28.95 -19.64 21.98
CA LEU C 462 -29.14 -18.94 23.26
C LEU C 462 -29.33 -17.44 23.10
N THR C 463 -29.00 -16.87 21.96
CA THR C 463 -29.04 -15.42 21.78
C THR C 463 -30.40 -14.93 21.25
N ASN C 464 -31.09 -15.74 20.46
CA ASN C 464 -32.31 -15.29 19.83
C ASN C 464 -33.30 -14.70 20.83
N ALA C 465 -33.55 -15.43 21.92
CA ALA C 465 -34.49 -14.96 22.95
C ALA C 465 -34.14 -13.56 23.44
N CYS C 466 -32.83 -13.26 23.53
CA CYS C 466 -32.39 -11.92 23.90
C CYS C 466 -32.75 -10.91 22.83
N ILE C 467 -32.44 -11.22 21.57
CA ILE C 467 -32.81 -10.35 20.45
C ILE C 467 -34.32 -10.12 20.38
N ALA C 468 -35.10 -11.20 20.54
CA ALA C 468 -36.56 -11.11 20.55
C ALA C 468 -37.04 -10.08 21.56
N LEU C 469 -36.60 -10.21 22.81
CA LEU C 469 -37.05 -9.28 23.85
C LEU C 469 -36.54 -7.85 23.58
N SER C 470 -35.31 -7.72 23.09
CA SER C 470 -34.77 -6.40 22.78
C SER C 470 -35.59 -5.70 21.71
N GLN C 471 -35.92 -6.41 20.63
CA GLN C 471 -36.69 -5.81 19.54
C GLN C 471 -38.09 -5.41 19.97
N ARG C 472 -38.76 -6.27 20.75
CA ARG C 472 -40.08 -5.94 21.29
C ARG C 472 -40.06 -4.60 22.01
N TRP C 473 -39.03 -4.36 22.82
CA TRP C 473 -38.90 -3.09 23.57
C TRP C 473 -38.51 -1.92 22.68
N ILE C 474 -37.72 -2.18 21.65
CA ILE C 474 -37.22 -1.09 20.82
C ILE C 474 -38.32 -0.55 19.89
N THR C 475 -39.05 -1.45 19.24
CA THR C 475 -40.07 -1.05 18.28
C THR C 475 -41.44 -0.81 18.93
N ALA C 476 -41.49 -0.74 20.26
CA ALA C 476 -42.75 -0.61 20.97
C ALA C 476 -43.17 0.85 21.05
N LYS C 477 -44.49 1.07 20.98
CA LYS C 477 -45.08 2.39 21.17
C LYS C 477 -45.85 2.40 22.49
N GLU C 478 -46.37 3.56 22.85
CA GLU C 478 -47.04 3.72 24.15
C GLU C 478 -48.14 2.69 24.38
N ASP C 479 -48.87 2.34 23.32
CA ASP C 479 -49.97 1.37 23.45
C ASP C 479 -49.47 -0.08 23.57
N ASP C 480 -48.16 -0.30 23.47
CA ASP C 480 -47.58 -1.64 23.57
C ASP C 480 -46.87 -1.87 24.92
N LEU C 481 -46.96 -0.93 25.87
CA LEU C 481 -46.18 -1.07 27.10
C LEU C 481 -46.89 -1.94 28.11
N ASN C 482 -48.25 -1.86 28.10
N ASN C 482 -48.22 -1.86 28.16
CA ASN C 482 -49.01 -2.70 29.02
CA ASN C 482 -49.00 -2.71 29.07
C ASN C 482 -48.81 -4.19 28.76
C ASN C 482 -48.80 -4.21 28.80
N SER C 483 -48.31 -4.56 27.61
CA SER C 483 -48.15 -5.97 27.25
C SER C 483 -47.00 -6.65 27.99
N PHE C 484 -45.91 -5.91 28.25
CA PHE C 484 -44.77 -6.48 28.96
C PHE C 484 -45.16 -6.90 30.37
N ASN C 485 -44.41 -7.85 30.91
CA ASN C 485 -44.70 -8.40 32.23
C ASN C 485 -43.52 -9.22 32.69
N ALA C 486 -43.40 -9.36 34.01
CA ALA C 486 -42.30 -10.09 34.62
C ALA C 486 -42.02 -11.40 33.91
N THR C 487 -43.07 -12.03 33.38
CA THR C 487 -42.94 -13.33 32.73
C THR C 487 -42.17 -13.28 31.42
N ASP C 488 -41.78 -12.08 30.97
CA ASP C 488 -40.91 -11.98 29.79
C ASP C 488 -39.48 -12.41 30.11
N LEU C 489 -39.15 -12.61 31.38
CA LEU C 489 -37.82 -13.06 31.79
C LEU C 489 -37.82 -14.45 32.44
N LYS C 490 -38.96 -15.14 32.42
CA LYS C 490 -39.11 -16.35 33.21
C LYS C 490 -38.01 -17.38 32.87
N ASP C 491 -37.78 -17.58 31.57
CA ASP C 491 -36.85 -18.61 31.12
C ASP C 491 -35.48 -18.03 30.78
N LEU C 492 -35.27 -16.75 31.04
CA LEU C 492 -34.02 -16.09 30.68
C LEU C 492 -33.00 -16.27 31.78
N SER C 493 -31.86 -16.85 31.45
CA SER C 493 -30.76 -16.96 32.41
C SER C 493 -30.23 -15.57 32.71
N SER C 494 -29.27 -15.49 33.63
CA SER C 494 -28.67 -14.22 33.99
CA SER C 494 -28.68 -14.22 33.99
C SER C 494 -27.85 -13.65 32.84
N HIS C 495 -27.07 -14.51 32.17
CA HIS C 495 -26.26 -14.05 31.04
C HIS C 495 -27.14 -13.60 29.88
N GLN C 496 -28.28 -14.25 29.70
CA GLN C 496 -29.19 -13.84 28.66
C GLN C 496 -29.78 -12.55 29.10
N LEU C 497 -30.04 -12.46 30.40
CA LEU C 497 -30.59 -11.22 30.91
C LEU C 497 -29.61 -10.07 30.68
N ASN C 498 -28.36 -10.31 30.95
CA ASN C 498 -27.43 -9.26 30.74
C ASN C 498 -27.34 -8.90 29.25
N GLU C 499 -27.31 -9.91 28.38
CA GLU C 499 -27.24 -9.72 26.93
C GLU C 499 -28.41 -8.90 26.41
N PHE C 500 -29.61 -9.14 26.93
CA PHE C 500 -30.78 -8.34 26.55
C PHE C 500 -30.55 -6.85 26.81
N LEU C 501 -30.16 -6.50 28.03
CA LEU C 501 -29.84 -5.12 28.35
C LEU C 501 -28.75 -4.56 27.43
N ALA C 502 -27.70 -5.35 27.17
CA ALA C 502 -26.66 -4.93 26.22
C ALA C 502 -27.27 -4.61 24.85
N GLN C 503 -28.06 -5.54 24.31
CA GLN C 503 -28.81 -5.31 23.07
C GLN C 503 -29.55 -3.97 23.16
N THR C 504 -30.37 -3.81 24.20
CA THR C 504 -31.17 -2.61 24.34
C THR C 504 -30.32 -1.36 24.50
N LEU C 505 -29.16 -1.47 25.14
CA LEU C 505 -28.34 -0.31 25.42
C LEU C 505 -27.74 0.28 24.14
N GLN C 506 -27.47 -0.55 23.15
CA GLN C 506 -26.89 -0.05 21.91
C GLN C 506 -27.84 0.90 21.20
N ARG C 507 -29.14 0.62 21.26
CA ARG C 507 -30.16 1.45 20.62
C ARG C 507 -30.77 2.48 21.57
N ALA C 508 -30.01 2.89 22.58
CA ALA C 508 -30.45 3.96 23.46
C ALA C 508 -30.28 5.26 22.69
N PRO C 509 -31.05 6.30 23.04
CA PRO C 509 -31.98 6.30 24.18
C PRO C 509 -33.31 5.78 23.88
N LEU C 510 -33.90 5.24 24.92
CA LEU C 510 -35.26 4.78 24.78
C LEU C 510 -36.19 5.84 25.32
N PRO C 511 -37.44 5.86 24.84
CA PRO C 511 -38.40 6.83 25.37
C PRO C 511 -38.51 6.71 26.88
N LEU C 512 -38.50 7.85 27.56
CA LEU C 512 -38.61 7.89 29.00
C LEU C 512 -39.73 6.99 29.54
N GLY C 513 -40.88 7.00 28.89
CA GLY C 513 -42.00 6.14 29.29
C GLY C 513 -41.72 4.64 29.16
N HIS C 514 -40.73 4.27 28.36
CA HIS C 514 -40.33 2.89 28.20
C HIS C 514 -39.50 2.40 29.36
N ILE C 515 -38.60 3.27 29.83
CA ILE C 515 -37.72 2.93 30.93
C ILE C 515 -38.50 2.65 32.19
N LYS C 516 -39.47 3.51 32.49
CA LYS C 516 -40.30 3.33 33.70
C LYS C 516 -41.05 2.02 33.66
N ARG C 517 -41.69 1.72 32.53
CA ARG C 517 -42.39 0.46 32.36
C ARG C 517 -41.43 -0.73 32.58
N MET C 518 -40.20 -0.59 32.09
CA MET C 518 -39.20 -1.65 32.28
C MET C 518 -38.92 -1.85 33.76
N GLN C 519 -38.72 -0.76 34.50
CA GLN C 519 -38.52 -0.85 35.94
C GLN C 519 -39.77 -1.32 36.67
N GLU C 520 -40.95 -0.99 36.14
CA GLU C 520 -42.18 -1.40 36.80
C GLU C 520 -42.34 -2.91 36.75
N VAL C 521 -42.09 -3.52 35.59
CA VAL C 521 -42.40 -4.94 35.38
C VAL C 521 -41.20 -5.87 35.48
N TYR C 522 -39.99 -5.34 35.37
CA TYR C 522 -38.78 -6.15 35.57
C TYR C 522 -38.05 -5.84 36.86
N ASN C 523 -38.24 -4.65 37.42
CA ASN C 523 -37.60 -4.25 38.69
C ASN C 523 -36.10 -4.53 38.68
N PHE C 524 -35.45 -4.14 37.59
CA PHE C 524 -33.99 -4.26 37.53
C PHE C 524 -33.30 -3.46 38.64
N ASN C 525 -33.98 -2.42 39.14
CA ASN C 525 -33.45 -1.66 40.26
C ASN C 525 -33.03 -2.57 41.40
N ALA C 526 -33.76 -3.66 41.61
CA ALA C 526 -33.53 -4.56 42.75
C ALA C 526 -32.56 -5.69 42.44
N ILE C 527 -31.88 -5.65 41.30
CA ILE C 527 -30.89 -6.67 40.96
C ILE C 527 -29.49 -6.23 41.41
N ASN C 528 -28.78 -7.13 42.06
CA ASN C 528 -27.46 -6.83 42.62
C ASN C 528 -26.33 -7.37 41.78
N ASN C 529 -26.63 -8.11 40.73
CA ASN C 529 -25.61 -8.52 39.76
C ASN C 529 -24.97 -7.30 39.10
N SER C 530 -23.67 -7.11 39.32
CA SER C 530 -23.05 -5.86 38.93
C SER C 530 -23.07 -5.64 37.44
N GLU C 531 -22.87 -6.71 36.66
CA GLU C 531 -22.88 -6.57 35.21
C GLU C 531 -24.24 -6.11 34.72
N ILE C 532 -25.31 -6.70 35.23
CA ILE C 532 -26.65 -6.32 34.82
C ILE C 532 -27.00 -4.93 35.35
N ARG C 533 -26.84 -4.74 36.65
CA ARG C 533 -27.08 -3.44 37.26
C ARG C 533 -26.36 -2.33 36.51
N PHE C 534 -25.11 -2.60 36.10
CA PHE C 534 -24.30 -1.62 35.39
C PHE C 534 -24.99 -1.15 34.11
N ARG C 535 -25.38 -2.09 33.25
CA ARG C 535 -25.96 -1.73 31.96
C ARG C 535 -27.37 -1.17 32.11
N TRP C 536 -28.12 -1.67 33.09
CA TRP C 536 -29.42 -1.09 33.41
C TRP C 536 -29.29 0.38 33.75
N LEU C 537 -28.37 0.72 34.65
CA LEU C 537 -28.18 2.10 35.06
C LEU C 537 -27.67 2.98 33.91
N ARG C 538 -26.83 2.43 33.04
CA ARG C 538 -26.43 3.18 31.84
C ARG C 538 -27.66 3.49 30.98
N LEU C 539 -28.42 2.46 30.62
CA LEU C 539 -29.63 2.67 29.82
C LEU C 539 -30.47 3.76 30.45
N CYS C 540 -30.71 3.67 31.75
CA CYS C 540 -31.47 4.70 32.46
C CYS C 540 -30.88 6.09 32.19
N ILE C 541 -29.62 6.29 32.58
CA ILE C 541 -29.00 7.60 32.51
C ILE C 541 -29.00 8.11 31.07
N GLN C 542 -28.59 7.28 30.13
CA GLN C 542 -28.57 7.68 28.72
C GLN C 542 -29.96 8.01 28.21
N SER C 543 -31.00 7.48 28.86
CA SER C 543 -32.39 7.77 28.51
C SER C 543 -33.01 8.86 29.37
N LYS C 544 -32.17 9.53 30.18
CA LYS C 544 -32.54 10.78 30.85
C LYS C 544 -33.55 10.58 31.98
N TRP C 545 -33.47 9.44 32.67
CA TRP C 545 -34.31 9.22 33.83
C TRP C 545 -33.56 9.71 35.06
N GLU C 546 -34.03 10.80 35.66
CA GLU C 546 -33.34 11.42 36.78
C GLU C 546 -33.35 10.54 38.03
N ASP C 547 -34.42 9.74 38.21
CA ASP C 547 -34.45 8.81 39.34
C ASP C 547 -33.18 7.96 39.40
N ALA C 548 -32.62 7.62 38.24
CA ALA C 548 -31.43 6.78 38.19
C ALA C 548 -30.22 7.54 38.74
N ILE C 549 -30.17 8.86 38.57
CA ILE C 549 -28.97 9.59 38.96
C ILE C 549 -28.37 9.19 40.31
N PRO C 550 -29.14 9.16 41.40
CA PRO C 550 -28.55 8.73 42.68
C PRO C 550 -28.00 7.31 42.61
N LEU C 551 -28.76 6.39 42.03
CA LEU C 551 -28.31 5.00 41.91
C LEU C 551 -27.02 4.90 41.10
N ALA C 552 -26.97 5.57 39.96
CA ALA C 552 -25.75 5.58 39.17
C ALA C 552 -24.57 6.15 39.97
N LEU C 553 -24.81 7.25 40.67
CA LEU C 553 -23.76 7.82 41.49
C LEU C 553 -23.29 6.84 42.53
N LYS C 554 -24.25 6.18 43.19
CA LYS C 554 -23.90 5.26 44.27
C LYS C 554 -22.98 4.16 43.77
N MET C 555 -23.37 3.49 42.69
CA MET C 555 -22.56 2.40 42.13
C MET C 555 -21.23 2.87 41.57
N ALA C 556 -21.19 4.08 41.03
CA ALA C 556 -19.94 4.60 40.47
C ALA C 556 -18.87 4.88 41.52
N THR C 557 -19.29 5.08 42.78
CA THR C 557 -18.37 5.45 43.85
C THR C 557 -18.19 4.38 44.93
N GLU C 558 -19.14 3.47 45.06
CA GLU C 558 -19.05 2.42 46.08
C GLU C 558 -18.31 1.17 45.62
N GLN C 559 -17.93 1.13 44.35
CA GLN C 559 -16.90 0.21 43.84
C GLN C 559 -16.01 0.97 42.86
N GLY C 560 -14.86 0.41 42.55
CA GLY C 560 -13.87 1.11 41.74
C GLY C 560 -13.42 0.42 40.48
N ARG C 561 -14.14 -0.61 40.07
CA ARG C 561 -13.83 -1.32 38.84
C ARG C 561 -14.06 -0.39 37.66
N MET C 562 -13.00 -0.07 36.92
CA MET C 562 -13.09 0.93 35.87
C MET C 562 -14.06 0.53 34.77
N LYS C 563 -14.24 -0.76 34.53
CA LYS C 563 -15.21 -1.21 33.54
C LYS C 563 -16.61 -0.63 33.82
N PHE C 564 -16.91 -0.38 35.09
CA PHE C 564 -18.19 0.18 35.51
C PHE C 564 -18.11 1.66 35.82
N THR C 565 -17.10 2.05 36.60
CA THR C 565 -16.99 3.43 37.06
C THR C 565 -16.87 4.41 35.90
N ARG C 566 -15.87 4.18 35.03
CA ARG C 566 -15.59 5.14 33.95
C ARG C 566 -16.79 5.42 33.07
N PRO C 567 -17.43 4.41 32.45
CA PRO C 567 -18.63 4.70 31.64
C PRO C 567 -19.77 5.31 32.45
N LEU C 568 -20.04 4.81 33.66
CA LEU C 568 -21.04 5.44 34.50
C LEU C 568 -20.76 6.93 34.70
N PHE C 569 -19.56 7.26 35.14
CA PHE C 569 -19.18 8.67 35.27
C PHE C 569 -19.35 9.42 33.95
N LYS C 570 -18.82 8.88 32.85
CA LYS C 570 -18.95 9.53 31.54
C LYS C 570 -20.41 9.75 31.20
N ASP C 571 -21.23 8.72 31.38
CA ASP C 571 -22.66 8.86 31.15
C ASP C 571 -23.23 9.95 32.03
N LEU C 572 -22.96 9.88 33.33
CA LEU C 572 -23.45 10.87 34.28
C LEU C 572 -23.06 12.29 33.90
N ALA C 573 -21.87 12.44 33.31
CA ALA C 573 -21.44 13.76 32.81
C ALA C 573 -22.23 14.18 31.59
N ALA C 574 -22.48 13.25 30.67
CA ALA C 574 -23.27 13.54 29.47
C ALA C 574 -24.72 13.89 29.78
N PHE C 575 -25.20 13.60 30.99
CA PHE C 575 -26.54 13.98 31.40
C PHE C 575 -26.48 15.36 32.05
N ASP C 576 -27.15 16.33 31.44
CA ASP C 576 -27.09 17.71 31.92
C ASP C 576 -27.68 17.85 33.35
N LYS C 577 -28.68 17.04 33.67
CA LYS C 577 -29.27 17.09 35.00
C LYS C 577 -28.31 16.55 36.06
N SER C 578 -27.30 15.78 35.66
CA SER C 578 -26.38 15.15 36.59
C SER C 578 -24.91 15.52 36.40
N HIS C 579 -24.59 16.32 35.38
CA HIS C 579 -23.20 16.61 35.06
C HIS C 579 -22.47 17.26 36.23
N ASP C 580 -23.13 18.18 36.92
CA ASP C 580 -22.50 18.85 38.04
C ASP C 580 -22.27 17.89 39.20
N GLN C 581 -23.29 17.13 39.57
CA GLN C 581 -23.16 16.16 40.66
C GLN C 581 -22.02 15.18 40.40
N ALA C 582 -21.87 14.75 39.15
CA ALA C 582 -20.76 13.88 38.78
C ALA C 582 -19.43 14.53 39.14
N VAL C 583 -19.08 15.62 38.43
CA VAL C 583 -17.85 16.33 38.64
C VAL C 583 -17.59 16.52 40.12
N ARG C 584 -18.62 16.89 40.87
CA ARG C 584 -18.44 17.21 42.29
C ARG C 584 -18.12 15.96 43.09
N THR C 585 -18.82 14.86 42.82
CA THR C 585 -18.58 13.64 43.58
C THR C 585 -17.19 13.05 43.27
N TYR C 586 -16.78 13.11 42.00
CA TYR C 586 -15.43 12.70 41.66
C TYR C 586 -14.39 13.59 42.36
N GLN C 587 -14.60 14.90 42.32
CA GLN C 587 -13.68 15.82 42.99
C GLN C 587 -13.61 15.54 44.49
N GLU C 588 -14.71 15.06 45.07
CA GLU C 588 -14.73 14.78 46.51
C GLU C 588 -14.09 13.43 46.82
N HIS C 589 -14.37 12.42 46.01
CA HIS C 589 -13.79 11.10 46.24
C HIS C 589 -12.39 10.95 45.68
N LYS C 590 -11.99 11.83 44.75
CA LYS C 590 -10.75 11.67 43.99
C LYS C 590 -9.53 11.32 44.86
N ALA C 591 -9.36 12.01 45.97
CA ALA C 591 -8.19 11.82 46.79
C ALA C 591 -8.17 10.49 47.54
N SER C 592 -9.28 9.75 47.53
CA SER C 592 -9.35 8.45 48.21
C SER C 592 -9.58 7.29 47.22
N MET C 593 -9.50 7.56 45.93
CA MET C 593 -9.68 6.52 44.92
C MET C 593 -8.34 5.84 44.63
N HIS C 594 -8.40 4.77 43.86
CA HIS C 594 -7.18 4.18 43.33
C HIS C 594 -6.49 5.21 42.43
N PRO C 595 -5.17 5.38 42.53
CA PRO C 595 -4.51 6.43 41.72
C PRO C 595 -4.71 6.30 40.21
N VAL C 596 -4.64 5.09 39.69
CA VAL C 596 -4.80 4.88 38.25
C VAL C 596 -6.24 5.17 37.82
N THR C 597 -7.23 4.78 38.63
CA THR C 597 -8.62 5.10 38.31
C THR C 597 -8.86 6.60 38.43
N ALA C 598 -8.35 7.21 39.50
CA ALA C 598 -8.48 8.65 39.68
C ALA C 598 -7.99 9.41 38.45
N MET C 599 -6.80 9.07 37.98
CA MET C 599 -6.27 9.71 36.78
C MET C 599 -7.24 9.55 35.62
N LEU C 600 -7.65 8.30 35.36
CA LEU C 600 -8.43 8.02 34.15
C LEU C 600 -9.80 8.68 34.18
N VAL C 601 -10.49 8.61 35.32
CA VAL C 601 -11.78 9.26 35.44
C VAL C 601 -11.62 10.75 35.17
N GLY C 602 -10.64 11.38 35.83
CA GLY C 602 -10.35 12.80 35.61
C GLY C 602 -10.22 13.15 34.14
N LYS C 603 -9.38 12.42 33.42
CA LYS C 603 -9.29 12.58 31.98
C LYS C 603 -10.68 12.47 31.37
N ASP C 604 -11.38 11.38 31.66
CA ASP C 604 -12.71 11.15 31.09
C ASP C 604 -13.64 12.35 31.27
N LEU C 605 -13.62 12.92 32.47
CA LEU C 605 -14.45 14.09 32.77
C LEU C 605 -13.85 15.39 32.28
N LYS C 606 -12.59 15.36 31.85
CA LYS C 606 -11.88 16.56 31.36
C LYS C 606 -11.68 17.57 32.48
N VAL C 607 -11.34 17.07 33.67
CA VAL C 607 -11.13 17.90 34.84
C VAL C 607 -9.68 17.71 35.29
N ASP C 608 -9.03 18.82 35.62
CA ASP C 608 -7.63 18.79 36.06
C ASP C 608 -6.72 18.26 34.97
#